data_5WUE
# 
_entry.id   5WUE 
# 
_audit_conform.dict_name       mmcif_pdbx.dic 
_audit_conform.dict_version    5.380 
_audit_conform.dict_location   http://mmcif.pdb.org/dictionaries/ascii/mmcif_pdbx.dic 
# 
loop_
_database_2.database_id 
_database_2.database_code 
_database_2.pdbx_database_accession 
_database_2.pdbx_DOI 
PDB   5WUE         pdb_00005wue 10.2210/pdb5wue/pdb 
WWPDB D_1300002394 ?            ?                   
# 
loop_
_pdbx_database_related.content_type 
_pdbx_database_related.db_id 
_pdbx_database_related.db_name 
_pdbx_database_related.details 
unspecified 5WUC            PDB         . 
unspecified 5WUD            PDB         . 
unspecified 5WUF            PDB         . 
unspecified NYCOMPS-GO.1863 TargetTrack . 
# 
_pdbx_database_status.status_code                     REL 
_pdbx_database_status.status_code_sf                  REL 
_pdbx_database_status.status_code_mr                  ? 
_pdbx_database_status.entry_id                        5WUE 
_pdbx_database_status.recvd_initial_deposition_date   2016-12-17 
_pdbx_database_status.SG_entry                        Y 
_pdbx_database_status.deposit_site                    PDBJ 
_pdbx_database_status.process_site                    PDBJ 
_pdbx_database_status.status_code_cs                  ? 
_pdbx_database_status.methods_development_category    ? 
_pdbx_database_status.pdb_format_compatible           Y 
_pdbx_database_status.status_code_nmr_data            ? 
# 
loop_
_audit_author.name 
_audit_author.pdbx_ordinal 
'Su, M.'                                                      1  
'Gao, F.'                                                     2  
'Mao, Y.'                                                     3  
'Li, D.L.'                                                    4  
'Guo, Y.Z.'                                                   5  
'Wang, X.H.'                                                  6  
'Bruni, R.'                                                   7  
'Kloss, B.'                                                   8  
'Hendrickson, W.A.'                                           9  
'Chen, Y.H.'                                                  10 
'New York Consortium on Membrane Protein Structure (NYCOMPS)' 11 
# 
_citation.abstract                  ? 
_citation.abstract_id_CAS           ? 
_citation.book_id_ISBN              ? 
_citation.book_publisher            ? 
_citation.book_publisher_city       ? 
_citation.book_title                ? 
_citation.coordinate_linkage        ? 
_citation.country                   UK 
_citation.database_id_Medline       ? 
_citation.details                   ? 
_citation.id                        primary 
_citation.journal_abbrev            'Nat Commun' 
_citation.journal_id_ASTM           ? 
_citation.journal_id_CSD            ? 
_citation.journal_id_ISSN           2041-1723 
_citation.journal_full              ? 
_citation.journal_issue             ? 
_citation.journal_volume            8 
_citation.language                  ? 
_citation.page_first                15103 
_citation.page_last                 15103 
_citation.title                     'Structural basis for conductance through TRIC cation channels.' 
_citation.year                      2017 
_citation.database_id_CSD           ? 
_citation.pdbx_database_id_DOI      10.1038/ncomms15103 
_citation.pdbx_database_id_PubMed   28524849 
_citation.unpublished_flag          ? 
# 
loop_
_citation_author.citation_id 
_citation_author.name 
_citation_author.ordinal 
_citation_author.identifier_ORCID 
primary 'Su, M.'            1  ? 
primary 'Gao, F.'           2  ? 
primary 'Yuan, Q.'          3  ? 
primary 'Mao, Y.'           4  ? 
primary 'Li, D.L.'          5  ? 
primary 'Guo, Y.'           6  ? 
primary 'Yang, C.'          7  ? 
primary 'Wang, X.H.'        8  ? 
primary 'Bruni, R.'         9  ? 
primary 'Kloss, B.'         10 ? 
primary 'Zhao, H.'          11 ? 
primary 'Zeng, Y.'          12 ? 
primary 'Zhang, F.B.'       13 ? 
primary 'Marks, A.R.'       14 ? 
primary 'Hendrickson, W.A.' 15 ? 
primary 'Chen, Y.H.'        16 ? 
# 
_cell.angle_alpha                  90.000 
_cell.angle_alpha_esd              ? 
_cell.angle_beta                   90.000 
_cell.angle_beta_esd               ? 
_cell.angle_gamma                  120.000 
_cell.angle_gamma_esd              ? 
_cell.entry_id                     5WUE 
_cell.details                      ? 
_cell.formula_units_Z              ? 
_cell.length_a                     115.872 
_cell.length_a_esd                 ? 
_cell.length_b                     115.872 
_cell.length_b_esd                 ? 
_cell.length_c                     134.753 
_cell.length_c_esd                 ? 
_cell.volume                       ? 
_cell.volume_esd                   ? 
_cell.Z_PDB                        18 
_cell.reciprocal_angle_alpha       ? 
_cell.reciprocal_angle_beta        ? 
_cell.reciprocal_angle_gamma       ? 
_cell.reciprocal_angle_alpha_esd   ? 
_cell.reciprocal_angle_beta_esd    ? 
_cell.reciprocal_angle_gamma_esd   ? 
_cell.reciprocal_length_a          ? 
_cell.reciprocal_length_b          ? 
_cell.reciprocal_length_c          ? 
_cell.reciprocal_length_a_esd      ? 
_cell.reciprocal_length_b_esd      ? 
_cell.reciprocal_length_c_esd      ? 
_cell.pdbx_unique_axis             ? 
# 
_symmetry.entry_id                         5WUE 
_symmetry.cell_setting                     ? 
_symmetry.Int_Tables_number                155 
_symmetry.space_group_name_Hall            ? 
_symmetry.space_group_name_H-M             'H 3 2' 
_symmetry.pdbx_full_space_group_name_H-M   ? 
# 
loop_
_entity.id 
_entity.type 
_entity.src_method 
_entity.pdbx_description 
_entity.formula_weight 
_entity.pdbx_number_of_molecules 
_entity.pdbx_ec 
_entity.pdbx_mutation 
_entity.pdbx_fragment 
_entity.details 
1 polymer     man 'Uncharacterized protein' 25716.924 1 ? ? ? ? 
2 non-polymer syn 'SULFATE ION'             96.063    1 ? ? ? ? 
3 water       nat water                     18.015    8 ? ? ? ? 
# 
_entity_name_com.entity_id   1 
_entity_name_com.name        'prokaryotic SaTRIC' 
# 
_entity_poly.entity_id                      1 
_entity_poly.type                           'polypeptide(L)' 
_entity_poly.nstd_linkage                   no 
_entity_poly.nstd_monomer                   no 
_entity_poly.pdbx_seq_one_letter_code       
;MIVSSSIVFDIFNYIGIVAFAISGAIKAVKKGMDLLGVLVLGFSTALGGGIISNLLLGKTPPTNLIYYPYPITAFLASLA
TFVFYRIFTNVGKPLLYADAIGLGAFASSGASLAYSVSNNVILVVIVGAITAVGGGVIRDILSNEVPLILTREFYATTAV
IGSFVYFIASDLSVPEDVALIVSFLITLILRILAMELKWELPRKKIEAAAENLYFQGLEDYKDDDDKHHHHHHHHHH
;
_entity_poly.pdbx_seq_one_letter_code_can   
;MIVSSSIVFDIFNYIGIVAFAISGAIKAVKKGMDLLGVLVLGFSTALGGGIISNLLLGKTPPTNLIYYPYPITAFLASLA
TFVFYRIFTNVGKPLLYADAIGLGAFASSGASLAYSVSNNVILVVIVGAITAVGGGVIRDILSNEVPLILTREFYATTAV
IGSFVYFIASDLSVPEDVALIVSFLITLILRILAMELKWELPRKKIEAAAENLYFQGLEDYKDDDDKHHHHHHHHHH
;
_entity_poly.pdbx_strand_id                 A 
_entity_poly.pdbx_target_identifier         NYCOMPS-GO.1863 
# 
loop_
_entity_poly_seq.entity_id 
_entity_poly_seq.num 
_entity_poly_seq.mon_id 
_entity_poly_seq.hetero 
1 1   MET n 
1 2   ILE n 
1 3   VAL n 
1 4   SER n 
1 5   SER n 
1 6   SER n 
1 7   ILE n 
1 8   VAL n 
1 9   PHE n 
1 10  ASP n 
1 11  ILE n 
1 12  PHE n 
1 13  ASN n 
1 14  TYR n 
1 15  ILE n 
1 16  GLY n 
1 17  ILE n 
1 18  VAL n 
1 19  ALA n 
1 20  PHE n 
1 21  ALA n 
1 22  ILE n 
1 23  SER n 
1 24  GLY n 
1 25  ALA n 
1 26  ILE n 
1 27  LYS n 
1 28  ALA n 
1 29  VAL n 
1 30  LYS n 
1 31  LYS n 
1 32  GLY n 
1 33  MET n 
1 34  ASP n 
1 35  LEU n 
1 36  LEU n 
1 37  GLY n 
1 38  VAL n 
1 39  LEU n 
1 40  VAL n 
1 41  LEU n 
1 42  GLY n 
1 43  PHE n 
1 44  SER n 
1 45  THR n 
1 46  ALA n 
1 47  LEU n 
1 48  GLY n 
1 49  GLY n 
1 50  GLY n 
1 51  ILE n 
1 52  ILE n 
1 53  SER n 
1 54  ASN n 
1 55  LEU n 
1 56  LEU n 
1 57  LEU n 
1 58  GLY n 
1 59  LYS n 
1 60  THR n 
1 61  PRO n 
1 62  PRO n 
1 63  THR n 
1 64  ASN n 
1 65  LEU n 
1 66  ILE n 
1 67  TYR n 
1 68  TYR n 
1 69  PRO n 
1 70  TYR n 
1 71  PRO n 
1 72  ILE n 
1 73  THR n 
1 74  ALA n 
1 75  PHE n 
1 76  LEU n 
1 77  ALA n 
1 78  SER n 
1 79  LEU n 
1 80  ALA n 
1 81  THR n 
1 82  PHE n 
1 83  VAL n 
1 84  PHE n 
1 85  TYR n 
1 86  ARG n 
1 87  ILE n 
1 88  PHE n 
1 89  THR n 
1 90  ASN n 
1 91  VAL n 
1 92  GLY n 
1 93  LYS n 
1 94  PRO n 
1 95  LEU n 
1 96  LEU n 
1 97  TYR n 
1 98  ALA n 
1 99  ASP n 
1 100 ALA n 
1 101 ILE n 
1 102 GLY n 
1 103 LEU n 
1 104 GLY n 
1 105 ALA n 
1 106 PHE n 
1 107 ALA n 
1 108 SER n 
1 109 SER n 
1 110 GLY n 
1 111 ALA n 
1 112 SER n 
1 113 LEU n 
1 114 ALA n 
1 115 TYR n 
1 116 SER n 
1 117 VAL n 
1 118 SER n 
1 119 ASN n 
1 120 ASN n 
1 121 VAL n 
1 122 ILE n 
1 123 LEU n 
1 124 VAL n 
1 125 VAL n 
1 126 ILE n 
1 127 VAL n 
1 128 GLY n 
1 129 ALA n 
1 130 ILE n 
1 131 THR n 
1 132 ALA n 
1 133 VAL n 
1 134 GLY n 
1 135 GLY n 
1 136 GLY n 
1 137 VAL n 
1 138 ILE n 
1 139 ARG n 
1 140 ASP n 
1 141 ILE n 
1 142 LEU n 
1 143 SER n 
1 144 ASN n 
1 145 GLU n 
1 146 VAL n 
1 147 PRO n 
1 148 LEU n 
1 149 ILE n 
1 150 LEU n 
1 151 THR n 
1 152 ARG n 
1 153 GLU n 
1 154 PHE n 
1 155 TYR n 
1 156 ALA n 
1 157 THR n 
1 158 THR n 
1 159 ALA n 
1 160 VAL n 
1 161 ILE n 
1 162 GLY n 
1 163 SER n 
1 164 PHE n 
1 165 VAL n 
1 166 TYR n 
1 167 PHE n 
1 168 ILE n 
1 169 ALA n 
1 170 SER n 
1 171 ASP n 
1 172 LEU n 
1 173 SER n 
1 174 VAL n 
1 175 PRO n 
1 176 GLU n 
1 177 ASP n 
1 178 VAL n 
1 179 ALA n 
1 180 LEU n 
1 181 ILE n 
1 182 VAL n 
1 183 SER n 
1 184 PHE n 
1 185 LEU n 
1 186 ILE n 
1 187 THR n 
1 188 LEU n 
1 189 ILE n 
1 190 LEU n 
1 191 ARG n 
1 192 ILE n 
1 193 LEU n 
1 194 ALA n 
1 195 MET n 
1 196 GLU n 
1 197 LEU n 
1 198 LYS n 
1 199 TRP n 
1 200 GLU n 
1 201 LEU n 
1 202 PRO n 
1 203 ARG n 
1 204 LYS n 
1 205 LYS n 
1 206 ILE n 
1 207 GLU n 
1 208 ALA n 
1 209 ALA n 
1 210 ALA n 
1 211 GLU n 
1 212 ASN n 
1 213 LEU n 
1 214 TYR n 
1 215 PHE n 
1 216 GLN n 
1 217 GLY n 
1 218 LEU n 
1 219 GLU n 
1 220 ASP n 
1 221 TYR n 
1 222 LYS n 
1 223 ASP n 
1 224 ASP n 
1 225 ASP n 
1 226 ASP n 
1 227 LYS n 
1 228 HIS n 
1 229 HIS n 
1 230 HIS n 
1 231 HIS n 
1 232 HIS n 
1 233 HIS n 
1 234 HIS n 
1 235 HIS n 
1 236 HIS n 
1 237 HIS n 
# 
_entity_src_gen.entity_id                          1 
_entity_src_gen.pdbx_src_id                        1 
_entity_src_gen.pdbx_alt_source_flag               sample 
_entity_src_gen.pdbx_seq_type                      'Biological sequence' 
_entity_src_gen.pdbx_beg_seq_num                   1 
_entity_src_gen.pdbx_end_seq_num                   237 
_entity_src_gen.gene_src_common_name               ? 
_entity_src_gen.gene_src_genus                     ? 
_entity_src_gen.pdbx_gene_src_gene                 'ATY89_00310, ATZ20_03355' 
_entity_src_gen.gene_src_species                   ? 
_entity_src_gen.gene_src_strain                    ? 
_entity_src_gen.gene_src_tissue                    ? 
_entity_src_gen.gene_src_tissue_fraction           ? 
_entity_src_gen.gene_src_details                   ? 
_entity_src_gen.pdbx_gene_src_fragment             ? 
_entity_src_gen.pdbx_gene_src_scientific_name      'Sulfolobus acidocaldarius' 
_entity_src_gen.pdbx_gene_src_ncbi_taxonomy_id     2285 
_entity_src_gen.pdbx_gene_src_variant              ? 
_entity_src_gen.pdbx_gene_src_cell_line            ? 
_entity_src_gen.pdbx_gene_src_atcc                 ? 
_entity_src_gen.pdbx_gene_src_organ                ? 
_entity_src_gen.pdbx_gene_src_organelle            ? 
_entity_src_gen.pdbx_gene_src_cell                 ? 
_entity_src_gen.pdbx_gene_src_cellular_location    ? 
_entity_src_gen.host_org_common_name               ? 
_entity_src_gen.pdbx_host_org_scientific_name      'Escherichia coli' 
_entity_src_gen.pdbx_host_org_ncbi_taxonomy_id     866768 
_entity_src_gen.host_org_genus                     ? 
_entity_src_gen.pdbx_host_org_gene                 ? 
_entity_src_gen.pdbx_host_org_organ                ? 
_entity_src_gen.host_org_species                   ? 
_entity_src_gen.pdbx_host_org_tissue               ? 
_entity_src_gen.pdbx_host_org_tissue_fraction      ? 
_entity_src_gen.pdbx_host_org_strain               
;'BL21-Gold(DE3)pLysS AG'
;
_entity_src_gen.pdbx_host_org_variant              ? 
_entity_src_gen.pdbx_host_org_cell_line            ? 
_entity_src_gen.pdbx_host_org_atcc                 ? 
_entity_src_gen.pdbx_host_org_culture_collection   ? 
_entity_src_gen.pdbx_host_org_cell                 ? 
_entity_src_gen.pdbx_host_org_organelle            ? 
_entity_src_gen.pdbx_host_org_cellular_location    ? 
_entity_src_gen.pdbx_host_org_vector_type          ? 
_entity_src_gen.pdbx_host_org_vector               ? 
_entity_src_gen.host_org_details                   ? 
_entity_src_gen.expression_system_id               ? 
_entity_src_gen.plasmid_name                       ? 
_entity_src_gen.plasmid_details                    ? 
_entity_src_gen.pdbx_description                   ? 
# 
_struct_ref.id                         1 
_struct_ref.db_name                    UNP 
_struct_ref.db_code                    A0A0U3H1E6_9CREN 
_struct_ref.pdbx_db_accession          A0A0U3H1E6 
_struct_ref.pdbx_db_isoform            ? 
_struct_ref.entity_id                  1 
_struct_ref.pdbx_seq_one_letter_code   
;MIVSSSIVFDIFNYIGIVAFAISGAIKAVKKGMDLLGVLVLGFSTALGGGIISNLLLGKTPPTNLIYYPYPITAFLASLA
TFVFYRIFTNVGKPLLYADAIGLGAFASSGASLAYSVSNNVILVVIVGAITAVGGGVIRDILSNEVPLILTREFYATTAV
IGSFVYFIASDLSVPEDVALIVSFLITLILRILAMELKWELPRKKIE
;
_struct_ref.pdbx_align_begin           1 
# 
_struct_ref_seq.align_id                      1 
_struct_ref_seq.ref_id                        1 
_struct_ref_seq.pdbx_PDB_id_code              5WUE 
_struct_ref_seq.pdbx_strand_id                A 
_struct_ref_seq.seq_align_beg                 1 
_struct_ref_seq.pdbx_seq_align_beg_ins_code   ? 
_struct_ref_seq.seq_align_end                 207 
_struct_ref_seq.pdbx_seq_align_end_ins_code   ? 
_struct_ref_seq.pdbx_db_accession             A0A0U3H1E6 
_struct_ref_seq.db_align_beg                  1 
_struct_ref_seq.pdbx_db_align_beg_ins_code    ? 
_struct_ref_seq.db_align_end                  207 
_struct_ref_seq.pdbx_db_align_end_ins_code    ? 
_struct_ref_seq.pdbx_auth_seq_align_beg       1 
_struct_ref_seq.pdbx_auth_seq_align_end       207 
# 
loop_
_struct_ref_seq_dif.align_id 
_struct_ref_seq_dif.pdbx_pdb_id_code 
_struct_ref_seq_dif.mon_id 
_struct_ref_seq_dif.pdbx_pdb_strand_id 
_struct_ref_seq_dif.seq_num 
_struct_ref_seq_dif.pdbx_pdb_ins_code 
_struct_ref_seq_dif.pdbx_seq_db_name 
_struct_ref_seq_dif.pdbx_seq_db_accession_code 
_struct_ref_seq_dif.db_mon_id 
_struct_ref_seq_dif.pdbx_seq_db_seq_num 
_struct_ref_seq_dif.details 
_struct_ref_seq_dif.pdbx_auth_seq_num 
_struct_ref_seq_dif.pdbx_ordinal 
1 5WUE ALA A 208 ? UNP A0A0U3H1E6 ? ? 'expression tag' 208 1  
1 5WUE ALA A 209 ? UNP A0A0U3H1E6 ? ? 'expression tag' 209 2  
1 5WUE ALA A 210 ? UNP A0A0U3H1E6 ? ? 'expression tag' 210 3  
1 5WUE GLU A 211 ? UNP A0A0U3H1E6 ? ? 'expression tag' 211 4  
1 5WUE ASN A 212 ? UNP A0A0U3H1E6 ? ? 'expression tag' 212 5  
1 5WUE LEU A 213 ? UNP A0A0U3H1E6 ? ? 'expression tag' 213 6  
1 5WUE TYR A 214 ? UNP A0A0U3H1E6 ? ? 'expression tag' 214 7  
1 5WUE PHE A 215 ? UNP A0A0U3H1E6 ? ? 'expression tag' 215 8  
1 5WUE GLN A 216 ? UNP A0A0U3H1E6 ? ? 'expression tag' 216 9  
1 5WUE GLY A 217 ? UNP A0A0U3H1E6 ? ? 'expression tag' 217 10 
1 5WUE LEU A 218 ? UNP A0A0U3H1E6 ? ? 'expression tag' 218 11 
1 5WUE GLU A 219 ? UNP A0A0U3H1E6 ? ? 'expression tag' 219 12 
1 5WUE ASP A 220 ? UNP A0A0U3H1E6 ? ? 'expression tag' 220 13 
1 5WUE TYR A 221 ? UNP A0A0U3H1E6 ? ? 'expression tag' 221 14 
1 5WUE LYS A 222 ? UNP A0A0U3H1E6 ? ? 'expression tag' 222 15 
1 5WUE ASP A 223 ? UNP A0A0U3H1E6 ? ? 'expression tag' 223 16 
1 5WUE ASP A 224 ? UNP A0A0U3H1E6 ? ? 'expression tag' 224 17 
1 5WUE ASP A 225 ? UNP A0A0U3H1E6 ? ? 'expression tag' 225 18 
1 5WUE ASP A 226 ? UNP A0A0U3H1E6 ? ? 'expression tag' 226 19 
1 5WUE LYS A 227 ? UNP A0A0U3H1E6 ? ? 'expression tag' 227 20 
1 5WUE HIS A 228 ? UNP A0A0U3H1E6 ? ? 'expression tag' 228 21 
1 5WUE HIS A 229 ? UNP A0A0U3H1E6 ? ? 'expression tag' 229 22 
1 5WUE HIS A 230 ? UNP A0A0U3H1E6 ? ? 'expression tag' 230 23 
1 5WUE HIS A 231 ? UNP A0A0U3H1E6 ? ? 'expression tag' 231 24 
1 5WUE HIS A 232 ? UNP A0A0U3H1E6 ? ? 'expression tag' 232 25 
1 5WUE HIS A 233 ? UNP A0A0U3H1E6 ? ? 'expression tag' 233 26 
1 5WUE HIS A 234 ? UNP A0A0U3H1E6 ? ? 'expression tag' 234 27 
1 5WUE HIS A 235 ? UNP A0A0U3H1E6 ? ? 'expression tag' 235 28 
1 5WUE HIS A 236 ? UNP A0A0U3H1E6 ? ? 'expression tag' 236 29 
1 5WUE HIS A 237 ? UNP A0A0U3H1E6 ? ? 'expression tag' 237 30 
# 
loop_
_chem_comp.id 
_chem_comp.type 
_chem_comp.mon_nstd_flag 
_chem_comp.name 
_chem_comp.pdbx_synonyms 
_chem_comp.formula 
_chem_comp.formula_weight 
ALA 'L-peptide linking' y ALANINE         ? 'C3 H7 N O2'     89.093  
ARG 'L-peptide linking' y ARGININE        ? 'C6 H15 N4 O2 1' 175.209 
ASN 'L-peptide linking' y ASPARAGINE      ? 'C4 H8 N2 O3'    132.118 
ASP 'L-peptide linking' y 'ASPARTIC ACID' ? 'C4 H7 N O4'     133.103 
GLN 'L-peptide linking' y GLUTAMINE       ? 'C5 H10 N2 O3'   146.144 
GLU 'L-peptide linking' y 'GLUTAMIC ACID' ? 'C5 H9 N O4'     147.129 
GLY 'peptide linking'   y GLYCINE         ? 'C2 H5 N O2'     75.067  
HIS 'L-peptide linking' y HISTIDINE       ? 'C6 H10 N3 O2 1' 156.162 
HOH non-polymer         . WATER           ? 'H2 O'           18.015  
ILE 'L-peptide linking' y ISOLEUCINE      ? 'C6 H13 N O2'    131.173 
LEU 'L-peptide linking' y LEUCINE         ? 'C6 H13 N O2'    131.173 
LYS 'L-peptide linking' y LYSINE          ? 'C6 H15 N2 O2 1' 147.195 
MET 'L-peptide linking' y METHIONINE      ? 'C5 H11 N O2 S'  149.211 
PHE 'L-peptide linking' y PHENYLALANINE   ? 'C9 H11 N O2'    165.189 
PRO 'L-peptide linking' y PROLINE         ? 'C5 H9 N O2'     115.130 
SER 'L-peptide linking' y SERINE          ? 'C3 H7 N O3'     105.093 
SO4 non-polymer         . 'SULFATE ION'   ? 'O4 S -2'        96.063  
THR 'L-peptide linking' y THREONINE       ? 'C4 H9 N O3'     119.119 
TRP 'L-peptide linking' y TRYPTOPHAN      ? 'C11 H12 N2 O2'  204.225 
TYR 'L-peptide linking' y TYROSINE        ? 'C9 H11 N O3'    181.189 
VAL 'L-peptide linking' y VALINE          ? 'C5 H11 N O2'    117.146 
# 
_exptl.absorpt_coefficient_mu     ? 
_exptl.absorpt_correction_T_max   ? 
_exptl.absorpt_correction_T_min   ? 
_exptl.absorpt_correction_type    ? 
_exptl.absorpt_process_details    ? 
_exptl.entry_id                   5WUE 
_exptl.crystals_number            1 
_exptl.details                    ? 
_exptl.method                     'X-RAY DIFFRACTION' 
_exptl.method_details             ? 
# 
_exptl_crystal.colour                      ? 
_exptl_crystal.density_diffrn              ? 
_exptl_crystal.density_Matthews            3.38 
_exptl_crystal.density_method              ? 
_exptl_crystal.density_percent_sol         69.70 
_exptl_crystal.description                 ? 
_exptl_crystal.F_000                       ? 
_exptl_crystal.id                          1 
_exptl_crystal.preparation                 ? 
_exptl_crystal.size_max                    ? 
_exptl_crystal.size_mid                    ? 
_exptl_crystal.size_min                    ? 
_exptl_crystal.size_rad                    ? 
_exptl_crystal.colour_lustre               ? 
_exptl_crystal.colour_modifier             ? 
_exptl_crystal.colour_primary              ? 
_exptl_crystal.density_meas                ? 
_exptl_crystal.density_meas_esd            ? 
_exptl_crystal.density_meas_gt             ? 
_exptl_crystal.density_meas_lt             ? 
_exptl_crystal.density_meas_temp           ? 
_exptl_crystal.density_meas_temp_esd       ? 
_exptl_crystal.density_meas_temp_gt        ? 
_exptl_crystal.density_meas_temp_lt        ? 
_exptl_crystal.pdbx_crystal_image_url      ? 
_exptl_crystal.pdbx_crystal_image_format   ? 
_exptl_crystal.pdbx_mosaicity              ? 
_exptl_crystal.pdbx_mosaicity_esd          ? 
# 
_exptl_crystal_grow.apparatus       ? 
_exptl_crystal_grow.atmosphere      ? 
_exptl_crystal_grow.crystal_id      1 
_exptl_crystal_grow.details         ? 
_exptl_crystal_grow.method          'LIPIDIC CUBIC PHASE' 
_exptl_crystal_grow.method_ref      ? 
_exptl_crystal_grow.pH              7.0 
_exptl_crystal_grow.pressure        ? 
_exptl_crystal_grow.pressure_esd    ? 
_exptl_crystal_grow.seeding         ? 
_exptl_crystal_grow.seeding_ref     ? 
_exptl_crystal_grow.temp            291 
_exptl_crystal_grow.temp_details    ? 
_exptl_crystal_grow.temp_esd        ? 
_exptl_crystal_grow.time            ? 
_exptl_crystal_grow.pdbx_details    'PEG 200 40%, Li2SO4, 100mM, HEPES pH 7.0 100mM' 
_exptl_crystal_grow.pdbx_pH_range   ? 
# 
_diffrn.ambient_environment    ? 
_diffrn.ambient_temp           100 
_diffrn.ambient_temp_details   ? 
_diffrn.ambient_temp_esd       ? 
_diffrn.crystal_id             1 
_diffrn.crystal_support        ? 
_diffrn.crystal_treatment      ? 
_diffrn.details                ? 
_diffrn.id                     1 
_diffrn.ambient_pressure       ? 
_diffrn.ambient_pressure_esd   ? 
_diffrn.ambient_pressure_gt    ? 
_diffrn.ambient_pressure_lt    ? 
_diffrn.ambient_temp_gt        ? 
_diffrn.ambient_temp_lt        ? 
# 
_diffrn_detector.details                      ? 
_diffrn_detector.detector                     PIXEL 
_diffrn_detector.diffrn_id                    1 
_diffrn_detector.type                         'DECTRIS PILATUS3 S 6M' 
_diffrn_detector.area_resol_mean              ? 
_diffrn_detector.dtime                        ? 
_diffrn_detector.pdbx_frames_total            ? 
_diffrn_detector.pdbx_collection_time_total   ? 
_diffrn_detector.pdbx_collection_date         2015-04-18 
# 
_diffrn_radiation.collimation                      ? 
_diffrn_radiation.diffrn_id                        1 
_diffrn_radiation.filter_edge                      ? 
_diffrn_radiation.inhomogeneity                    ? 
_diffrn_radiation.monochromator                    ? 
_diffrn_radiation.polarisn_norm                    ? 
_diffrn_radiation.polarisn_ratio                   ? 
_diffrn_radiation.probe                            ? 
_diffrn_radiation.type                             ? 
_diffrn_radiation.xray_symbol                      ? 
_diffrn_radiation.wavelength_id                    1 
_diffrn_radiation.pdbx_monochromatic_or_laue_m_l   M 
_diffrn_radiation.pdbx_wavelength_list             ? 
_diffrn_radiation.pdbx_wavelength                  ? 
_diffrn_radiation.pdbx_diffrn_protocol             'SINGLE WAVELENGTH' 
_diffrn_radiation.pdbx_analyzer                    ? 
_diffrn_radiation.pdbx_scattering_type             x-ray 
# 
_diffrn_radiation_wavelength.id           1 
_diffrn_radiation_wavelength.wavelength   0.91532 
_diffrn_radiation_wavelength.wt           1.0 
# 
_diffrn_source.current                     ? 
_diffrn_source.details                     ? 
_diffrn_source.diffrn_id                   1 
_diffrn_source.power                       ? 
_diffrn_source.size                        ? 
_diffrn_source.source                      SYNCHROTRON 
_diffrn_source.target                      ? 
_diffrn_source.type                        'NFPSS BEAMLINE BL19U1' 
_diffrn_source.voltage                     ? 
_diffrn_source.take-off_angle              ? 
_diffrn_source.pdbx_wavelength_list        0.91532 
_diffrn_source.pdbx_wavelength             ? 
_diffrn_source.pdbx_synchrotron_beamline   BL19U1 
_diffrn_source.pdbx_synchrotron_site       NFPSS 
# 
_reflns.B_iso_Wilson_estimate            55.080 
_reflns.entry_id                         5WUE 
_reflns.data_reduction_details           ? 
_reflns.data_reduction_method            ? 
_reflns.d_resolution_high                2.400 
_reflns.d_resolution_low                 47.060 
_reflns.details                          ? 
_reflns.limit_h_max                      ? 
_reflns.limit_h_min                      ? 
_reflns.limit_k_max                      ? 
_reflns.limit_k_min                      ? 
_reflns.limit_l_max                      ? 
_reflns.limit_l_min                      ? 
_reflns.number_all                       ? 
_reflns.number_obs                       23120 
_reflns.observed_criterion               ? 
_reflns.observed_criterion_F_max         ? 
_reflns.observed_criterion_F_min         ? 
_reflns.observed_criterion_I_max         ? 
_reflns.observed_criterion_I_min         ? 
_reflns.observed_criterion_sigma_F       ? 
_reflns.observed_criterion_sigma_I       ? 
_reflns.percent_possible_obs             89.200 
_reflns.R_free_details                   ? 
_reflns.Rmerge_F_all                     ? 
_reflns.Rmerge_F_obs                     ? 
_reflns.Friedel_coverage                 ? 
_reflns.number_gt                        ? 
_reflns.threshold_expression             ? 
_reflns.pdbx_redundancy                  25.900 
_reflns.pdbx_Rmerge_I_obs                0.0201 
_reflns.pdbx_Rmerge_I_all                ? 
_reflns.pdbx_Rsym_value                  ? 
_reflns.pdbx_netI_over_av_sigmaI         ? 
_reflns.pdbx_netI_over_sigmaI            15.600 
_reflns.pdbx_res_netI_over_av_sigmaI_2   ? 
_reflns.pdbx_res_netI_over_sigmaI_2      ? 
_reflns.pdbx_chi_squared                 ? 
_reflns.pdbx_scaling_rejects             ? 
_reflns.pdbx_d_res_high_opt              ? 
_reflns.pdbx_d_res_low_opt               ? 
_reflns.pdbx_d_res_opt_method            ? 
_reflns.phase_calculation_details        ? 
_reflns.pdbx_Rrim_I_all                  ? 
_reflns.pdbx_Rpim_I_all                  ? 
_reflns.pdbx_d_opt                       ? 
_reflns.pdbx_number_measured_all         ? 
_reflns.pdbx_diffrn_id                   1 
_reflns.pdbx_ordinal                     1 
_reflns.pdbx_CC_half                     0.998 
_reflns.pdbx_R_split                     ? 
# 
loop_
_reflns_shell.d_res_high 
_reflns_shell.d_res_low 
_reflns_shell.meanI_over_sigI_all 
_reflns_shell.meanI_over_sigI_obs 
_reflns_shell.number_measured_all 
_reflns_shell.number_measured_obs 
_reflns_shell.number_possible 
_reflns_shell.number_unique_all 
_reflns_shell.number_unique_obs 
_reflns_shell.percent_possible_all 
_reflns_shell.percent_possible_obs 
_reflns_shell.Rmerge_F_all 
_reflns_shell.Rmerge_F_obs 
_reflns_shell.Rmerge_I_all 
_reflns_shell.Rmerge_I_obs 
_reflns_shell.meanI_over_sigI_gt 
_reflns_shell.meanI_over_uI_all 
_reflns_shell.meanI_over_uI_gt 
_reflns_shell.number_measured_gt 
_reflns_shell.number_unique_gt 
_reflns_shell.percent_possible_gt 
_reflns_shell.Rmerge_F_gt 
_reflns_shell.Rmerge_I_gt 
_reflns_shell.pdbx_redundancy 
_reflns_shell.pdbx_Rsym_value 
_reflns_shell.pdbx_chi_squared 
_reflns_shell.pdbx_netI_over_sigmaI_all 
_reflns_shell.pdbx_netI_over_sigmaI_obs 
_reflns_shell.pdbx_Rrim_I_all 
_reflns_shell.pdbx_Rpim_I_all 
_reflns_shell.pdbx_rejects 
_reflns_shell.pdbx_ordinal 
_reflns_shell.pdbx_diffrn_id 
_reflns_shell.pdbx_CC_half 
_reflns_shell.pdbx_R_split 
2.500 2.600  ? ? ? ? ? ? ? 94.600 ? ? ? ? 0.2432 ? ? ? ? ? ? ? ? 20.300 ? ? ? ? ? ? ? 1 1 0.470 ? 
9.020 47.060 ? ? ? ? ? ? ? 99.300 ? ? ? ? 0.067  ? ? ? ? ? ? ? ? 23.400 ? ? ? ? ? ? ? 2 1 0.998 ? 
# 
_refine.aniso_B[1][1]                            ? 
_refine.aniso_B[1][2]                            ? 
_refine.aniso_B[1][3]                            ? 
_refine.aniso_B[2][2]                            ? 
_refine.aniso_B[2][3]                            ? 
_refine.aniso_B[3][3]                            ? 
_refine.B_iso_max                                105.930 
_refine.B_iso_mean                               59.0801 
_refine.B_iso_min                                34.900 
_refine.correlation_coeff_Fo_to_Fc               ? 
_refine.correlation_coeff_Fo_to_Fc_free          ? 
_refine.details                                  ? 
_refine.diff_density_max                         ? 
_refine.diff_density_max_esd                     ? 
_refine.diff_density_min                         ? 
_refine.diff_density_min_esd                     ? 
_refine.diff_density_rms                         ? 
_refine.diff_density_rms_esd                     ? 
_refine.entry_id                                 5WUE 
_refine.pdbx_refine_id                           'X-RAY DIFFRACTION' 
_refine.ls_abs_structure_details                 ? 
_refine.ls_abs_structure_Flack                   ? 
_refine.ls_abs_structure_Flack_esd               ? 
_refine.ls_abs_structure_Rogers                  ? 
_refine.ls_abs_structure_Rogers_esd              ? 
_refine.ls_d_res_high                            2.4000 
_refine.ls_d_res_low                             36.5090 
_refine.ls_extinction_coef                       ? 
_refine.ls_extinction_coef_esd                   ? 
_refine.ls_extinction_expression                 ? 
_refine.ls_extinction_method                     ? 
_refine.ls_goodness_of_fit_all                   ? 
_refine.ls_goodness_of_fit_all_esd               ? 
_refine.ls_goodness_of_fit_obs                   ? 
_refine.ls_goodness_of_fit_obs_esd               ? 
_refine.ls_hydrogen_treatment                    ? 
_refine.ls_matrix_type                           ? 
_refine.ls_number_constraints                    ? 
_refine.ls_number_parameters                     ? 
_refine.ls_number_reflns_all                     ? 
_refine.ls_number_reflns_obs                     23120 
_refine.ls_number_reflns_R_free                  1125 
_refine.ls_number_reflns_R_work                  ? 
_refine.ls_number_restraints                     ? 
_refine.ls_percent_reflns_obs                    87.5600 
_refine.ls_percent_reflns_R_free                 4.8700 
_refine.ls_R_factor_all                          ? 
_refine.ls_R_factor_obs                          0.2261 
_refine.ls_R_factor_R_free                       0.2527 
_refine.ls_R_factor_R_free_error                 ? 
_refine.ls_R_factor_R_free_error_details         ? 
_refine.ls_R_factor_R_work                       0.2248 
_refine.ls_R_Fsqd_factor_obs                     ? 
_refine.ls_R_I_factor_obs                        ? 
_refine.ls_redundancy_reflns_all                 ? 
_refine.ls_redundancy_reflns_obs                 ? 
_refine.ls_restrained_S_all                      ? 
_refine.ls_restrained_S_obs                      ? 
_refine.ls_shift_over_esd_max                    ? 
_refine.ls_shift_over_esd_mean                   ? 
_refine.ls_structure_factor_coef                 ? 
_refine.ls_weighting_details                     ? 
_refine.ls_weighting_scheme                      ? 
_refine.ls_wR_factor_all                         ? 
_refine.ls_wR_factor_obs                         ? 
_refine.ls_wR_factor_R_free                      ? 
_refine.ls_wR_factor_R_work                      ? 
_refine.occupancy_max                            ? 
_refine.occupancy_min                            ? 
_refine.solvent_model_details                    ? 
_refine.solvent_model_param_bsol                 ? 
_refine.solvent_model_param_ksol                 ? 
_refine.ls_R_factor_gt                           ? 
_refine.ls_goodness_of_fit_gt                    ? 
_refine.ls_goodness_of_fit_ref                   ? 
_refine.ls_shift_over_su_max                     ? 
_refine.ls_shift_over_su_max_lt                  ? 
_refine.ls_shift_over_su_mean                    ? 
_refine.ls_shift_over_su_mean_lt                 ? 
_refine.pdbx_ls_sigma_I                          ? 
_refine.pdbx_ls_sigma_F                          1.340 
_refine.pdbx_ls_sigma_Fsqd                       ? 
_refine.pdbx_data_cutoff_high_absF               ? 
_refine.pdbx_data_cutoff_high_rms_absF           ? 
_refine.pdbx_data_cutoff_low_absF                ? 
_refine.pdbx_isotropic_thermal_model             ? 
_refine.pdbx_ls_cross_valid_method               'FREE R-VALUE' 
_refine.pdbx_method_to_determine_struct          'MOLECULAR REPLACEMENT' 
_refine.pdbx_starting_model                      5WUC 
_refine.pdbx_stereochemistry_target_values       ? 
_refine.pdbx_R_Free_selection_details            ? 
_refine.pdbx_stereochem_target_val_spec_case     ? 
_refine.pdbx_overall_ESU_R                       ? 
_refine.pdbx_overall_ESU_R_Free                  ? 
_refine.pdbx_solvent_vdw_probe_radii             1.1100 
_refine.pdbx_solvent_ion_probe_radii             ? 
_refine.pdbx_solvent_shrinkage_radii             0.9000 
_refine.pdbx_real_space_R                        ? 
_refine.pdbx_density_correlation                 ? 
_refine.pdbx_pd_number_of_powder_patterns        ? 
_refine.pdbx_pd_number_of_points                 ? 
_refine.pdbx_pd_meas_number_of_points            ? 
_refine.pdbx_pd_proc_ls_prof_R_factor            ? 
_refine.pdbx_pd_proc_ls_prof_wR_factor           ? 
_refine.pdbx_pd_Marquardt_correlation_coeff      ? 
_refine.pdbx_pd_Fsqrd_R_factor                   ? 
_refine.pdbx_pd_ls_matrix_band_width             ? 
_refine.pdbx_overall_phase_error                 28.0200 
_refine.pdbx_overall_SU_R_free_Cruickshank_DPI   ? 
_refine.pdbx_overall_SU_R_free_Blow_DPI          ? 
_refine.pdbx_overall_SU_R_Blow_DPI               ? 
_refine.pdbx_TLS_residual_ADP_flag               ? 
_refine.pdbx_diffrn_id                           1 
_refine.overall_SU_B                             ? 
_refine.overall_SU_ML                            0.3300 
_refine.overall_SU_R_Cruickshank_DPI             ? 
_refine.overall_SU_R_free                        ? 
_refine.overall_FOM_free_R_set                   ? 
_refine.overall_FOM_work_R_set                   ? 
_refine.pdbx_average_fsc_overall                 ? 
_refine.pdbx_average_fsc_work                    ? 
_refine.pdbx_average_fsc_free                    ? 
# 
_refine_hist.cycle_id                         final 
_refine_hist.pdbx_refine_id                   'X-RAY DIFFRACTION' 
_refine_hist.d_res_high                       2.4000 
_refine_hist.d_res_low                        36.5090 
_refine_hist.pdbx_number_atoms_ligand         5 
_refine_hist.number_atoms_solvent             8 
_refine_hist.number_atoms_total               1530 
_refine_hist.pdbx_number_residues_total       203 
_refine_hist.pdbx_B_iso_mean_ligand           79.72 
_refine_hist.pdbx_B_iso_mean_solvent          60.85 
_refine_hist.pdbx_number_atoms_protein        1517 
_refine_hist.pdbx_number_atoms_nucleic_acid   0 
# 
loop_
_refine_ls_restr.pdbx_refine_id 
_refine_ls_restr.criterion 
_refine_ls_restr.dev_ideal 
_refine_ls_restr.dev_ideal_target 
_refine_ls_restr.number 
_refine_ls_restr.rejects 
_refine_ls_restr.type 
_refine_ls_restr.weight 
_refine_ls_restr.pdbx_restraint_function 
'X-RAY DIFFRACTION' ? 0.008  ? 1552 ? f_bond_d           ? ? 
'X-RAY DIFFRACTION' ? 0.974  ? 2119 ? f_angle_d          ? ? 
'X-RAY DIFFRACTION' ? 0.055  ? 267  ? f_chiral_restr     ? ? 
'X-RAY DIFFRACTION' ? 0.006  ? 256  ? f_plane_restr      ? ? 
'X-RAY DIFFRACTION' ? 13.888 ? 530  ? f_dihedral_angle_d ? ? 
# 
loop_
_refine_ls_shell.pdbx_refine_id 
_refine_ls_shell.d_res_high 
_refine_ls_shell.d_res_low 
_refine_ls_shell.number_reflns_all 
_refine_ls_shell.number_reflns_obs 
_refine_ls_shell.number_reflns_R_free 
_refine_ls_shell.number_reflns_R_work 
_refine_ls_shell.percent_reflns_obs 
_refine_ls_shell.percent_reflns_R_free 
_refine_ls_shell.R_factor_all 
_refine_ls_shell.R_factor_obs 
_refine_ls_shell.R_factor_R_free 
_refine_ls_shell.R_factor_R_free_error 
_refine_ls_shell.R_factor_R_work 
_refine_ls_shell.redundancy_reflns_all 
_refine_ls_shell.redundancy_reflns_obs 
_refine_ls_shell.wR_factor_all 
_refine_ls_shell.wR_factor_obs 
_refine_ls_shell.wR_factor_R_free 
_refine_ls_shell.wR_factor_R_work 
_refine_ls_shell.pdbx_total_number_of_bins_used 
_refine_ls_shell.pdbx_phase_error 
_refine_ls_shell.pdbx_fsc_work 
_refine_ls_shell.pdbx_fsc_free 
'X-RAY DIFFRACTION' 2.4003 2.5095  2709 . 128 2581 82.0000  . . . 0.3777 0.0000 0.3258 . . . . . . 8 . . . 
'X-RAY DIFFRACTION' 2.5095 2.6418  3055 . 133 2922 94.0000  . . . 0.3331 0.0000 0.3127 . . . . . . 8 . . . 
'X-RAY DIFFRACTION' 2.6418 2.8073  2002 . 96  1906 100.0000 . . . 0.2822 0.0000 0.2499 . . . . . . 8 . . . 
'X-RAY DIFFRACTION' 2.8073 3.0239  3296 . 162 3134 100.0000 . . . 0.3071 0.0000 0.2393 . . . . . . 8 . . . 
'X-RAY DIFFRACTION' 3.0239 3.3280  3299 . 168 3131 100.0000 . . . 0.2815 0.0000 0.2407 . . . . . . 8 . . . 
'X-RAY DIFFRACTION' 3.3280 3.8092  2436 . 121 2315 74.0000  . . . 0.2749 0.0000 0.2202 . . . . . . 8 . . . 
'X-RAY DIFFRACTION' 3.8092 4.7974  3013 . 153 2860 91.0000  . . . 0.2447 0.0000 0.2088 . . . . . . 8 . . . 
'X-RAY DIFFRACTION' 4.7974 36.5136 3310 . 164 3146 100.0000 . . . 0.1993 0.0000 0.2034 . . . . . . 8 . . . 
# 
_struct.entry_id                     5WUE 
_struct.title                        'Structural basis for conductance through TRIC cation channels' 
_struct.pdbx_model_details           ? 
_struct.pdbx_formula_weight          ? 
_struct.pdbx_formula_weight_method   ? 
_struct.pdbx_model_type_details      ? 
_struct.pdbx_CASP_flag               N 
# 
_struct_keywords.entry_id        5WUE 
_struct_keywords.text            
;TRIC, cation channel, membrane protein, Structural Genomics, PSI-Biology, New York Consortium on Membrane Protein Structure, NYCOMPS
;
_struct_keywords.pdbx_keywords   'MEMBRANE PROTEIN' 
# 
loop_
_struct_asym.id 
_struct_asym.pdbx_blank_PDB_chainid_flag 
_struct_asym.pdbx_modified 
_struct_asym.entity_id 
_struct_asym.details 
A N N 1 ? 
B N N 2 ? 
C N N 3 ? 
# 
loop_
_struct_conf.conf_type_id 
_struct_conf.id 
_struct_conf.pdbx_PDB_helix_id 
_struct_conf.beg_label_comp_id 
_struct_conf.beg_label_asym_id 
_struct_conf.beg_label_seq_id 
_struct_conf.pdbx_beg_PDB_ins_code 
_struct_conf.end_label_comp_id 
_struct_conf.end_label_asym_id 
_struct_conf.end_label_seq_id 
_struct_conf.pdbx_end_PDB_ins_code 
_struct_conf.beg_auth_comp_id 
_struct_conf.beg_auth_asym_id 
_struct_conf.beg_auth_seq_id 
_struct_conf.end_auth_comp_id 
_struct_conf.end_auth_asym_id 
_struct_conf.end_auth_seq_id 
_struct_conf.pdbx_PDB_helix_class 
_struct_conf.details 
_struct_conf.pdbx_PDB_helix_length 
HELX_P HELX_P1  AA1 PHE A 9   ? GLY A 32  ? PHE A 9   GLY A 32  1 ? 24 
HELX_P HELX_P2  AA2 ASP A 34  ? LEU A 57  ? ASP A 34  LEU A 57  1 ? 24 
HELX_P HELX_P3  AA3 PRO A 62  ? ILE A 66  ? PRO A 62  ILE A 66  5 ? 5  
HELX_P HELX_P4  AA4 TYR A 68  ? PHE A 84  ? TYR A 68  PHE A 84  1 ? 17 
HELX_P HELX_P5  AA5 PHE A 84  ? THR A 89  ? PHE A 84  THR A 89  1 ? 6  
HELX_P HELX_P6  AA6 VAL A 91  ? SER A 118 ? VAL A 91  SER A 118 1 ? 28 
HELX_P HELX_P7  AA7 ASN A 120 ? SER A 143 ? ASN A 120 SER A 143 1 ? 24 
HELX_P HELX_P8  AA8 PRO A 147 ? THR A 151 ? PRO A 147 THR A 151 5 ? 5  
HELX_P HELX_P9  AA9 PHE A 154 ? LEU A 172 ? PHE A 154 LEU A 172 1 ? 19 
HELX_P HELX_P10 AB1 PRO A 175 ? LYS A 198 ? PRO A 175 LYS A 198 1 ? 24 
# 
_struct_conf_type.id          HELX_P 
_struct_conf_type.criteria    ? 
_struct_conf_type.reference   ? 
# 
_struct_mon_prot_cis.pdbx_id                1 
_struct_mon_prot_cis.label_comp_id          THR 
_struct_mon_prot_cis.label_seq_id           60 
_struct_mon_prot_cis.label_asym_id          A 
_struct_mon_prot_cis.label_alt_id           . 
_struct_mon_prot_cis.pdbx_PDB_ins_code      ? 
_struct_mon_prot_cis.auth_comp_id           THR 
_struct_mon_prot_cis.auth_seq_id            60 
_struct_mon_prot_cis.auth_asym_id           A 
_struct_mon_prot_cis.pdbx_label_comp_id_2   PRO 
_struct_mon_prot_cis.pdbx_label_seq_id_2    61 
_struct_mon_prot_cis.pdbx_label_asym_id_2   A 
_struct_mon_prot_cis.pdbx_PDB_ins_code_2    ? 
_struct_mon_prot_cis.pdbx_auth_comp_id_2    PRO 
_struct_mon_prot_cis.pdbx_auth_seq_id_2     61 
_struct_mon_prot_cis.pdbx_auth_asym_id_2    A 
_struct_mon_prot_cis.pdbx_PDB_model_num     1 
_struct_mon_prot_cis.pdbx_omega_angle       -6.92 
# 
_struct_site.id                   AC1 
_struct_site.pdbx_evidence_code   Software 
_struct_site.pdbx_auth_asym_id    A 
_struct_site.pdbx_auth_comp_id    SO4 
_struct_site.pdbx_auth_seq_id     301 
_struct_site.pdbx_auth_ins_code   ? 
_struct_site.pdbx_num_residues    9 
_struct_site.details              'binding site for residue SO4 A 301' 
# 
loop_
_struct_site_gen.id 
_struct_site_gen.site_id 
_struct_site_gen.pdbx_num_res 
_struct_site_gen.label_comp_id 
_struct_site_gen.label_asym_id 
_struct_site_gen.label_seq_id 
_struct_site_gen.pdbx_auth_ins_code 
_struct_site_gen.auth_comp_id 
_struct_site_gen.auth_asym_id 
_struct_site_gen.auth_seq_id 
_struct_site_gen.label_atom_id 
_struct_site_gen.label_alt_id 
_struct_site_gen.symmetry 
_struct_site_gen.details 
1 AC1 9 ASP A 34  ? ASP A 34  . ? 3_555 ? 
2 AC1 9 LEU A 36  ? LEU A 36  . ? 3_555 ? 
3 AC1 9 ILE A 149 ? ILE A 149 . ? 1_555 ? 
4 AC1 9 ARG A 152 ? ARG A 152 . ? 1_555 ? 
5 AC1 9 GLU A 153 ? GLU A 153 . ? 1_555 ? 
6 AC1 9 PHE A 154 ? PHE A 154 . ? 1_555 ? 
7 AC1 9 TYR A 155 ? TYR A 155 . ? 1_555 ? 
8 AC1 9 ALA A 156 ? ALA A 156 . ? 1_555 ? 
9 AC1 9 THR A 157 ? THR A 157 . ? 1_555 ? 
# 
_atom_sites.entry_id                    5WUE 
_atom_sites.fract_transf_matrix[1][1]   -0.00941790 
_atom_sites.fract_transf_matrix[1][2]   0.00136766 
_atom_sites.fract_transf_matrix[1][3]   -0.00295633 
_atom_sites.fract_transf_matrix[2][1]   -0.00601057 
_atom_sites.fract_transf_matrix[2][2]   -0.00784483 
_atom_sites.fract_transf_matrix[2][3]   -0.00127784 
_atom_sites.fract_transf_matrix[3][1]   -0.00215210 
_atom_sites.fract_transf_matrix[3][2]   0.00049486 
_atom_sites.fract_transf_matrix[3][3]   0.00708483 
_atom_sites.fract_transf_vector[1]      -0.057309 
_atom_sites.fract_transf_vector[2]      -0.166564 
_atom_sites.fract_transf_vector[3]      -0.354036 
# 
loop_
_atom_type.symbol 
C 
N 
O 
S 
# 
loop_
_atom_site.group_PDB 
_atom_site.id 
_atom_site.type_symbol 
_atom_site.label_atom_id 
_atom_site.label_alt_id 
_atom_site.label_comp_id 
_atom_site.label_asym_id 
_atom_site.label_entity_id 
_atom_site.label_seq_id 
_atom_site.pdbx_PDB_ins_code 
_atom_site.Cartn_x 
_atom_site.Cartn_y 
_atom_site.Cartn_z 
_atom_site.occupancy 
_atom_site.B_iso_or_equiv 
_atom_site.pdbx_formal_charge 
_atom_site.auth_seq_id 
_atom_site.auth_comp_id 
_atom_site.auth_asym_id 
_atom_site.auth_atom_id 
_atom_site.pdbx_PDB_model_num 
ATOM   1    N N   . ILE A 1 7   ? -1.618  14.031  15.536  1.00 99.03  ? 7   ILE A N   1 
ATOM   2    C CA  . ILE A 1 7   ? -3.012  14.459  15.453  1.00 97.75  ? 7   ILE A CA  1 
ATOM   3    C C   . ILE A 1 7   ? -3.598  14.183  14.061  1.00 88.73  ? 7   ILE A C   1 
ATOM   4    O O   . ILE A 1 7   ? -4.465  13.328  13.910  1.00 85.38  ? 7   ILE A O   1 
ATOM   5    C CB  . ILE A 1 7   ? -3.137  15.958  15.790  1.00 50.00  ? 7   ILE A CB  1 
ATOM   6    C CG1 . ILE A 1 7   ? -2.331  16.797  14.795  1.00 50.00  ? 7   ILE A CG1 1 
ATOM   7    C CG2 . ILE A 1 7   ? -2.675  16.224  17.215  1.00 50.00  ? 7   ILE A CG2 1 
ATOM   8    C CD1 . ILE A 1 7   ? -2.570  18.284  14.920  1.00 50.00  ? 7   ILE A CD1 1 
ATOM   9    N N   . VAL A 1 8   ? -3.120  14.900  13.043  1.00 86.41  ? 8   VAL A N   1 
ATOM   10   C CA  . VAL A 1 8   ? -3.663  14.750  11.696  1.00 79.68  ? 8   VAL A CA  1 
ATOM   11   C C   . VAL A 1 8   ? -2.649  14.060  10.785  1.00 89.60  ? 8   VAL A C   1 
ATOM   12   O O   . VAL A 1 8   ? -2.100  14.673  9.861   1.00 75.87  ? 8   VAL A O   1 
ATOM   13   C CB  . VAL A 1 8   ? -4.090  16.110  11.117  1.00 79.48  ? 8   VAL A CB  1 
ATOM   14   C CG1 . VAL A 1 8   ? -4.950  15.916  9.894   1.00 82.57  ? 8   VAL A CG1 1 
ATOM   15   C CG2 . VAL A 1 8   ? -4.836  16.932  12.161  1.00 87.21  ? 8   VAL A CG2 1 
ATOM   16   N N   . PHE A 1 9   ? -2.561  12.738  10.968  1.00 93.97  ? 9   PHE A N   1 
ATOM   17   C CA  . PHE A 1 9   ? -1.766  11.861  10.136  1.00 79.26  ? 9   PHE A CA  1 
ATOM   18   C C   . PHE A 1 9   ? -2.761  11.387  9.085   1.00 80.78  ? 9   PHE A C   1 
ATOM   19   O O   . PHE A 1 9   ? -2.378  10.643  8.182   1.00 75.96  ? 9   PHE A O   1 
ATOM   20   C CB  . PHE A 1 9   ? -1.357  10.622  10.880  1.00 85.36  ? 9   PHE A CB  1 
ATOM   21   C CG  . PHE A 1 9   ? -0.401  10.830  12.008  1.00 95.20  ? 9   PHE A CG  1 
ATOM   22   C CD1 . PHE A 1 9   ? 0.872   10.396  11.901  1.00 92.47  ? 9   PHE A CD1 1 
ATOM   23   C CD2 . PHE A 1 9   ? -0.816  11.355  13.232  1.00 93.36  ? 9   PHE A CD2 1 
ATOM   24   C CE1 . PHE A 1 9   ? 1.740   10.540  12.941  1.00 81.35  ? 9   PHE A CE1 1 
ATOM   25   C CE2 . PHE A 1 9   ? 0.064   11.481  14.275  1.00 79.16  ? 9   PHE A CE2 1 
ATOM   26   C CZ  . PHE A 1 9   ? 1.340   11.080  14.120  1.00 75.92  ? 9   PHE A CZ  1 
ATOM   27   N N   . ASP A 1 10  ? -4.047  11.734  9.252   1.00 79.97  ? 10  ASP A N   1 
ATOM   28   C CA  . ASP A 1 10  ? -5.076  11.421  8.265   1.00 78.00  ? 10  ASP A CA  1 
ATOM   29   C C   . ASP A 1 10  ? -4.712  11.928  6.880   1.00 74.97  ? 10  ASP A C   1 
ATOM   30   O O   . ASP A 1 10  ? -5.086  11.310  5.875   1.00 69.89  ? 10  ASP A O   1 
ATOM   31   C CB  . ASP A 1 10  ? -6.407  12.036  8.687   1.00 73.81  ? 10  ASP A CB  1 
ATOM   32   C CG  . ASP A 1 10  ? -6.953  11.414  9.933   1.00 88.70  ? 10  ASP A CG  1 
ATOM   33   O OD1 . ASP A 1 10  ? -6.941  10.166  9.995   1.00 92.46  ? 10  ASP A OD1 1 
ATOM   34   O OD2 . ASP A 1 10  ? -7.385  12.163  10.841  1.00 86.88  ? 10  ASP A OD2 1 
ATOM   35   N N   . ILE A 1 11  ? -4.011  13.061  6.806   1.00 71.63  ? 11  ILE A N   1 
ATOM   36   C CA  . ILE A 1 11  ? -3.616  13.606  5.514   1.00 66.10  ? 11  ILE A CA  1 
ATOM   37   C C   . ILE A 1 11  ? -2.775  12.594  4.740   1.00 67.22  ? 11  ILE A C   1 
ATOM   38   O O   . ILE A 1 11  ? -3.017  12.352  3.550   1.00 62.91  ? 11  ILE A O   1 
ATOM   39   C CB  . ILE A 1 11  ? -2.875  14.939  5.711   1.00 63.38  ? 11  ILE A CB  1 
ATOM   40   C CG1 . ILE A 1 11  ? -3.773  15.943  6.424   1.00 58.41  ? 11  ILE A CG1 1 
ATOM   41   C CG2 . ILE A 1 11  ? -2.424  15.497  4.382   1.00 60.56  ? 11  ILE A CG2 1 
ATOM   42   C CD1 . ILE A 1 11  ? -3.120  17.279  6.594   1.00 63.21  ? 11  ILE A CD1 1 
ATOM   43   N N   . PHE A 1 12  ? -1.795  11.968  5.405   1.00 57.82  ? 12  PHE A N   1 
ATOM   44   C CA  . PHE A 1 12  ? -0.977  10.971  4.727   1.00 62.34  ? 12  PHE A CA  1 
ATOM   45   C C   . PHE A 1 12  ? -1.809  9.759   4.316   1.00 65.39  ? 12  PHE A C   1 
ATOM   46   O O   . PHE A 1 12  ? -1.651  9.242   3.200   1.00 63.54  ? 12  PHE A O   1 
ATOM   47   C CB  . PHE A 1 12  ? 0.188   10.555  5.621   1.00 64.07  ? 12  PHE A CB  1 
ATOM   48   C CG  . PHE A 1 12  ? 1.244   11.611  5.763   1.00 65.00  ? 12  PHE A CG  1 
ATOM   49   C CD1 . PHE A 1 12  ? 1.284   12.681  4.885   1.00 61.21  ? 12  PHE A CD1 1 
ATOM   50   C CD2 . PHE A 1 12  ? 2.206   11.525  6.761   1.00 68.05  ? 12  PHE A CD2 1 
ATOM   51   C CE1 . PHE A 1 12  ? 2.254   13.646  5.002   1.00 63.71  ? 12  PHE A CE1 1 
ATOM   52   C CE2 . PHE A 1 12  ? 3.190   12.486  6.890   1.00 65.68  ? 12  PHE A CE2 1 
ATOM   53   C CZ  . PHE A 1 12  ? 3.217   13.550  6.009   1.00 68.41  ? 12  PHE A CZ  1 
ATOM   54   N N   . ASN A 1 13  ? -2.690  9.285   5.211   1.00 64.09  ? 13  ASN A N   1 
ATOM   55   C CA  . ASN A 1 13  ? -3.569  8.167   4.875   1.00 65.17  ? 13  ASN A CA  1 
ATOM   56   C C   . ASN A 1 13  ? -4.442  8.516   3.679   1.00 62.71  ? 13  ASN A C   1 
ATOM   57   O O   . ASN A 1 13  ? -4.616  7.704   2.761   1.00 61.39  ? 13  ASN A O   1 
ATOM   58   C CB  . ASN A 1 13  ? -4.454  7.790   6.067   1.00 62.55  ? 13  ASN A CB  1 
ATOM   59   C CG  . ASN A 1 13  ? -3.738  6.963   7.085   1.00 62.30  ? 13  ASN A CG  1 
ATOM   60   O OD1 . ASN A 1 13  ? -2.844  6.188   6.756   1.00 62.29  ? 13  ASN A OD1 1 
ATOM   61   N ND2 . ASN A 1 13  ? -4.115  7.130   8.343   1.00 68.60  ? 13  ASN A ND2 1 
ATOM   62   N N   . TYR A 1 14  ? -5.024  9.717   3.686   1.00 58.06  ? 14  TYR A N   1 
ATOM   63   C CA  . TYR A 1 14  ? -5.975  10.046  2.639   1.00 59.18  ? 14  TYR A CA  1 
ATOM   64   C C   . TYR A 1 14  ? -5.262  10.235  1.310   1.00 60.64  ? 14  TYR A C   1 
ATOM   65   O O   . TYR A 1 14  ? -5.809  9.861   0.261   1.00 59.94  ? 14  TYR A O   1 
ATOM   66   C CB  . TYR A 1 14  ? -6.800  11.272  3.036   1.00 52.82  ? 14  TYR A CB  1 
ATOM   67   C CG  . TYR A 1 14  ? -7.991  10.938  3.924   1.00 60.70  ? 14  TYR A CG  1 
ATOM   68   C CD1 . TYR A 1 14  ? -9.132  10.317  3.403   1.00 59.45  ? 14  TYR A CD1 1 
ATOM   69   C CD2 . TYR A 1 14  ? -7.983  11.246  5.280   1.00 58.27  ? 14  TYR A CD2 1 
ATOM   70   C CE1 . TYR A 1 14  ? -10.228 10.009  4.218   1.00 55.83  ? 14  TYR A CE1 1 
ATOM   71   C CE2 . TYR A 1 14  ? -9.066  10.944  6.096   1.00 63.63  ? 14  TYR A CE2 1 
ATOM   72   C CZ  . TYR A 1 14  ? -10.187 10.325  5.561   1.00 59.61  ? 14  TYR A CZ  1 
ATOM   73   O OH  . TYR A 1 14  ? -11.264 10.030  6.371   1.00 58.37  ? 14  TYR A OH  1 
ATOM   74   N N   . ILE A 1 15  ? -4.039  10.774  1.335   1.00 54.30  ? 15  ILE A N   1 
ATOM   75   C CA  . ILE A 1 15  ? -3.239  10.841  0.115   1.00 53.89  ? 15  ILE A CA  1 
ATOM   76   C C   . ILE A 1 15  ? -2.983  9.439   -0.405  1.00 56.88  ? 15  ILE A C   1 
ATOM   77   O O   . ILE A 1 15  ? -3.032  9.187   -1.620  1.00 53.30  ? 15  ILE A O   1 
ATOM   78   C CB  . ILE A 1 15  ? -1.920  11.606  0.363   1.00 60.28  ? 15  ILE A CB  1 
ATOM   79   C CG1 . ILE A 1 15  ? -2.175  13.115  0.487   1.00 57.28  ? 15  ILE A CG1 1 
ATOM   80   C CG2 . ILE A 1 15  ? -0.907  11.325  -0.752  1.00 49.90  ? 15  ILE A CG2 1 
ATOM   81   C CD1 . ILE A 1 15  ? -1.053  13.860  1.176   1.00 55.30  ? 15  ILE A CD1 1 
ATOM   82   N N   . GLY A 1 16  ? -2.737  8.494   0.511   1.00 56.93  ? 16  GLY A N   1 
ATOM   83   C CA  . GLY A 1 16  ? -2.497  7.124   0.101   1.00 55.03  ? 16  GLY A CA  1 
ATOM   84   C C   . GLY A 1 16  ? -3.720  6.486   -0.536  1.00 56.57  ? 16  GLY A C   1 
ATOM   85   O O   . GLY A 1 16  ? -3.624  5.881   -1.607  1.00 58.66  ? 16  GLY A O   1 
ATOM   86   N N   . ILE A 1 17  ? -4.881  6.623   0.111   1.00 53.95  ? 17  ILE A N   1 
ATOM   87   C CA  . ILE A 1 17  ? -6.117  6.072   -0.439  1.00 51.58  ? 17  ILE A CA  1 
ATOM   88   C C   . ILE A 1 17  ? -6.382  6.647   -1.825  1.00 58.67  ? 17  ILE A C   1 
ATOM   89   O O   . ILE A 1 17  ? -6.728  5.908   -2.759  1.00 54.38  ? 17  ILE A O   1 
ATOM   90   C CB  . ILE A 1 17  ? -7.293  6.339   0.516   1.00 52.61  ? 17  ILE A CB  1 
ATOM   91   C CG1 . ILE A 1 17  ? -7.069  5.638   1.855   1.00 51.90  ? 17  ILE A CG1 1 
ATOM   92   C CG2 . ILE A 1 17  ? -8.587  5.883   -0.108  1.00 51.89  ? 17  ILE A CG2 1 
ATOM   93   C CD1 . ILE A 1 17  ? -8.096  5.993   2.893   1.00 47.94  ? 17  ILE A CD1 1 
ATOM   94   N N   . VAL A 1 18  ? -6.206  7.965   -1.996  1.00 52.17  ? 18  VAL A N   1 
ATOM   95   C CA  . VAL A 1 18  ? -6.452  8.576   -3.299  1.00 51.60  ? 18  VAL A CA  1 
ATOM   96   C C   . VAL A 1 18  ? -5.428  8.093   -4.321  1.00 53.14  ? 18  VAL A C   1 
ATOM   97   O O   . VAL A 1 18  ? -5.789  7.692   -5.433  1.00 52.40  ? 18  VAL A O   1 
ATOM   98   C CB  . VAL A 1 18  ? -6.456  10.112  -3.191  1.00 56.35  ? 18  VAL A CB  1 
ATOM   99   C CG1 . VAL A 1 18  ? -6.417  10.750  -4.584  1.00 47.33  ? 18  VAL A CG1 1 
ATOM   100  C CG2 . VAL A 1 18  ? -7.677  10.586  -2.411  1.00 46.09  ? 18  VAL A CG2 1 
ATOM   101  N N   . ALA A 1 19  ? -4.138  8.115   -3.956  1.00 47.37  ? 19  ALA A N   1 
ATOM   102  C CA  . ALA A 1 19  ? -3.091  7.720   -4.898  1.00 52.43  ? 19  ALA A CA  1 
ATOM   103  C C   . ALA A 1 19  ? -3.206  6.248   -5.286  1.00 57.94  ? 19  ALA A C   1 
ATOM   104  O O   . ALA A 1 19  ? -3.007  5.893   -6.456  1.00 54.84  ? 19  ALA A O   1 
ATOM   105  C CB  . ALA A 1 19  ? -1.711  7.990   -4.306  1.00 47.97  ? 19  ALA A CB  1 
ATOM   106  N N   . PHE A 1 20  ? -3.493  5.371   -4.313  1.00 56.49  ? 20  PHE A N   1 
ATOM   107  C CA  . PHE A 1 20  ? -3.632  3.946   -4.607  1.00 55.21  ? 20  PHE A CA  1 
ATOM   108  C C   . PHE A 1 20  ? -4.899  3.648   -5.397  1.00 53.87  ? 20  PHE A C   1 
ATOM   109  O O   . PHE A 1 20  ? -4.920  2.703   -6.194  1.00 54.87  ? 20  PHE A O   1 
ATOM   110  C CB  . PHE A 1 20  ? -3.640  3.135   -3.321  1.00 54.42  ? 20  PHE A CB  1 
ATOM   111  C CG  . PHE A 1 20  ? -2.275  2.840   -2.786  1.00 52.72  ? 20  PHE A CG  1 
ATOM   112  C CD1 . PHE A 1 20  ? -1.183  3.625   -3.135  1.00 53.76  ? 20  PHE A CD1 1 
ATOM   113  C CD2 . PHE A 1 20  ? -2.084  1.760   -1.949  1.00 51.27  ? 20  PHE A CD2 1 
ATOM   114  C CE1 . PHE A 1 20  ? 0.087   3.348   -2.632  1.00 58.27  ? 20  PHE A CE1 1 
ATOM   115  C CE2 . PHE A 1 20  ? -0.833  1.469   -1.444  1.00 58.99  ? 20  PHE A CE2 1 
ATOM   116  C CZ  . PHE A 1 20  ? 0.267   2.270   -1.786  1.00 56.23  ? 20  PHE A CZ  1 
ATOM   117  N N   . ALA A 1 21  ? -5.967  4.412   -5.174  1.00 50.74  ? 21  ALA A N   1 
ATOM   118  C CA  . ALA A 1 21  ? -7.181  4.196   -5.940  1.00 48.23  ? 21  ALA A CA  1 
ATOM   119  C C   . ALA A 1 21  ? -6.975  4.601   -7.389  1.00 51.69  ? 21  ALA A C   1 
ATOM   120  O O   . ALA A 1 21  ? -7.415  3.897   -8.306  1.00 50.05  ? 21  ALA A O   1 
ATOM   121  C CB  . ALA A 1 21  ? -8.332  4.964   -5.307  1.00 46.12  ? 21  ALA A CB  1 
ATOM   122  N N   . ILE A 1 22  ? -6.309  5.733   -7.611  1.00 50.04  ? 22  ILE A N   1 
ATOM   123  C CA  . ILE A 1 22  ? -6.028  6.190   -8.967  1.00 54.89  ? 22  ILE A CA  1 
ATOM   124  C C   . ILE A 1 22  ? -5.171  5.164   -9.694  1.00 55.27  ? 22  ILE A C   1 
ATOM   125  O O   . ILE A 1 22  ? -5.472  4.750   -10.823 1.00 55.45  ? 22  ILE A O   1 
ATOM   126  C CB  . ILE A 1 22  ? -5.351  7.574   -8.930  1.00 52.82  ? 22  ILE A CB  1 
ATOM   127  C CG1 . ILE A 1 22  ? -6.308  8.618   -8.350  1.00 51.10  ? 22  ILE A CG1 1 
ATOM   128  C CG2 . ILE A 1 22  ? -4.863  7.973   -10.314 1.00 47.55  ? 22  ILE A CG2 1 
ATOM   129  C CD1 . ILE A 1 22  ? -5.652  9.957   -8.097  1.00 54.46  ? 22  ILE A CD1 1 
ATOM   130  N N   . SER A 1 23  ? -4.110  4.708   -9.031  1.00 50.30  ? 23  SER A N   1 
ATOM   131  C CA  . SER A 1 23  ? -3.188  3.749   -9.628  1.00 53.52  ? 23  SER A CA  1 
ATOM   132  C C   . SER A 1 23  ? -3.888  2.426   -9.960  1.00 56.26  ? 23  SER A C   1 
ATOM   133  O O   . SER A 1 23  ? -3.696  1.856   -11.047 1.00 51.64  ? 23  SER A O   1 
ATOM   134  C CB  . SER A 1 23  ? -2.005  3.540   -8.674  1.00 54.41  ? 23  SER A CB  1 
ATOM   135  O OG  . SER A 1 23  ? -1.282  2.370   -8.998  1.00 75.37  ? 23  SER A OG  1 
ATOM   136  N N   . GLY A 1 24  ? -4.695  1.912   -9.035  1.00 51.61  ? 24  GLY A N   1 
ATOM   137  C CA  . GLY A 1 24  ? -5.470  0.727   -9.345  1.00 50.41  ? 24  GLY A CA  1 
ATOM   138  C C   . GLY A 1 24  ? -6.487  0.973   -10.443 1.00 48.41  ? 24  GLY A C   1 
ATOM   139  O O   . GLY A 1 24  ? -6.647  0.146   -11.343 1.00 51.56  ? 24  GLY A O   1 
ATOM   140  N N   . ALA A 1 25  ? -7.186  2.115   -10.388 1.00 50.93  ? 25  ALA A N   1 
ATOM   141  C CA  . ALA A 1 25  ? -8.170  2.429   -11.420 1.00 47.54  ? 25  ALA A CA  1 
ATOM   142  C C   . ALA A 1 25  ? -7.525  2.533   -12.799 1.00 53.48  ? 25  ALA A C   1 
ATOM   143  O O   . ALA A 1 25  ? -8.114  2.081   -13.788 1.00 52.73  ? 25  ALA A O   1 
ATOM   144  C CB  . ALA A 1 25  ? -8.905  3.725   -11.087 1.00 43.67  ? 25  ALA A CB  1 
ATOM   145  N N   . ILE A 1 26  ? -6.322  3.113   -12.885 1.00 50.92  ? 26  ILE A N   1 
ATOM   146  C CA  . ILE A 1 26  ? -5.629  3.203   -14.165 1.00 49.64  ? 26  ILE A CA  1 
ATOM   147  C C   . ILE A 1 26  ? -5.346  1.810   -14.715 1.00 53.89  ? 26  ILE A C   1 
ATOM   148  O O   . ILE A 1 26  ? -5.563  1.543   -15.906 1.00 53.05  ? 26  ILE A O   1 
ATOM   149  C CB  . ILE A 1 26  ? -4.336  4.029   -14.020 1.00 55.77  ? 26  ILE A CB  1 
ATOM   150  C CG1 . ILE A 1 26  ? -4.654  5.520   -13.812 1.00 52.19  ? 26  ILE A CG1 1 
ATOM   151  C CG2 . ILE A 1 26  ? -3.445  3.824   -15.229 1.00 53.52  ? 26  ILE A CG2 1 
ATOM   152  C CD1 . ILE A 1 26  ? -3.465  6.334   -13.312 1.00 51.04  ? 26  ILE A CD1 1 
ATOM   153  N N   . LYS A 1 27  ? -4.844  0.903   -13.868 1.00 50.63  ? 27  LYS A N   1 
ATOM   154  C CA  . LYS A 1 27  ? -4.597  -0.457  -14.328 1.00 50.75  ? 27  LYS A CA  1 
ATOM   155  C C   . LYS A 1 27  ? -5.869  -1.075  -14.892 1.00 52.75  ? 27  LYS A C   1 
ATOM   156  O O   . LYS A 1 27  ? -5.863  -1.634  -15.997 1.00 54.15  ? 27  LYS A O   1 
ATOM   157  C CB  . LYS A 1 27  ? -4.043  -1.327  -13.192 1.00 53.15  ? 27  LYS A CB  1 
ATOM   158  C CG  . LYS A 1 27  ? -3.569  -2.702  -13.667 1.00 47.71  ? 27  LYS A CG  1 
ATOM   159  C CD  . LYS A 1 27  ? -2.725  -3.403  -12.616 1.00 53.73  ? 27  LYS A CD  1 
ATOM   160  C CE  . LYS A 1 27  ? -2.327  -4.799  -13.068 1.00 47.13  ? 27  LYS A CE  1 
ATOM   161  N NZ  . LYS A 1 27  ? -1.123  -4.776  -13.948 1.00 53.90  ? 27  LYS A NZ  1 
ATOM   162  N N   . ALA A 1 28  ? -6.972  -0.971  -14.150 1.00 52.20  ? 28  ALA A N   1 
ATOM   163  C CA  . ALA A 1 28  ? -8.237  -1.527  -14.614 1.00 50.87  ? 28  ALA A CA  1 
ATOM   164  C C   . ALA A 1 28  ? -8.604  -1.018  -16.011 1.00 57.42  ? 28  ALA A C   1 
ATOM   165  O O   . ALA A 1 28  ? -9.019  -1.807  -16.871 1.00 53.52  ? 28  ALA A O   1 
ATOM   166  C CB  . ALA A 1 28  ? -9.325  -1.191  -13.606 1.00 45.94  ? 28  ALA A CB  1 
ATOM   167  N N   . VAL A 1 29  ? -8.469  0.293   -16.261 1.00 55.21  ? 29  VAL A N   1 
ATOM   168  C CA  . VAL A 1 29  ? -8.783  0.830   -17.587 1.00 54.56  ? 29  VAL A CA  1 
ATOM   169  C C   . VAL A 1 29  ? -7.879  0.206   -18.645 1.00 55.02  ? 29  VAL A C   1 
ATOM   170  O O   . VAL A 1 29  ? -8.353  -0.266  -19.684 1.00 56.49  ? 29  VAL A O   1 
ATOM   171  C CB  . VAL A 1 29  ? -8.675  2.368   -17.597 1.00 59.04  ? 29  VAL A CB  1 
ATOM   172  C CG1 . VAL A 1 29  ? -8.737  2.887   -19.020 1.00 57.55  ? 29  VAL A CG1 1 
ATOM   173  C CG2 . VAL A 1 29  ? -9.779  3.002   -16.766 1.00 54.35  ? 29  VAL A CG2 1 
ATOM   174  N N   . LYS A 1 30  ? -6.565  0.194   -18.398 1.00 56.17  ? 30  LYS A N   1 
ATOM   175  C CA  . LYS A 1 30  ? -5.615  -0.416  -19.325 1.00 53.56  ? 30  LYS A CA  1 
ATOM   176  C C   . LYS A 1 30  ? -5.862  -1.903  -19.510 1.00 55.22  ? 30  LYS A C   1 
ATOM   177  O O   . LYS A 1 30  ? -5.425  -2.477  -20.514 1.00 54.48  ? 30  LYS A O   1 
ATOM   178  C CB  . LYS A 1 30  ? -4.178  -0.197  -18.837 1.00 54.26  ? 30  LYS A CB  1 
ATOM   179  C CG  . LYS A 1 30  ? -3.747  1.258   -18.713 1.00 47.84  ? 30  LYS A CG  1 
ATOM   180  C CD  . LYS A 1 30  ? -2.360  1.346   -18.094 1.00 52.37  ? 30  LYS A CD  1 
ATOM   181  C CE  . LYS A 1 30  ? -1.760  2.745   -18.233 1.00 61.81  ? 30  LYS A CE  1 
ATOM   182  N NZ  . LYS A 1 30  ? -0.558  2.938   -17.355 1.00 63.80  ? 30  LYS A NZ  1 
ATOM   183  N N   . LYS A 1 31  ? -6.544  -2.546  -18.575 1.00 53.25  ? 31  LYS A N   1 
ATOM   184  C CA  . LYS A 1 31  ? -6.879  -3.950  -18.727 1.00 49.04  ? 31  LYS A CA  1 
ATOM   185  C C   . LYS A 1 31  ? -8.163  -4.171  -19.532 1.00 58.51  ? 31  LYS A C   1 
ATOM   186  O O   . LYS A 1 31  ? -8.415  -5.296  -19.987 1.00 57.21  ? 31  LYS A O   1 
ATOM   187  C CB  . LYS A 1 31  ? -6.996  -4.569  -17.336 1.00 53.71  ? 31  LYS A CB  1 
ATOM   188  C CG  . LYS A 1 31  ? -6.274  -5.871  -17.175 1.00 63.75  ? 31  LYS A CG  1 
ATOM   189  C CD  . LYS A 1 31  ? -4.792  -5.720  -17.357 1.00 59.23  ? 31  LYS A CD  1 
ATOM   190  C CE  . LYS A 1 31  ? -4.158  -7.074  -17.221 1.00 62.26  ? 31  LYS A CE  1 
ATOM   191  N NZ  . LYS A 1 31  ? -4.573  -7.999  -18.290 1.00 71.77  ? 31  LYS A NZ  1 
ATOM   192  N N   . GLY A 1 32  ? -8.970  -3.128  -19.728 1.00 55.16  ? 32  GLY A N   1 
ATOM   193  C CA  . GLY A 1 32  ? -10.222 -3.246  -20.445 1.00 53.08  ? 32  GLY A CA  1 
ATOM   194  C C   . GLY A 1 32  ? -11.431 -3.537  -19.585 1.00 51.48  ? 32  GLY A C   1 
ATOM   195  O O   . GLY A 1 32  ? -12.444 -4.011  -20.110 1.00 57.45  ? 32  GLY A O   1 
ATOM   196  N N   . MET A 1 33  ? -11.357 -3.271  -18.286 1.00 53.31  ? 33  MET A N   1 
ATOM   197  C CA  . MET A 1 33  ? -12.436 -3.584  -17.368 1.00 53.33  ? 33  MET A CA  1 
ATOM   198  C C   . MET A 1 33  ? -13.525 -2.536  -17.488 1.00 53.38  ? 33  MET A C   1 
ATOM   199  O O   . MET A 1 33  ? -13.267 -1.394  -17.867 1.00 57.88  ? 33  MET A O   1 
ATOM   200  C CB  . MET A 1 33  ? -11.901 -3.651  -15.938 1.00 52.67  ? 33  MET A CB  1 
ATOM   201  C CG  . MET A 1 33  ? -10.671 -4.545  -15.805 1.00 50.13  ? 33  MET A CG  1 
ATOM   202  S SD  . MET A 1 33  ? -10.197 -4.849  -14.115 1.00 51.87  ? 33  MET A SD  1 
ATOM   203  C CE  . MET A 1 33  ? -9.184  -6.320  -14.244 1.00 42.37  ? 33  MET A CE  1 
ATOM   204  N N   . ASP A 1 34  ? -14.758 -2.936  -17.207 1.00 58.86  ? 34  ASP A N   1 
ATOM   205  C CA  . ASP A 1 34  ? -15.844 -1.973  -17.300 1.00 56.29  ? 34  ASP A CA  1 
ATOM   206  C C   . ASP A 1 34  ? -15.811 -1.105  -16.042 1.00 54.57  ? 34  ASP A C   1 
ATOM   207  O O   . ASP A 1 34  ? -14.947 -1.263  -15.176 1.00 50.11  ? 34  ASP A O   1 
ATOM   208  C CB  . ASP A 1 34  ? -17.179 -2.682  -17.556 1.00 52.36  ? 34  ASP A CB  1 
ATOM   209  C CG  . ASP A 1 34  ? -17.660 -3.519  -16.379 1.00 50.32  ? 34  ASP A CG  1 
ATOM   210  O OD1 . ASP A 1 34  ? -17.499 -3.107  -15.208 1.00 52.92  ? 34  ASP A OD1 1 
ATOM   211  O OD2 . ASP A 1 34  ? -18.260 -4.585  -16.627 1.00 51.85  ? 34  ASP A OD2 1 
ATOM   212  N N   . LEU A 1 35  ? -16.768 -0.183  -15.929 1.00 56.12  ? 35  LEU A N   1 
ATOM   213  C CA  . LEU A 1 35  ? -16.746 0.776   -14.830 1.00 54.71  ? 35  LEU A CA  1 
ATOM   214  C C   . LEU A 1 35  ? -16.750 0.076   -13.465 1.00 52.01  ? 35  LEU A C   1 
ATOM   215  O O   . LEU A 1 35  ? -16.088 0.536   -12.525 1.00 52.26  ? 35  LEU A O   1 
ATOM   216  C CB  . LEU A 1 35  ? -17.928 1.739   -14.960 1.00 50.50  ? 35  LEU A CB  1 
ATOM   217  C CG  . LEU A 1 35  ? -18.121 2.624   -13.728 1.00 53.82  ? 35  LEU A CG  1 
ATOM   218  C CD1 . LEU A 1 35  ? -16.959 3.601   -13.583 1.00 49.58  ? 35  LEU A CD1 1 
ATOM   219  C CD2 . LEU A 1 35  ? -19.462 3.325   -13.803 1.00 50.77  ? 35  LEU A CD2 1 
ATOM   220  N N   . LEU A 1 36  ? -17.486 -1.038  -13.326 1.00 54.10  ? 36  LEU A N   1 
ATOM   221  C CA  . LEU A 1 36  ? -17.460 -1.730  -12.040 1.00 50.73  ? 36  LEU A CA  1 
ATOM   222  C C   . LEU A 1 36  ? -16.062 -2.254  -11.734 1.00 52.88  ? 36  LEU A C   1 
ATOM   223  O O   . LEU A 1 36  ? -15.576 -2.100  -10.605 1.00 53.58  ? 36  LEU A O   1 
ATOM   224  C CB  . LEU A 1 36  ? -18.472 -2.869  -11.996 1.00 47.15  ? 36  LEU A CB  1 
ATOM   225  C CG  . LEU A 1 36  ? -18.364 -3.578  -10.634 1.00 51.02  ? 36  LEU A CG  1 
ATOM   226  C CD1 . LEU A 1 36  ? -18.414 -2.597  -9.468  1.00 53.50  ? 36  LEU A CD1 1 
ATOM   227  C CD2 . LEU A 1 36  ? -19.436 -4.584  -10.448 1.00 54.47  ? 36  LEU A CD2 1 
ATOM   228  N N   . GLY A 1 37  ? -15.396 -2.858  -12.724 1.00 46.89  ? 37  GLY A N   1 
ATOM   229  C CA  . GLY A 1 37  ? -14.047 -3.370  -12.506 1.00 52.21  ? 37  GLY A CA  1 
ATOM   230  C C   . GLY A 1 37  ? -13.046 -2.286  -12.154 1.00 50.61  ? 37  GLY A C   1 
ATOM   231  O O   . GLY A 1 37  ? -12.259 -2.441  -11.212 1.00 53.77  ? 37  GLY A O   1 
ATOM   232  N N   . VAL A 1 38  ? -13.073 -1.174  -12.887 1.00 50.72  ? 38  VAL A N   1 
ATOM   233  C CA  . VAL A 1 38  ? -12.286 0.001   -12.526 1.00 50.56  ? 38  VAL A CA  1 
ATOM   234  C C   . VAL A 1 38  ? -12.495 0.360   -11.059 1.00 47.24  ? 38  VAL A C   1 
ATOM   235  O O   . VAL A 1 38  ? -11.529 0.554   -10.313 1.00 49.62  ? 38  VAL A O   1 
ATOM   236  C CB  . VAL A 1 38  ? -12.635 1.172   -13.469 1.00 52.69  ? 38  VAL A CB  1 
ATOM   237  C CG1 . VAL A 1 38  ? -11.981 2.458   -12.998 1.00 49.39  ? 38  VAL A CG1 1 
ATOM   238  C CG2 . VAL A 1 38  ? -12.215 0.839   -14.900 1.00 44.22  ? 38  VAL A CG2 1 
ATOM   239  N N   . LEU A 1 39  ? -13.754 0.438   -10.619 1.00 51.02  ? 39  LEU A N   1 
ATOM   240  C CA  . LEU A 1 39  ? -14.046 0.763   -9.224  1.00 53.82  ? 39  LEU A CA  1 
ATOM   241  C C   . LEU A 1 39  ? -13.503 -0.304  -8.278  1.00 50.31  ? 39  LEU A C   1 
ATOM   242  O O   . LEU A 1 39  ? -12.868 0.025   -7.265  1.00 48.86  ? 39  LEU A O   1 
ATOM   243  C CB  . LEU A 1 39  ? -15.556 0.942   -9.025  1.00 51.66  ? 39  LEU A CB  1 
ATOM   244  C CG  . LEU A 1 39  ? -16.254 2.098   -9.745  1.00 51.84  ? 39  LEU A CG  1 
ATOM   245  C CD1 . LEU A 1 39  ? -17.757 1.888   -9.683  1.00 53.85  ? 39  LEU A CD1 1 
ATOM   246  C CD2 . LEU A 1 39  ? -15.875 3.444   -9.149  1.00 47.60  ? 39  LEU A CD2 1 
ATOM   247  N N   . VAL A 1 40  ? -13.719 -1.585  -8.608  1.00 47.38  ? 40  VAL A N   1 
ATOM   248  C CA  . VAL A 1 40  ? -13.268 -2.676  -7.742  1.00 48.26  ? 40  VAL A CA  1 
ATOM   249  C C   . VAL A 1 40  ? -11.737 -2.713  -7.657  1.00 49.93  ? 40  VAL A C   1 
ATOM   250  O O   . VAL A 1 40  ? -11.164 -2.978  -6.588  1.00 46.70  ? 40  VAL A O   1 
ATOM   251  C CB  . VAL A 1 40  ? -13.848 -4.024  -8.223  1.00 47.62  ? 40  VAL A CB  1 
ATOM   252  C CG1 . VAL A 1 40  ? -13.181 -5.209  -7.499  1.00 40.09  ? 40  VAL A CG1 1 
ATOM   253  C CG2 . VAL A 1 40  ? -15.347 -4.074  -7.998  1.00 38.46  ? 40  VAL A CG2 1 
ATOM   254  N N   . LEU A 1 41  ? -11.088 -2.422  -8.791  1.00 52.42  ? 41  LEU A N   1 
ATOM   255  C CA  . LEU A 1 41  ? -9.634  -2.396  -8.874  1.00 50.76  ? 41  LEU A CA  1 
ATOM   256  C C   . LEU A 1 41  ? -9.025  -1.310  -8.040  1.00 51.08  ? 41  LEU A C   1 
ATOM   257  O O   . LEU A 1 41  ? -8.034  -1.533  -7.381  1.00 47.15  ? 41  LEU A O   1 
ATOM   258  C CB  . LEU A 1 41  ? -9.127  -2.343  -10.304 1.00 54.06  ? 41  LEU A CB  1 
ATOM   259  C CG  . LEU A 1 41  ? -8.157  -3.483  -10.560 1.00 48.98  ? 41  LEU A CG  1 
ATOM   260  C CD1 . LEU A 1 41  ? -8.782  -4.807  -10.282 1.00 51.32  ? 41  LEU A CD1 1 
ATOM   261  C CD2 . LEU A 1 41  ? -7.616  -3.488  -11.953 1.00 52.06  ? 41  LEU A CD2 1 
ATOM   262  N N   . GLY A 1 42  ? -9.639  -0.139  -8.098  1.00 51.18  ? 42  GLY A N   1 
ATOM   263  C CA  . GLY A 1 42  ? -9.237  0.989   -7.279  1.00 50.51  ? 42  GLY A CA  1 
ATOM   264  C C   . GLY A 1 42  ? -9.530  0.762   -5.811  1.00 51.25  ? 42  GLY A C   1 
ATOM   265  O O   . GLY A 1 42  ? -8.675  0.998   -4.956  1.00 52.96  ? 42  GLY A O   1 
ATOM   266  N N   . PHE A 1 43  ? -10.735 0.282   -5.491  1.00 51.27  ? 43  PHE A N   1 
ATOM   267  C CA  . PHE A 1 43  ? -11.071 -0.004  -4.103  1.00 51.37  ? 43  PHE A CA  1 
ATOM   268  C C   . PHE A 1 43  ? -10.105 -1.024  -3.492  1.00 51.09  ? 43  PHE A C   1 
ATOM   269  O O   . PHE A 1 43  ? -9.650  -0.855  -2.355  1.00 51.98  ? 43  PHE A O   1 
ATOM   270  C CB  . PHE A 1 43  ? -12.514 -0.498  -4.032  1.00 50.44  ? 43  PHE A CB  1 
ATOM   271  C CG  . PHE A 1 43  ? -13.075 -0.548  -2.642  1.00 49.48  ? 43  PHE A CG  1 
ATOM   272  C CD1 . PHE A 1 43  ? -12.732 -1.580  -1.767  1.00 50.98  ? 43  PHE A CD1 1 
ATOM   273  C CD2 . PHE A 1 43  ? -13.966 0.424   -2.213  1.00 49.39  ? 43  PHE A CD2 1 
ATOM   274  C CE1 . PHE A 1 43  ? -13.263 -1.626  -0.475  1.00 51.08  ? 43  PHE A CE1 1 
ATOM   275  C CE2 . PHE A 1 43  ? -14.500 0.384   -0.932  1.00 50.67  ? 43  PHE A CE2 1 
ATOM   276  C CZ  . PHE A 1 43  ? -14.150 -0.638  -0.062  1.00 47.26  ? 43  PHE A CZ  1 
ATOM   277  N N   . SER A 1 44  ? -9.769  -2.082  -4.241  1.00 47.22  ? 44  SER A N   1 
ATOM   278  C CA  . SER A 1 44  ? -8.885  -3.124  -3.714  1.00 50.49  ? 44  SER A CA  1 
ATOM   279  C C   . SER A 1 44  ? -7.455  -2.624  -3.525  1.00 50.08  ? 44  SER A C   1 
ATOM   280  O O   . SER A 1 44  ? -6.788  -2.973  -2.536  1.00 47.55  ? 44  SER A O   1 
ATOM   281  C CB  . SER A 1 44  ? -8.887  -4.344  -4.644  1.00 48.97  ? 44  SER A CB  1 
ATOM   282  O OG  . SER A 1 44  ? -10.208 -4.733  -4.984  1.00 44.68  ? 44  SER A OG  1 
ATOM   283  N N   . THR A 1 45  ? -6.954  -1.833  -4.478  1.00 49.76  ? 45  THR A N   1 
ATOM   284  C CA  . THR A 1 45  ? -5.578  -1.385  -4.372  1.00 51.96  ? 45  THR A CA  1 
ATOM   285  C C   . THR A 1 45  ? -5.388  -0.525  -3.125  1.00 49.13  ? 45  THR A C   1 
ATOM   286  O O   . THR A 1 45  ? -4.402  -0.706  -2.403  1.00 50.82  ? 45  THR A O   1 
ATOM   287  C CB  . THR A 1 45  ? -5.169  -0.650  -5.662  1.00 53.30  ? 45  THR A CB  1 
ATOM   288  O OG1 . THR A 1 45  ? -5.523  -1.452  -6.813  1.00 45.96  ? 45  THR A OG1 1 
ATOM   289  C CG2 . THR A 1 45  ? -3.661  -0.362  -5.672  1.00 39.98  ? 45  THR A CG2 1 
ATOM   290  N N   . ALA A 1 46  ? -6.353  0.342   -2.806  1.00 47.01  ? 46  ALA A N   1 
ATOM   291  C CA  . ALA A 1 46  ? -6.231  1.242   -1.661  1.00 52.42  ? 46  ALA A CA  1 
ATOM   292  C C   . ALA A 1 46  ? -6.656  0.620   -0.330  1.00 54.37  ? 46  ALA A C   1 
ATOM   293  O O   . ALA A 1 46  ? -6.097  0.983   0.712   1.00 58.78  ? 46  ALA A O   1 
ATOM   294  C CB  . ALA A 1 46  ? -7.046  2.517   -1.899  1.00 47.51  ? 46  ALA A CB  1 
ATOM   295  N N   . LEU A 1 47  ? -7.619  -0.309  -0.313  1.00 52.57  ? 47  LEU A N   1 
ATOM   296  C CA  . LEU A 1 47  ? -8.185  -0.760  0.959   1.00 52.22  ? 47  LEU A CA  1 
ATOM   297  C C   . LEU A 1 47  ? -8.055  -2.257  1.215   1.00 47.86  ? 47  LEU A C   1 
ATOM   298  O O   . LEU A 1 47  ? -8.364  -2.706  2.329   1.00 46.56  ? 47  LEU A O   1 
ATOM   299  C CB  . LEU A 1 47  ? -9.673  -0.360  1.055   1.00 56.01  ? 47  LEU A CB  1 
ATOM   300  C CG  . LEU A 1 47  ? -9.940  1.145   0.922   1.00 58.86  ? 47  LEU A CG  1 
ATOM   301  C CD1 . LEU A 1 47  ? -11.425 1.474   1.122   1.00 54.81  ? 47  LEU A CD1 1 
ATOM   302  C CD2 . LEU A 1 47  ? -9.069  1.941   1.890   1.00 49.15  ? 47  LEU A CD2 1 
ATOM   303  N N   . GLY A 1 48  ? -7.604  -3.043  0.238   1.00 45.19  ? 48  GLY A N   1 
ATOM   304  C CA  . GLY A 1 48  ? -7.593  -4.486  0.419   1.00 46.30  ? 48  GLY A CA  1 
ATOM   305  C C   . GLY A 1 48  ? -6.500  -4.963  1.357   1.00 48.44  ? 48  GLY A C   1 
ATOM   306  O O   . GLY A 1 48  ? -6.683  -5.945  2.083   1.00 49.92  ? 48  GLY A O   1 
ATOM   307  N N   . GLY A 1 49  ? -5.347  -4.294  1.329   1.00 46.34  ? 49  GLY A N   1 
ATOM   308  C CA  . GLY A 1 49  ? -4.331  -4.576  2.324   1.00 45.35  ? 49  GLY A CA  1 
ATOM   309  C C   . GLY A 1 49  ? -4.883  -4.472  3.729   1.00 46.96  ? 49  GLY A C   1 
ATOM   310  O O   . GLY A 1 49  ? -4.749  -5.398  4.525   1.00 49.31  ? 49  GLY A O   1 
ATOM   311  N N   . GLY A 1 50  ? -5.566  -3.369  4.036   1.00 49.17  ? 50  GLY A N   1 
ATOM   312  C CA  . GLY A 1 50  ? -6.158  -3.235  5.355   1.00 44.03  ? 50  GLY A CA  1 
ATOM   313  C C   . GLY A 1 50  ? -7.176  -4.314  5.682   1.00 49.33  ? 50  GLY A C   1 
ATOM   314  O O   . GLY A 1 50  ? -7.240  -4.779  6.825   1.00 50.09  ? 50  GLY A O   1 
ATOM   315  N N   . ILE A 1 51  ? -8.003  -4.716  4.707   1.00 50.42  ? 51  ILE A N   1 
ATOM   316  C CA  . ILE A 1 51  ? -9.005  -5.750  4.987   1.00 52.20  ? 51  ILE A CA  1 
ATOM   317  C C   . ILE A 1 51  ? -8.324  -7.080  5.306   1.00 51.75  ? 51  ILE A C   1 
ATOM   318  O O   . ILE A 1 51  ? -8.749  -7.801  6.225   1.00 49.93  ? 51  ILE A O   1 
ATOM   319  C CB  . ILE A 1 51  ? -10.012 -5.882  3.823   1.00 45.19  ? 51  ILE A CB  1 
ATOM   320  C CG1 . ILE A 1 51  ? -10.915 -4.646  3.755   1.00 46.57  ? 51  ILE A CG1 1 
ATOM   321  C CG2 . ILE A 1 51  ? -10.880 -7.130  3.988   1.00 41.89  ? 51  ILE A CG2 1 
ATOM   322  C CD1 . ILE A 1 51  ? -11.534 -4.413  2.389   1.00 46.16  ? 51  ILE A CD1 1 
ATOM   323  N N   . ILE A 1 52  ? -7.252  -7.418  4.570   1.00 45.43  ? 52  ILE A N   1 
ATOM   324  C CA  . ILE A 1 52  ? -6.552  -8.675  4.815   1.00 44.12  ? 52  ILE A CA  1 
ATOM   325  C C   . ILE A 1 52  ? -5.951  -8.675  6.208   1.00 49.40  ? 52  ILE A C   1 
ATOM   326  O O   . ILE A 1 52  ? -5.966  -9.699  6.909   1.00 48.41  ? 52  ILE A O   1 
ATOM   327  C CB  . ILE A 1 52  ? -5.475  -8.929  3.741   1.00 46.08  ? 52  ILE A CB  1 
ATOM   328  C CG1 . ILE A 1 52  ? -6.093  -9.015  2.344   1.00 43.94  ? 52  ILE A CG1 1 
ATOM   329  C CG2 . ILE A 1 52  ? -4.693  -10.203 4.044   1.00 34.90  ? 52  ILE A CG2 1 
ATOM   330  C CD1 . ILE A 1 52  ? -5.056  -9.243  1.280   1.00 48.10  ? 52  ILE A CD1 1 
ATOM   331  N N   . SER A 1 53  ? -5.409  -7.534  6.637   1.00 44.21  ? 53  SER A N   1 
ATOM   332  C CA  . SER A 1 53  ? -4.750  -7.493  7.936   1.00 48.85  ? 53  SER A CA  1 
ATOM   333  C C   . SER A 1 53  ? -5.757  -7.581  9.071   1.00 49.94  ? 53  SER A C   1 
ATOM   334  O O   . SER A 1 53  ? -5.491  -8.236  10.089  1.00 52.00  ? 53  SER A O   1 
ATOM   335  C CB  . SER A 1 53  ? -3.916  -6.227  8.058   1.00 48.20  ? 53  SER A CB  1 
ATOM   336  O OG  . SER A 1 53  ? -2.771  -6.338  7.233   1.00 53.87  ? 53  SER A OG  1 
ATOM   337  N N   . ASN A 1 54  ? -6.916  -6.926  8.915   1.00 49.40  ? 54  ASN A N   1 
ATOM   338  C CA  . ASN A 1 54  ? -7.990  -7.073  9.892   1.00 49.00  ? 54  ASN A CA  1 
ATOM   339  C C   . ASN A 1 54  ? -8.332  -8.537  10.108  1.00 54.28  ? 54  ASN A C   1 
ATOM   340  O O   . ASN A 1 54  ? -8.422  -8.989  11.255  1.00 54.94  ? 54  ASN A O   1 
ATOM   341  C CB  . ASN A 1 54  ? -9.231  -6.300  9.447   1.00 49.11  ? 54  ASN A CB  1 
ATOM   342  C CG  . ASN A 1 54  ? -9.070  -4.788  9.616   1.00 51.44  ? 54  ASN A CG  1 
ATOM   343  O OD1 . ASN A 1 54  ? -9.942  -4.008  9.236   1.00 52.11  ? 54  ASN A OD1 1 
ATOM   344  N ND2 . ASN A 1 54  ? -7.946  -4.374  10.175  1.00 45.12  ? 54  ASN A ND2 1 
ATOM   345  N N   . LEU A 1 55  ? -8.513  -9.300  9.015   1.00 54.72  ? 55  LEU A N   1 
ATOM   346  C CA  . LEU A 1 55  ? -8.787  -10.738 9.116   1.00 52.01  ? 55  LEU A CA  1 
ATOM   347  C C   . LEU A 1 55  ? -7.651  -11.493 9.813   1.00 50.36  ? 55  LEU A C   1 
ATOM   348  O O   . LEU A 1 55  ? -7.897  -12.292 10.724  1.00 48.45  ? 55  LEU A O   1 
ATOM   349  C CB  . LEU A 1 55  ? -9.022  -11.331 7.721   1.00 51.96  ? 55  LEU A CB  1 
ATOM   350  C CG  . LEU A 1 55  ? -10.265 -10.903 6.927   1.00 53.61  ? 55  LEU A CG  1 
ATOM   351  C CD1 . LEU A 1 55  ? -10.311 -11.551 5.556   1.00 49.39  ? 55  LEU A CD1 1 
ATOM   352  C CD2 . LEU A 1 55  ? -11.516 -11.251 7.679   1.00 52.70  ? 55  LEU A CD2 1 
ATOM   353  N N   . LEU A 1 56  ? -6.401  -11.258 9.396   1.00 54.11  ? 56  LEU A N   1 
ATOM   354  C CA  . LEU A 1 56  ? -5.269  -11.932 10.029  1.00 51.35  ? 56  LEU A CA  1 
ATOM   355  C C   . LEU A 1 56  ? -5.231  -11.675 11.529  1.00 53.81  ? 56  LEU A C   1 
ATOM   356  O O   . LEU A 1 56  ? -4.863  -12.567 12.300  1.00 51.74  ? 56  LEU A O   1 
ATOM   357  C CB  . LEU A 1 56  ? -3.967  -11.473 9.373   1.00 48.05  ? 56  LEU A CB  1 
ATOM   358  C CG  . LEU A 1 56  ? -3.780  -12.036 7.961   1.00 47.24  ? 56  LEU A CG  1 
ATOM   359  C CD1 . LEU A 1 56  ? -2.638  -11.354 7.222   1.00 48.39  ? 56  LEU A CD1 1 
ATOM   360  C CD2 . LEU A 1 56  ? -3.559  -13.543 8.026   1.00 45.79  ? 56  LEU A CD2 1 
ATOM   361  N N   . LEU A 1 57  ? -5.621  -10.473 11.954  1.00 52.28  ? 57  LEU A N   1 
ATOM   362  C CA  . LEU A 1 57  ? -5.581  -10.040 13.344  1.00 55.78  ? 57  LEU A CA  1 
ATOM   363  C C   . LEU A 1 57  ? -6.890  -10.261 14.097  1.00 56.49  ? 57  LEU A C   1 
ATOM   364  O O   . LEU A 1 57  ? -6.965  -9.921  15.281  1.00 53.07  ? 57  LEU A O   1 
ATOM   365  C CB  . LEU A 1 57  ? -5.219  -8.565  13.399  1.00 54.31  ? 57  LEU A CB  1 
ATOM   366  C CG  . LEU A 1 57  ? -3.856  -8.295  12.792  1.00 57.69  ? 57  LEU A CG  1 
ATOM   367  C CD1 . LEU A 1 57  ? -3.609  -6.815  12.935  1.00 55.19  ? 57  LEU A CD1 1 
ATOM   368  C CD2 . LEU A 1 57  ? -2.823  -9.142  13.529  1.00 53.58  ? 57  LEU A CD2 1 
ATOM   369  N N   . GLY A 1 58  ? -7.917  -10.813 13.445  1.00 56.99  ? 58  GLY A N   1 
ATOM   370  C CA  . GLY A 1 58  ? -9.209  -11.049 14.076  1.00 49.68  ? 58  GLY A CA  1 
ATOM   371  C C   . GLY A 1 58  ? -10.052 -9.817  14.338  1.00 50.75  ? 58  GLY A C   1 
ATOM   372  O O   . GLY A 1 58  ? -10.916 -9.854  15.214  1.00 54.75  ? 58  GLY A O   1 
ATOM   373  N N   . LYS A 1 59  ? -9.838  -8.732  13.593  1.00 50.32  ? 59  LYS A N   1 
ATOM   374  C CA  . LYS A 1 59  ? -10.516 -7.460  13.834  1.00 53.34  ? 59  LYS A CA  1 
ATOM   375  C C   . LYS A 1 59  ? -11.691 -7.326  12.868  1.00 53.47  ? 59  LYS A C   1 
ATOM   376  O O   . LYS A 1 59  ? -11.520 -6.961  11.701  1.00 52.98  ? 59  LYS A O   1 
ATOM   377  C CB  . LYS A 1 59  ? -9.535  -6.299  13.695  1.00 49.98  ? 59  LYS A CB  1 
ATOM   378  C CG  . LYS A 1 59  ? -8.401  -6.339  14.724  1.00 62.12  ? 59  LYS A CG  1 
ATOM   379  C CD  . LYS A 1 59  ? -8.939  -6.371  16.168  1.00 70.99  ? 59  LYS A CD  1 
ATOM   380  C CE  . LYS A 1 59  ? -7.803  -6.409  17.192  1.00 67.84  ? 59  LYS A CE  1 
ATOM   381  N NZ  . LYS A 1 59  ? -8.333  -6.556  18.577  1.00 73.90  ? 59  LYS A NZ  1 
ATOM   382  N N   . THR A 1 60  ? -12.888 -7.585  13.375  1.00 59.38  ? 60  THR A N   1 
ATOM   383  C CA  . THR A 1 60  ? -14.075 -7.774  12.569  1.00 59.49  ? 60  THR A CA  1 
ATOM   384  C C   . THR A 1 60  ? -15.189 -6.858  13.059  1.00 60.59  ? 60  THR A C   1 
ATOM   385  O O   . THR A 1 60  ? -15.388 -6.719  14.279  1.00 61.85  ? 60  THR A O   1 
ATOM   386  C CB  . THR A 1 60  ? -14.502 -9.253  12.663  1.00 63.78  ? 60  THR A CB  1 
ATOM   387  O OG1 . THR A 1 60  ? -13.455 -10.093 12.155  1.00 60.75  ? 60  THR A OG1 1 
ATOM   388  C CG2 . THR A 1 60  ? -15.813 -9.500  11.917  1.00 67.16  ? 60  THR A CG2 1 
ATOM   389  N N   . PRO A 1 61  ? -15.942 -6.210  12.146  1.00 62.71  ? 61  PRO A N   1 
ATOM   390  C CA  . PRO A 1 61  ? -15.766 -6.142  10.685  1.00 56.97  ? 61  PRO A CA  1 
ATOM   391  C C   . PRO A 1 61  ? -14.624 -5.212  10.292  1.00 54.19  ? 61  PRO A C   1 
ATOM   392  O O   . PRO A 1 61  ? -14.212 -4.390  11.110  1.00 58.30  ? 61  PRO A O   1 
ATOM   393  C CB  . PRO A 1 61  ? -17.117 -5.603  10.194  1.00 56.93  ? 61  PRO A CB  1 
ATOM   394  C CG  . PRO A 1 61  ? -17.742 -4.935  11.387  1.00 54.52  ? 61  PRO A CG  1 
ATOM   395  C CD  . PRO A 1 61  ? -17.236 -5.646  12.584  1.00 51.94  ? 61  PRO A CD  1 
ATOM   396  N N   . PRO A 1 62  ? -14.104 -5.332  9.075   1.00 53.03  ? 62  PRO A N   1 
ATOM   397  C CA  . PRO A 1 62  ? -12.892 -4.576  8.727   1.00 50.99  ? 62  PRO A CA  1 
ATOM   398  C C   . PRO A 1 62  ? -13.147 -3.073  8.655   1.00 53.85  ? 62  PRO A C   1 
ATOM   399  O O   . PRO A 1 62  ? -14.138 -2.615  8.076   1.00 53.90  ? 62  PRO A O   1 
ATOM   400  C CB  . PRO A 1 62  ? -12.491 -5.150  7.361   1.00 47.31  ? 62  PRO A CB  1 
ATOM   401  C CG  . PRO A 1 62  ? -13.733 -5.754  6.823   1.00 50.42  ? 62  PRO A CG  1 
ATOM   402  C CD  . PRO A 1 62  ? -14.525 -6.232  7.995   1.00 50.21  ? 62  PRO A CD  1 
ATOM   403  N N   . THR A 1 63  ? -12.218 -2.300  9.247   1.00 52.32  ? 63  THR A N   1 
ATOM   404  C CA  . THR A 1 63  ? -12.310 -0.838  9.203   1.00 51.23  ? 63  THR A CA  1 
ATOM   405  C C   . THR A 1 63  ? -12.703 -0.325  7.822   1.00 56.41  ? 63  THR A C   1 
ATOM   406  O O   . THR A 1 63  ? -13.670 0.435   7.689   1.00 60.07  ? 63  THR A O   1 
ATOM   407  C CB  . THR A 1 63  ? -10.986 -0.202  9.606   1.00 52.43  ? 63  THR A CB  1 
ATOM   408  O OG1 . THR A 1 63  ? -10.729 -0.452  10.990  1.00 53.22  ? 63  THR A OG1 1 
ATOM   409  C CG2 . THR A 1 63  ? -11.036 1.310   9.357   1.00 52.71  ? 63  THR A CG2 1 
ATOM   410  N N   . ASN A 1 64  ? -11.984 -0.747  6.773   1.00 54.74  ? 64  ASN A N   1 
ATOM   411  C CA  . ASN A 1 64  ? -12.194 -0.186  5.439   1.00 51.31  ? 64  ASN A CA  1 
ATOM   412  C C   . ASN A 1 64  ? -13.552 -0.530  4.829   1.00 50.49  ? 64  ASN A C   1 
ATOM   413  O O   . ASN A 1 64  ? -13.862 -0.029  3.743   1.00 51.76  ? 64  ASN A O   1 
ATOM   414  C CB  . ASN A 1 64  ? -11.068 -0.631  4.499   1.00 53.58  ? 64  ASN A CB  1 
ATOM   415  C CG  . ASN A 1 64  ? -9.715  -0.087  4.918   1.00 53.85  ? 64  ASN A CG  1 
ATOM   416  O OD1 . ASN A 1 64  ? -9.634  0.894   5.669   1.00 53.89  ? 64  ASN A OD1 1 
ATOM   417  N ND2 . ASN A 1 64  ? -8.647  -0.717  4.435   1.00 51.29  ? 64  ASN A ND2 1 
ATOM   418  N N   . LEU A 1 65  ? -14.366 -1.356  5.482   1.00 54.60  ? 65  LEU A N   1 
ATOM   419  C CA  . LEU A 1 65  ? -15.749 -1.572  5.064   1.00 53.91  ? 65  LEU A CA  1 
ATOM   420  C C   . LEU A 1 65  ? -16.744 -0.949  6.038   1.00 58.10  ? 65  LEU A C   1 
ATOM   421  O O   . LEU A 1 65  ? -17.962 -1.148  5.893   1.00 57.54  ? 65  LEU A O   1 
ATOM   422  C CB  . LEU A 1 65  ? -16.046 -3.067  4.920   1.00 47.58  ? 65  LEU A CB  1 
ATOM   423  C CG  . LEU A 1 65  ? -15.168 -3.890  3.981   1.00 49.99  ? 65  LEU A CG  1 
ATOM   424  C CD1 . LEU A 1 65  ? -15.710 -5.314  3.870   1.00 42.81  ? 65  LEU A CD1 1 
ATOM   425  C CD2 . LEU A 1 65  ? -15.076 -3.221  2.615   1.00 49.67  ? 65  LEU A CD2 1 
ATOM   426  N N   . ILE A 1 66  ? -16.257 -0.203  7.034   1.00 55.08  ? 66  ILE A N   1 
ATOM   427  C CA  . ILE A 1 66  ? -17.090 0.240   8.150   1.00 57.05  ? 66  ILE A CA  1 
ATOM   428  C C   . ILE A 1 66  ? -16.992 1.755   8.319   1.00 59.18  ? 66  ILE A C   1 
ATOM   429  O O   . ILE A 1 66  ? -18.005 2.433   8.539   1.00 55.59  ? 66  ILE A O   1 
ATOM   430  C CB  . ILE A 1 66  ? -16.697 -0.506  9.442   1.00 51.88  ? 66  ILE A CB  1 
ATOM   431  C CG1 . ILE A 1 66  ? -17.280 -1.917  9.414   1.00 53.54  ? 66  ILE A CG1 1 
ATOM   432  C CG2 . ILE A 1 66  ? -17.199 0.203   10.676  1.00 53.23  ? 66  ILE A CG2 1 
ATOM   433  C CD1 . ILE A 1 66  ? -18.789 -1.930  9.288   1.00 58.52  ? 66  ILE A CD1 1 
ATOM   434  N N   . TYR A 1 67  ? -15.783 2.296   8.185   1.00 53.50  ? 67  TYR A N   1 
ATOM   435  C CA  . TYR A 1 67  ? -15.532 3.705   8.477   1.00 51.69  ? 67  TYR A CA  1 
ATOM   436  C C   . TYR A 1 67  ? -15.726 4.488   7.193   1.00 56.98  ? 67  TYR A C   1 
ATOM   437  O O   . TYR A 1 67  ? -14.832 4.524   6.346   1.00 59.18  ? 67  TYR A O   1 
ATOM   438  C CB  . TYR A 1 67  ? -14.127 3.884   9.032   1.00 48.32  ? 67  TYR A CB  1 
ATOM   439  C CG  . TYR A 1 67  ? -13.765 5.296   9.380   1.00 56.02  ? 67  TYR A CG  1 
ATOM   440  C CD1 . TYR A 1 67  ? -14.363 5.940   10.458  1.00 58.14  ? 67  TYR A CD1 1 
ATOM   441  C CD2 . TYR A 1 67  ? -12.808 5.990   8.647   1.00 61.11  ? 67  TYR A CD2 1 
ATOM   442  C CE1 . TYR A 1 67  ? -14.029 7.253   10.793  1.00 57.47  ? 67  TYR A CE1 1 
ATOM   443  C CE2 . TYR A 1 67  ? -12.453 7.303   8.980   1.00 61.82  ? 67  TYR A CE2 1 
ATOM   444  C CZ  . TYR A 1 67  ? -13.072 7.931   10.048  1.00 63.26  ? 67  TYR A CZ  1 
ATOM   445  O OH  . TYR A 1 67  ? -12.722 9.227   10.364  1.00 68.67  ? 67  TYR A OH  1 
ATOM   446  N N   . TYR A 1 68  ? -16.890 5.143   7.084   1.00 57.94  ? 68  TYR A N   1 
ATOM   447  C CA  . TYR A 1 68  ? -17.422 5.674   5.816   1.00 53.18  ? 68  TYR A CA  1 
ATOM   448  C C   . TYR A 1 68  ? -16.419 6.446   4.992   1.00 53.68  ? 68  TYR A C   1 
ATOM   449  O O   . TYR A 1 68  ? -16.330 6.164   3.765   1.00 53.33  ? 68  TYR A O   1 
ATOM   450  C CB  . TYR A 1 68  ? -18.660 6.546   6.102   1.00 54.90  ? 68  TYR A CB  1 
ATOM   451  C CG  . TYR A 1 68  ? -19.794 5.830   6.820   1.00 56.21  ? 68  TYR A CG  1 
ATOM   452  C CD1 . TYR A 1 68  ? -20.628 4.948   6.141   1.00 50.78  ? 68  TYR A CD1 1 
ATOM   453  C CD2 . TYR A 1 68  ? -20.031 6.044   8.176   1.00 52.88  ? 68  TYR A CD2 1 
ATOM   454  C CE1 . TYR A 1 68  ? -21.654 4.299   6.791   1.00 49.51  ? 68  TYR A CE1 1 
ATOM   455  C CE2 . TYR A 1 68  ? -21.056 5.394   8.837   1.00 54.64  ? 68  TYR A CE2 1 
ATOM   456  C CZ  . TYR A 1 68  ? -21.864 4.525   8.142   1.00 57.70  ? 68  TYR A CZ  1 
ATOM   457  O OH  . TYR A 1 68  ? -22.882 3.876   8.815   1.00 58.89  ? 68  TYR A OH  1 
ATOM   458  N N   . PRO A 1 69  ? -15.659 7.413   5.490   1.00 53.36  ? 69  PRO A N   1 
ATOM   459  C CA  . PRO A 1 69  ? -14.794 8.206   4.609   1.00 52.06  ? 69  PRO A CA  1 
ATOM   460  C C   . PRO A 1 69  ? -13.742 7.401   3.845   1.00 59.22  ? 69  PRO A C   1 
ATOM   461  O O   . PRO A 1 69  ? -13.347 7.840   2.750   1.00 61.13  ? 69  PRO A O   1 
ATOM   462  C CB  . PRO A 1 69  ? -14.132 9.226   5.546   1.00 57.35  ? 69  PRO A CB  1 
ATOM   463  C CG  . PRO A 1 69  ? -14.512 8.831   6.924   1.00 52.92  ? 69  PRO A CG  1 
ATOM   464  C CD  . PRO A 1 69  ? -15.744 8.013   6.844   1.00 50.46  ? 69  PRO A CD  1 
ATOM   465  N N   . TYR A 1 70  ? -13.268 6.258   4.364   1.00 57.26  ? 70  TYR A N   1 
ATOM   466  C CA  . TYR A 1 70  ? -12.258 5.509   3.618   1.00 53.63  ? 70  TYR A CA  1 
ATOM   467  C C   . TYR A 1 70  ? -12.836 4.902   2.336   1.00 52.03  ? 70  TYR A C   1 
ATOM   468  O O   . TYR A 1 70  ? -12.328 5.208   1.249   1.00 53.28  ? 70  TYR A O   1 
ATOM   469  C CB  . TYR A 1 70  ? -11.617 4.432   4.492   1.00 54.89  ? 70  TYR A CB  1 
ATOM   470  C CG  . TYR A 1 70  ? -10.667 4.958   5.529   1.00 52.84  ? 70  TYR A CG  1 
ATOM   471  C CD1 . TYR A 1 70  ? -10.306 6.293   5.548   1.00 60.62  ? 70  TYR A CD1 1 
ATOM   472  C CD2 . TYR A 1 70  ? -10.111 4.111   6.483   1.00 55.76  ? 70  TYR A CD2 1 
ATOM   473  C CE1 . TYR A 1 70  ? -9.408  6.783   6.510   1.00 63.50  ? 70  TYR A CE1 1 
ATOM   474  C CE2 . TYR A 1 70  ? -9.225  4.584   7.441   1.00 53.39  ? 70  TYR A CE2 1 
ATOM   475  C CZ  . TYR A 1 70  ? -8.876  5.920   7.450   1.00 57.01  ? 70  TYR A CZ  1 
ATOM   476  O OH  . TYR A 1 70  ? -7.994  6.399   8.395   1.00 64.15  ? 70  TYR A OH  1 
ATOM   477  N N   . PRO A 1 71  ? -13.878 4.059   2.384   1.00 51.76  ? 71  PRO A N   1 
ATOM   478  C CA  . PRO A 1 71  ? -14.430 3.554   1.116   1.00 50.51  ? 71  PRO A CA  1 
ATOM   479  C C   . PRO A 1 71  ? -15.045 4.637   0.243   1.00 51.74  ? 71  PRO A C   1 
ATOM   480  O O   . PRO A 1 71  ? -15.023 4.496   -0.988  1.00 51.54  ? 71  PRO A O   1 
ATOM   481  C CB  . PRO A 1 71  ? -15.486 2.535   1.573   1.00 48.46  ? 71  PRO A CB  1 
ATOM   482  C CG  . PRO A 1 71  ? -15.870 2.987   2.909   1.00 47.61  ? 71  PRO A CG  1 
ATOM   483  C CD  . PRO A 1 71  ? -14.603 3.476   3.529   1.00 50.23  ? 71  PRO A CD  1 
ATOM   484  N N   . ILE A 1 72  ? -15.636 5.687   0.831   1.00 50.67  ? 72  ILE A N   1 
ATOM   485  C CA  . ILE A 1 72  ? -16.141 6.807   0.031   1.00 50.12  ? 72  ILE A CA  1 
ATOM   486  C C   . ILE A 1 72  ? -15.010 7.440   -0.771  1.00 52.60  ? 72  ILE A C   1 
ATOM   487  O O   . ILE A 1 72  ? -15.133 7.654   -1.982  1.00 54.97  ? 72  ILE A O   1 
ATOM   488  C CB  . ILE A 1 72  ? -16.837 7.849   0.926   1.00 48.66  ? 72  ILE A CB  1 
ATOM   489  C CG1 . ILE A 1 72  ? -18.159 7.306   1.468   1.00 56.35  ? 72  ILE A CG1 1 
ATOM   490  C CG2 . ILE A 1 72  ? -17.112 9.109   0.145   1.00 50.68  ? 72  ILE A CG2 1 
ATOM   491  C CD1 . ILE A 1 72  ? -18.850 8.269   2.396   1.00 54.58  ? 72  ILE A CD1 1 
ATOM   492  N N   . THR A 1 73  ? -13.888 7.743   -0.110  1.00 48.08  ? 73  THR A N   1 
ATOM   493  C CA  . THR A 1 73  ? -12.748 8.331   -0.804  1.00 55.85  ? 73  THR A CA  1 
ATOM   494  C C   . THR A 1 73  ? -12.269 7.439   -1.946  1.00 54.38  ? 73  THR A C   1 
ATOM   495  O O   . THR A 1 73  ? -12.030 7.920   -3.061  1.00 51.74  ? 73  THR A O   1 
ATOM   496  C CB  . THR A 1 73  ? -11.605 8.587   0.191   1.00 59.13  ? 73  THR A CB  1 
ATOM   497  O OG1 . THR A 1 73  ? -11.955 9.660   1.075   1.00 56.65  ? 73  THR A OG1 1 
ATOM   498  C CG2 . THR A 1 73  ? -10.297 8.919   -0.541  1.00 52.49  ? 73  THR A CG2 1 
ATOM   499  N N   . ALA A 1 74  ? -12.101 6.137   -1.680  1.00 56.45  ? 74  ALA A N   1 
ATOM   500  C CA  . ALA A 1 74  ? -11.584 5.233   -2.704  1.00 55.08  ? 74  ALA A CA  1 
ATOM   501  C C   . ALA A 1 74  ? -12.546 5.136   -3.880  1.00 53.64  ? 74  ALA A C   1 
ATOM   502  O O   . ALA A 1 74  ? -12.109 5.118   -5.039  1.00 53.82  ? 74  ALA A O   1 
ATOM   503  C CB  . ALA A 1 74  ? -11.303 3.844   -2.106  1.00 56.13  ? 74  ALA A CB  1 
ATOM   504  N N   . PHE A 1 75  ? -13.860 5.090   -3.614  1.00 54.10  ? 75  PHE A N   1 
ATOM   505  C CA  . PHE A 1 75  ? -14.834 5.046   -4.711  1.00 54.11  ? 75  PHE A CA  1 
ATOM   506  C C   . PHE A 1 75  ? -14.791 6.312   -5.570  1.00 55.91  ? 75  PHE A C   1 
ATOM   507  O O   . PHE A 1 75  ? -14.776 6.235   -6.807  1.00 57.15  ? 75  PHE A O   1 
ATOM   508  C CB  . PHE A 1 75  ? -16.242 4.834   -4.169  1.00 51.13  ? 75  PHE A CB  1 
ATOM   509  C CG  . PHE A 1 75  ? -17.334 5.161   -5.174  1.00 57.79  ? 75  PHE A CG  1 
ATOM   510  C CD1 . PHE A 1 75  ? -17.776 4.197   -6.073  1.00 64.04  ? 75  PHE A CD1 1 
ATOM   511  C CD2 . PHE A 1 75  ? -17.922 6.425   -5.217  1.00 59.27  ? 75  PHE A CD2 1 
ATOM   512  C CE1 . PHE A 1 75  ? -18.786 4.488   -7.001  1.00 66.51  ? 75  PHE A CE1 1 
ATOM   513  C CE2 . PHE A 1 75  ? -18.932 6.722   -6.147  1.00 62.66  ? 75  PHE A CE2 1 
ATOM   514  C CZ  . PHE A 1 75  ? -19.361 5.752   -7.034  1.00 60.49  ? 75  PHE A CZ  1 
ATOM   515  N N   . LEU A 1 76  ? -14.816 7.490   -4.932  1.00 54.63  ? 76  LEU A N   1 
ATOM   516  C CA  . LEU A 1 76  ? -14.776 8.751   -5.675  1.00 59.11  ? 76  LEU A CA  1 
ATOM   517  C C   . LEU A 1 76  ? -13.460 8.911   -6.437  1.00 63.67  ? 76  LEU A C   1 
ATOM   518  O O   . LEU A 1 76  ? -13.445 9.383   -7.586  1.00 56.34  ? 76  LEU A O   1 
ATOM   519  C CB  . LEU A 1 76  ? -14.961 9.927   -4.715  1.00 59.80  ? 76  LEU A CB  1 
ATOM   520  C CG  . LEU A 1 76  ? -16.268 10.041  -3.925  1.00 62.95  ? 76  LEU A CG  1 
ATOM   521  C CD1 . LEU A 1 76  ? -16.174 11.233  -2.971  1.00 52.05  ? 76  LEU A CD1 1 
ATOM   522  C CD2 . LEU A 1 76  ? -17.433 10.182  -4.896  1.00 59.56  ? 76  LEU A CD2 1 
ATOM   523  N N   . ALA A 1 77  ? -12.336 8.547   -5.799  1.00 56.20  ? 77  ALA A N   1 
ATOM   524  C CA  . ALA A 1 77  ? -11.050 8.617   -6.476  1.00 50.47  ? 77  ALA A CA  1 
ATOM   525  C C   . ALA A 1 77  ? -11.024 7.692   -7.680  1.00 58.16  ? 77  ALA A C   1 
ATOM   526  O O   . ALA A 1 77  ? -10.513 8.069   -8.744  1.00 56.44  ? 77  ALA A O   1 
ATOM   527  C CB  . ALA A 1 77  ? -9.925  8.285   -5.505  1.00 51.67  ? 77  ALA A CB  1 
ATOM   528  N N   . SER A 1 78  ? -11.580 6.482   -7.542  1.00 52.34  ? 78  SER A N   1 
ATOM   529  C CA  . SER A 1 78  ? -11.639 5.587   -8.689  1.00 56.38  ? 78  SER A CA  1 
ATOM   530  C C   . SER A 1 78  ? -12.589 6.118   -9.749  1.00 54.29  ? 78  SER A C   1 
ATOM   531  O O   . SER A 1 78  ? -12.273 6.078   -10.943 1.00 56.07  ? 78  SER A O   1 
ATOM   532  C CB  . SER A 1 78  ? -12.056 4.182   -8.259  1.00 54.76  ? 78  SER A CB  1 
ATOM   533  O OG  . SER A 1 78  ? -10.985 3.557   -7.581  1.00 56.03  ? 78  SER A OG  1 
ATOM   534  N N   . LEU A 1 79  ? -13.764 6.602   -9.334  1.00 54.37  ? 79  LEU A N   1 
ATOM   535  C CA  . LEU A 1 79  ? -14.725 7.164   -10.285 1.00 56.33  ? 79  LEU A CA  1 
ATOM   536  C C   . LEU A 1 79  ? -14.139 8.347   -11.060 1.00 58.00  ? 79  LEU A C   1 
ATOM   537  O O   . LEU A 1 79  ? -14.343 8.456   -12.276 1.00 53.78  ? 79  LEU A O   1 
ATOM   538  C CB  . LEU A 1 79  ? -15.991 7.598   -9.555  1.00 50.38  ? 79  LEU A CB  1 
ATOM   539  C CG  . LEU A 1 79  ? -17.041 8.164   -10.502 1.00 50.30  ? 79  LEU A CG  1 
ATOM   540  C CD1 . LEU A 1 79  ? -17.401 7.110   -11.539 1.00 49.64  ? 79  LEU A CD1 1 
ATOM   541  C CD2 . LEU A 1 79  ? -18.241 8.555   -9.696  1.00 50.25  ? 79  LEU A CD2 1 
ATOM   542  N N   . ALA A 1 80  ? -13.402 9.238   -10.370 1.00 55.93  ? 80  ALA A N   1 
ATOM   543  C CA  . ALA A 1 80  ? -12.799 10.411  -11.003 1.00 55.90  ? 80  ALA A CA  1 
ATOM   544  C C   . ALA A 1 80  ? -11.708 10.025  -11.987 1.00 60.66  ? 80  ALA A C   1 
ATOM   545  O O   . ALA A 1 80  ? -11.540 10.691  -13.015 1.00 62.80  ? 80  ALA A O   1 
ATOM   546  C CB  . ALA A 1 80  ? -12.229 11.354  -9.942  1.00 52.62  ? 80  ALA A CB  1 
ATOM   547  N N   . THR A 1 81  ? -10.944 8.972   -11.678 1.00 60.07  ? 81  THR A N   1 
ATOM   548  C CA  . THR A 1 81  ? -9.962  8.466   -12.626 1.00 60.01  ? 81  THR A CA  1 
ATOM   549  C C   . THR A 1 81  ? -10.642 7.933   -13.882 1.00 63.29  ? 81  THR A C   1 
ATOM   550  O O   . THR A 1 81  ? -10.117 8.088   -14.990 1.00 65.24  ? 81  THR A O   1 
ATOM   551  C CB  . THR A 1 81  ? -9.105  7.383   -11.966 1.00 53.03  ? 81  THR A CB  1 
ATOM   552  O OG1 . THR A 1 81  ? -8.595  7.865   -10.718 1.00 53.09  ? 81  THR A OG1 1 
ATOM   553  C CG2 . THR A 1 81  ? -7.944  7.028   -12.843 1.00 53.81  ? 81  THR A CG2 1 
ATOM   554  N N   . PHE A 1 82  ? -11.822 7.330   -13.738 1.00 56.06  ? 82  PHE A N   1 
ATOM   555  C CA  . PHE A 1 82  ? -12.520 6.833   -14.914 1.00 59.40  ? 82  PHE A CA  1 
ATOM   556  C C   . PHE A 1 82  ? -13.028 7.985   -15.774 1.00 63.31  ? 82  PHE A C   1 
ATOM   557  O O   . PHE A 1 82  ? -12.743 8.042   -16.977 1.00 63.43  ? 82  PHE A O   1 
ATOM   558  C CB  . PHE A 1 82  ? -13.667 5.905   -14.506 1.00 57.24  ? 82  PHE A CB  1 
ATOM   559  C CG  . PHE A 1 82  ? -14.392 5.296   -15.677 1.00 54.30  ? 82  PHE A CG  1 
ATOM   560  C CD1 . PHE A 1 82  ? -15.465 5.960   -16.274 1.00 61.01  ? 82  PHE A CD1 1 
ATOM   561  C CD2 . PHE A 1 82  ? -14.005 4.076   -16.187 1.00 53.33  ? 82  PHE A CD2 1 
ATOM   562  C CE1 . PHE A 1 82  ? -16.138 5.416   -17.354 1.00 53.39  ? 82  PHE A CE1 1 
ATOM   563  C CE2 . PHE A 1 82  ? -14.676 3.516   -17.270 1.00 59.65  ? 82  PHE A CE2 1 
ATOM   564  C CZ  . PHE A 1 82  ? -15.743 4.188   -17.854 1.00 63.47  ? 82  PHE A CZ  1 
ATOM   565  N N   . VAL A 1 83  ? -13.781 8.913   -15.178 1.00 63.17  ? 83  VAL A N   1 
ATOM   566  C CA  . VAL A 1 83  ? -14.379 9.995   -15.960 1.00 64.70  ? 83  VAL A CA  1 
ATOM   567  C C   . VAL A 1 83  ? -13.295 10.837  -16.633 1.00 68.85  ? 83  VAL A C   1 
ATOM   568  O O   . VAL A 1 83  ? -13.397 11.181  -17.819 1.00 64.95  ? 83  VAL A O   1 
ATOM   569  C CB  . VAL A 1 83  ? -15.293 10.858  -15.072 1.00 64.13  ? 83  VAL A CB  1 
ATOM   570  C CG1 . VAL A 1 83  ? -15.801 12.086  -15.854 1.00 62.89  ? 83  VAL A CG1 1 
ATOM   571  C CG2 . VAL A 1 83  ? -16.452 10.029  -14.554 1.00 52.27  ? 83  VAL A CG2 1 
ATOM   572  N N   . PHE A 1 84  ? -12.231 11.160  -15.891 1.00 73.58  ? 84  PHE A N   1 
ATOM   573  C CA  . PHE A 1 84  ? -11.185 12.058  -16.378 1.00 73.68  ? 84  PHE A CA  1 
ATOM   574  C C   . PHE A 1 84  ? -9.885  11.308  -16.627 1.00 74.13  ? 84  PHE A C   1 
ATOM   575  O O   . PHE A 1 84  ? -8.817  11.755  -16.199 1.00 82.79  ? 84  PHE A O   1 
ATOM   576  C CB  . PHE A 1 84  ? -10.942 13.193  -15.379 1.00 66.82  ? 84  PHE A CB  1 
ATOM   577  C CG  . PHE A 1 84  ? -12.183 13.924  -14.988 1.00 67.53  ? 84  PHE A CG  1 
ATOM   578  C CD1 . PHE A 1 84  ? -12.840 14.738  -15.905 1.00 68.62  ? 84  PHE A CD1 1 
ATOM   579  C CD2 . PHE A 1 84  ? -12.703 13.797  -13.710 1.00 66.22  ? 84  PHE A CD2 1 
ATOM   580  C CE1 . PHE A 1 84  ? -13.998 15.415  -15.554 1.00 69.91  ? 84  PHE A CE1 1 
ATOM   581  C CE2 . PHE A 1 84  ? -13.870 14.476  -13.348 1.00 70.86  ? 84  PHE A CE2 1 
ATOM   582  C CZ  . PHE A 1 84  ? -14.514 15.283  -14.270 1.00 70.76  ? 84  PHE A CZ  1 
ATOM   583  N N   . TYR A 1 85  ? -9.954  10.174  -17.324 1.00 73.18  ? 85  TYR A N   1 
ATOM   584  C CA  . TYR A 1 85  ? -8.767  9.348   -17.491 1.00 76.07  ? 85  TYR A CA  1 
ATOM   585  C C   . TYR A 1 85  ? -7.732  9.993   -18.411 1.00 80.80  ? 85  TYR A C   1 
ATOM   586  O O   . TYR A 1 85  ? -6.568  9.577   -18.390 1.00 81.28  ? 85  TYR A O   1 
ATOM   587  C CB  . TYR A 1 85  ? -9.183  7.962   -18.002 1.00 70.59  ? 85  TYR A CB  1 
ATOM   588  C CG  . TYR A 1 85  ? -8.034  7.006   -18.245 1.00 73.10  ? 85  TYR A CG  1 
ATOM   589  C CD1 . TYR A 1 85  ? -7.583  6.142   -17.245 1.00 69.78  ? 85  TYR A CD1 1 
ATOM   590  C CD2 . TYR A 1 85  ? -7.405  6.956   -19.482 1.00 66.11  ? 85  TYR A CD2 1 
ATOM   591  C CE1 . TYR A 1 85  ? -6.538  5.276   -17.476 1.00 65.46  ? 85  TYR A CE1 1 
ATOM   592  C CE2 . TYR A 1 85  ? -6.356  6.108   -19.711 1.00 71.14  ? 85  TYR A CE2 1 
ATOM   593  C CZ  . TYR A 1 85  ? -5.932  5.264   -18.717 1.00 69.10  ? 85  TYR A CZ  1 
ATOM   594  O OH  . TYR A 1 85  ? -4.885  4.422   -18.993 1.00 68.78  ? 85  TYR A OH  1 
ATOM   595  N N   . ARG A 1 86  ? -8.115  11.009  -19.197 1.00 84.46  ? 86  ARG A N   1 
ATOM   596  C CA  . ARG A 1 86  ? -7.164  11.672  -20.095 1.00 93.44  ? 86  ARG A CA  1 
ATOM   597  C C   . ARG A 1 86  ? -6.122  12.480  -19.314 1.00 98.55  ? 86  ARG A C   1 
ATOM   598  O O   . ARG A 1 86  ? -4.919  12.408  -19.599 1.00 102.28 ? 86  ARG A O   1 
ATOM   599  C CB  . ARG A 1 86  ? -7.911  12.573  -21.086 1.00 89.38  ? 86  ARG A CB  1 
ATOM   600  N N   . ILE A 1 87  ? -6.567  13.255  -18.320 1.00 96.31  ? 87  ILE A N   1 
ATOM   601  C CA  . ILE A 1 87  ? -5.650  14.078  -17.538 1.00 90.84  ? 87  ILE A CA  1 
ATOM   602  C C   . ILE A 1 87  ? -4.886  13.262  -16.504 1.00 95.78  ? 87  ILE A C   1 
ATOM   603  O O   . ILE A 1 87  ? -3.717  13.558  -16.238 1.00 103.21 ? 87  ILE A O   1 
ATOM   604  C CB  . ILE A 1 87  ? -6.416  15.206  -16.845 1.00 80.91  ? 87  ILE A CB  1 
ATOM   605  N N   . PHE A 1 88  ? -5.522  12.230  -15.932 1.00 94.97  ? 88  PHE A N   1 
ATOM   606  C CA  . PHE A 1 88  ? -4.940  11.494  -14.810 1.00 90.28  ? 88  PHE A CA  1 
ATOM   607  C C   . PHE A 1 88  ? -3.771  10.616  -15.243 1.00 91.44  ? 88  PHE A C   1 
ATOM   608  O O   . PHE A 1 88  ? -2.836  10.398  -14.463 1.00 93.02  ? 88  PHE A O   1 
ATOM   609  C CB  . PHE A 1 88  ? -6.008  10.632  -14.142 1.00 79.12  ? 88  PHE A CB  1 
ATOM   610  C CG  . PHE A 1 88  ? -6.677  11.276  -12.957 1.00 74.98  ? 88  PHE A CG  1 
ATOM   611  C CD1 . PHE A 1 88  ? -5.941  11.874  -11.949 1.00 76.69  ? 88  PHE A CD1 1 
ATOM   612  C CD2 . PHE A 1 88  ? -8.055  11.266  -12.849 1.00 75.33  ? 88  PHE A CD2 1 
ATOM   613  C CE1 . PHE A 1 88  ? -6.581  12.455  -10.857 1.00 78.56  ? 88  PHE A CE1 1 
ATOM   614  C CE2 . PHE A 1 88  ? -8.693  11.839  -11.765 1.00 73.85  ? 88  PHE A CE2 1 
ATOM   615  C CZ  . PHE A 1 88  ? -7.961  12.435  -10.771 1.00 69.70  ? 88  PHE A CZ  1 
ATOM   616  N N   . THR A 1 89  ? -3.813  10.082  -16.464 1.00 92.20  ? 89  THR A N   1 
ATOM   617  C CA  . THR A 1 89  ? -2.820  9.106   -16.902 1.00 94.69  ? 89  THR A CA  1 
ATOM   618  C C   . THR A 1 89  ? -1.520  9.740   -17.392 1.00 101.46 ? 89  THR A C   1 
ATOM   619  O O   . THR A 1 89  ? -0.597  9.004   -17.768 1.00 104.43 ? 89  THR A O   1 
ATOM   620  C CB  . THR A 1 89  ? -3.399  8.216   -18.005 1.00 89.76  ? 89  THR A CB  1 
ATOM   621  O OG1 . THR A 1 89  ? -2.546  7.080   -18.192 1.00 92.80  ? 89  THR A OG1 1 
ATOM   622  C CG2 . THR A 1 89  ? -3.520  8.992   -19.318 1.00 87.24  ? 89  THR A CG2 1 
ATOM   623  N N   . ASN A 1 90  ? -1.418  11.070  -17.387 1.00 99.87  ? 90  ASN A N   1 
ATOM   624  C CA  . ASN A 1 90  ? -0.209  11.770  -17.811 1.00 98.76  ? 90  ASN A CA  1 
ATOM   625  C C   . ASN A 1 90  ? 0.530   12.416  -16.646 1.00 101.34 ? 90  ASN A C   1 
ATOM   626  O O   . ASN A 1 90  ? 1.526   13.115  -16.864 1.00 102.98 ? 90  ASN A O   1 
ATOM   627  C CB  . ASN A 1 90  ? -0.559  12.813  -18.874 1.00 98.99  ? 90  ASN A CB  1 
ATOM   628  C CG  . ASN A 1 90  ? -1.033  12.177  -20.170 1.00 105.70 ? 90  ASN A CG  1 
ATOM   629  O OD1 . ASN A 1 90  ? -2.225  11.913  -20.350 1.00 104.52 ? 90  ASN A OD1 1 
ATOM   630  N ND2 . ASN A 1 90  ? -0.096  11.918  -21.078 1.00 105.93 ? 90  ASN A ND2 1 
ATOM   631  N N   . VAL A 1 91  ? 0.075   12.187  -15.415 1.00 97.60  ? 91  VAL A N   1 
ATOM   632  C CA  . VAL A 1 91  ? 0.718   12.737  -14.228 1.00 96.08  ? 91  VAL A CA  1 
ATOM   633  C C   . VAL A 1 91  ? 1.614   11.667  -13.612 1.00 94.04  ? 91  VAL A C   1 
ATOM   634  O O   . VAL A 1 91  ? 1.412   11.251  -12.465 1.00 92.20  ? 91  VAL A O   1 
ATOM   635  C CB  . VAL A 1 91  ? -0.338  13.244  -13.227 1.00 93.50  ? 91  VAL A CB  1 
ATOM   636  C CG1 . VAL A 1 91  ? 0.285   14.195  -12.230 1.00 96.70  ? 91  VAL A CG1 1 
ATOM   637  C CG2 . VAL A 1 91  ? -1.478  13.930  -13.963 1.00 94.55  ? 91  VAL A CG2 1 
ATOM   638  N N   . GLY A 1 92  ? 2.616   11.219  -14.369 1.00 90.28  ? 92  GLY A N   1 
ATOM   639  C CA  . GLY A 1 92  ? 3.444   10.093  -13.974 1.00 81.78  ? 92  GLY A CA  1 
ATOM   640  C C   . GLY A 1 92  ? 4.245   10.260  -12.696 1.00 79.64  ? 92  GLY A C   1 
ATOM   641  O O   . GLY A 1 92  ? 4.049   9.506   -11.734 1.00 77.38  ? 92  GLY A O   1 
ATOM   642  N N   . LYS A 1 93  ? 5.170   11.222  -12.677 1.00 79.21  ? 93  LYS A N   1 
ATOM   643  C CA  . LYS A 1 93  ? 6.032   11.391  -11.508 1.00 74.00  ? 93  LYS A CA  1 
ATOM   644  C C   . LYS A 1 93  ? 5.268   11.789  -10.248 1.00 71.17  ? 93  LYS A C   1 
ATOM   645  O O   . LYS A 1 93  ? 5.595   11.263  -9.174  1.00 69.81  ? 93  LYS A O   1 
ATOM   646  C CB  . LYS A 1 93  ? 7.141   12.409  -11.815 1.00 78.97  ? 93  LYS A CB  1 
ATOM   647  C CG  . LYS A 1 93  ? 8.182   12.553  -10.715 1.00 80.58  ? 93  LYS A CG  1 
ATOM   648  C CD  . LYS A 1 93  ? 9.157   13.703  -10.985 1.00 95.01  ? 93  LYS A CD  1 
ATOM   649  C CE  . LYS A 1 93  ? 10.222  13.788  -9.891  1.00 94.80  ? 93  LYS A CE  1 
ATOM   650  N NZ  . LYS A 1 93  ? 11.189  14.903  -10.114 1.00 104.91 ? 93  LYS A NZ  1 
ATOM   651  N N   . PRO A 1 94  ? 4.285   12.690  -10.293 1.00 69.20  ? 94  PRO A N   1 
ATOM   652  C CA  . PRO A 1 94  ? 3.571   13.008  -9.047  1.00 70.97  ? 94  PRO A CA  1 
ATOM   653  C C   . PRO A 1 94  ? 2.837   11.825  -8.437  1.00 67.95  ? 94  PRO A C   1 
ATOM   654  O O   . PRO A 1 94  ? 2.867   11.671  -7.208  1.00 61.27  ? 94  PRO A O   1 
ATOM   655  C CB  . PRO A 1 94  ? 2.609   14.118  -9.486  1.00 79.93  ? 94  PRO A CB  1 
ATOM   656  C CG  . PRO A 1 94  ? 3.317   14.764  -10.632 1.00 81.32  ? 94  PRO A CG  1 
ATOM   657  C CD  . PRO A 1 94  ? 3.912   13.617  -11.375 1.00 73.06  ? 94  PRO A CD  1 
ATOM   658  N N   . LEU A 1 95  ? 2.176   10.983  -9.244  1.00 67.25  ? 95  LEU A N   1 
ATOM   659  C CA  . LEU A 1 95  ? 1.492   9.813   -8.685  1.00 68.70  ? 95  LEU A CA  1 
ATOM   660  C C   . LEU A 1 95  ? 2.471   8.830   -8.045  1.00 64.57  ? 95  LEU A C   1 
ATOM   661  O O   . LEU A 1 95  ? 2.149   8.228   -7.014  1.00 60.37  ? 95  LEU A O   1 
ATOM   662  C CB  . LEU A 1 95  ? 0.665   9.097   -9.760  1.00 66.97  ? 95  LEU A CB  1 
ATOM   663  C CG  . LEU A 1 95  ? -0.155  7.901   -9.252  1.00 69.32  ? 95  LEU A CG  1 
ATOM   664  C CD1 . LEU A 1 95  ? -1.309  8.356   -8.358  1.00 65.35  ? 95  LEU A CD1 1 
ATOM   665  C CD2 . LEU A 1 95  ? -0.667  7.023   -10.390 1.00 62.09  ? 95  LEU A CD2 1 
ATOM   666  N N   . LEU A 1 96  ? 3.654   8.647   -8.643  1.00 61.70  ? 96  LEU A N   1 
ATOM   667  C CA  . LEU A 1 96  ? 4.687   7.804   -8.038  1.00 61.76  ? 96  LEU A CA  1 
ATOM   668  C C   . LEU A 1 96  ? 5.036   8.268   -6.629  1.00 62.58  ? 96  LEU A C   1 
ATOM   669  O O   . LEU A 1 96  ? 5.218   7.446   -5.717  1.00 58.25  ? 96  LEU A O   1 
ATOM   670  C CB  . LEU A 1 96  ? 5.944   7.815   -8.908  1.00 66.89  ? 96  LEU A CB  1 
ATOM   671  C CG  . LEU A 1 96  ? 6.099   6.742   -9.976  1.00 67.27  ? 96  LEU A CG  1 
ATOM   672  C CD1 . LEU A 1 96  ? 7.428   6.928   -10.664 1.00 71.42  ? 96  LEU A CD1 1 
ATOM   673  C CD2 . LEU A 1 96  ? 6.033   5.391   -9.324  1.00 71.71  ? 96  LEU A CD2 1 
ATOM   674  N N   . TYR A 1 97  ? 5.170   9.581   -6.439  1.00 60.94  ? 97  TYR A N   1 
ATOM   675  C CA  . TYR A 1 97  ? 5.541   10.090  -5.125  1.00 63.85  ? 97  TYR A CA  1 
ATOM   676  C C   . TYR A 1 97  ? 4.373   9.992   -4.146  1.00 57.97  ? 97  TYR A C   1 
ATOM   677  O O   . TYR A 1 97  ? 4.570   9.621   -2.980  1.00 53.77  ? 97  TYR A O   1 
ATOM   678  C CB  . TYR A 1 97  ? 6.087   11.525  -5.255  1.00 63.98  ? 97  TYR A CB  1 
ATOM   679  C CG  . TYR A 1 97  ? 7.576   11.561  -5.594  1.00 64.10  ? 97  TYR A CG  1 
ATOM   680  C CD1 . TYR A 1 97  ? 8.018   11.506  -6.914  1.00 62.17  ? 97  TYR A CD1 1 
ATOM   681  C CD2 . TYR A 1 97  ? 8.533   11.620  -4.588  1.00 64.39  ? 97  TYR A CD2 1 
ATOM   682  C CE1 . TYR A 1 97  ? 9.375   11.519  -7.219  1.00 68.51  ? 97  TYR A CE1 1 
ATOM   683  C CE2 . TYR A 1 97  ? 9.890   11.635  -4.882  1.00 73.48  ? 97  TYR A CE2 1 
ATOM   684  C CZ  . TYR A 1 97  ? 10.304  11.586  -6.197  1.00 76.57  ? 97  TYR A CZ  1 
ATOM   685  O OH  . TYR A 1 97  ? 11.648  11.603  -6.484  1.00 78.09  ? 97  TYR A OH  1 
ATOM   686  N N   . ALA A 1 98  ? 3.151   10.266  -4.610  1.00 53.30  ? 98  ALA A N   1 
ATOM   687  C CA  . ALA A 1 98  ? 1.978   10.039  -3.772  1.00 54.28  ? 98  ALA A CA  1 
ATOM   688  C C   . ALA A 1 98  ? 1.859   8.569   -3.388  1.00 55.08  ? 98  ALA A C   1 
ATOM   689  O O   . ALA A 1 98  ? 1.521   8.250   -2.242  1.00 53.96  ? 98  ALA A O   1 
ATOM   690  C CB  . ALA A 1 98  ? 0.715   10.527  -4.486  1.00 49.11  ? 98  ALA A CB  1 
ATOM   691  N N   . ASP A 1 99  ? 2.148   7.662   -4.331  1.00 52.28  ? 99  ASP A N   1 
ATOM   692  C CA  . ASP A 1 99  ? 2.152   6.242   -4.008  1.00 54.57  ? 99  ASP A CA  1 
ATOM   693  C C   . ASP A 1 99  ? 3.138   5.956   -2.892  1.00 56.04  ? 99  ASP A C   1 
ATOM   694  O O   . ASP A 1 99  ? 2.858   5.153   -1.996  1.00 58.65  ? 99  ASP A O   1 
ATOM   695  C CB  . ASP A 1 99  ? 2.517   5.400   -5.236  1.00 60.53  ? 99  ASP A CB  1 
ATOM   696  C CG  . ASP A 1 99  ? 1.397   5.311   -6.254  1.00 64.01  ? 99  ASP A CG  1 
ATOM   697  O OD1 . ASP A 1 99  ? 0.201   5.415   -5.879  1.00 63.41  ? 99  ASP A OD1 1 
ATOM   698  O OD2 . ASP A 1 99  ? 1.730   5.115   -7.442  1.00 66.50  ? 99  ASP A OD2 1 
ATOM   699  N N   . ALA A 1 100 ? 4.316   6.585   -2.948  1.00 58.73  ? 100 ALA A N   1 
ATOM   700  C CA  . ALA A 1 100 ? 5.310   6.364   -1.902  1.00 56.42  ? 100 ALA A CA  1 
ATOM   701  C C   . ALA A 1 100 ? 4.808   6.877   -0.563  1.00 57.17  ? 100 ALA A C   1 
ATOM   702  O O   . ALA A 1 100 ? 5.154   6.317   0.489   1.00 52.56  ? 100 ALA A O   1 
ATOM   703  C CB  . ALA A 1 100 ? 6.635   7.026   -2.275  1.00 52.40  ? 100 ALA A CB  1 
ATOM   704  N N   . ILE A 1 101 ? 3.966   7.913   -0.591  1.00 54.52  ? 101 ILE A N   1 
ATOM   705  C CA  . ILE A 1 101 ? 3.376   8.419   0.641   1.00 58.04  ? 101 ILE A CA  1 
ATOM   706  C C   . ILE A 1 101 ? 2.407   7.396   1.218   1.00 58.22  ? 101 ILE A C   1 
ATOM   707  O O   . ILE A 1 101 ? 2.472   7.067   2.408   1.00 57.79  ? 101 ILE A O   1 
ATOM   708  C CB  . ILE A 1 101 ? 2.696   9.777   0.397   1.00 57.83  ? 101 ILE A CB  1 
ATOM   709  C CG1 . ILE A 1 101 ? 3.753   10.879  0.268   1.00 59.60  ? 101 ILE A CG1 1 
ATOM   710  C CG2 . ILE A 1 101 ? 1.709   10.114  1.532   1.00 56.19  ? 101 ILE A CG2 1 
ATOM   711  C CD1 . ILE A 1 101 ? 3.169   12.243  -0.032  1.00 62.24  ? 101 ILE A CD1 1 
ATOM   712  N N   . GLY A 1 102 ? 1.500   6.873   0.385   1.00 57.06  ? 102 GLY A N   1 
ATOM   713  C CA  . GLY A 1 102 ? 0.602   5.823   0.841   1.00 53.11  ? 102 GLY A CA  1 
ATOM   714  C C   . GLY A 1 102 ? 1.319   4.582   1.337   1.00 54.88  ? 102 GLY A C   1 
ATOM   715  O O   . GLY A 1 102 ? 0.928   4.002   2.360   1.00 53.62  ? 102 GLY A O   1 
ATOM   716  N N   . LEU A 1 103 ? 2.380   4.165   0.636   1.00 52.34  ? 103 LEU A N   1 
ATOM   717  C CA  . LEU A 1 103 ? 3.179   3.033   1.090   1.00 52.67  ? 103 LEU A CA  1 
ATOM   718  C C   . LEU A 1 103 ? 3.667   3.238   2.524   1.00 55.74  ? 103 LEU A C   1 
ATOM   719  O O   . LEU A 1 103 ? 3.542   2.332   3.364   1.00 54.06  ? 103 LEU A O   1 
ATOM   720  C CB  . LEU A 1 103 ? 4.355   2.825   0.136   1.00 52.16  ? 103 LEU A CB  1 
ATOM   721  C CG  . LEU A 1 103 ? 5.162   1.524   0.240   1.00 61.91  ? 103 LEU A CG  1 
ATOM   722  C CD1 . LEU A 1 103 ? 4.252   0.314   0.050   1.00 57.79  ? 103 LEU A CD1 1 
ATOM   723  C CD2 . LEU A 1 103 ? 6.282   1.534   -0.791  1.00 60.00  ? 103 LEU A CD2 1 
ATOM   724  N N   . GLY A 1 104 ? 4.209   4.432   2.825   1.00 54.58  ? 104 GLY A N   1 
ATOM   725  C CA  . GLY A 1 104 ? 4.705   4.716   4.166   1.00 50.67  ? 104 GLY A CA  1 
ATOM   726  C C   . GLY A 1 104 ? 3.628   4.872   5.219   1.00 49.86  ? 104 GLY A C   1 
ATOM   727  O O   . GLY A 1 104 ? 3.808   4.433   6.358   1.00 49.37  ? 104 GLY A O   1 
ATOM   728  N N   . ALA A 1 105 ? 2.505   5.495   4.870   1.00 50.65  ? 105 ALA A N   1 
ATOM   729  C CA  . ALA A 1 105 ? 1.396   5.569   5.811   1.00 54.34  ? 105 ALA A CA  1 
ATOM   730  C C   . ALA A 1 105 ? 0.797   4.188   6.076   1.00 57.36  ? 105 ALA A C   1 
ATOM   731  O O   . ALA A 1 105 ? 0.484   3.848   7.225   1.00 53.95  ? 105 ALA A O   1 
ATOM   732  C CB  . ALA A 1 105 ? 0.329   6.527   5.281   1.00 60.88  ? 105 ALA A CB  1 
ATOM   733  N N   . PHE A 1 106 ? 0.629   3.376   5.028   1.00 53.69  ? 106 PHE A N   1 
ATOM   734  C CA  . PHE A 1 106 ? -0.023  2.081   5.206   1.00 57.56  ? 106 PHE A CA  1 
ATOM   735  C C   . PHE A 1 106 ? 0.868   1.076   5.934   1.00 53.65  ? 106 PHE A C   1 
ATOM   736  O O   . PHE A 1 106 ? 0.370   0.306   6.767   1.00 52.26  ? 106 PHE A O   1 
ATOM   737  C CB  . PHE A 1 106 ? -0.468  1.528   3.848   1.00 51.70  ? 106 PHE A CB  1 
ATOM   738  C CG  . PHE A 1 106 ? -1.551  2.343   3.190   1.00 52.40  ? 106 PHE A CG  1 
ATOM   739  C CD1 . PHE A 1 106 ? -2.176  3.359   3.879   1.00 46.95  ? 106 PHE A CD1 1 
ATOM   740  C CD2 . PHE A 1 106 ? -1.944  2.078   1.892   1.00 54.23  ? 106 PHE A CD2 1 
ATOM   741  C CE1 . PHE A 1 106 ? -3.145  4.099   3.292   1.00 54.99  ? 106 PHE A CE1 1 
ATOM   742  C CE2 . PHE A 1 106 ? -2.931  2.818   1.289   1.00 55.17  ? 106 PHE A CE2 1 
ATOM   743  C CZ  . PHE A 1 106 ? -3.533  3.831   1.984   1.00 52.55  ? 106 PHE A CZ  1 
ATOM   744  N N   . ALA A 1 107 ? 2.176   1.072   5.659   1.00 51.63  ? 107 ALA A N   1 
ATOM   745  C CA  . ALA A 1 107 ? 3.068   0.178   6.395   1.00 51.47  ? 107 ALA A CA  1 
ATOM   746  C C   . ALA A 1 107 ? 3.087   0.520   7.886   1.00 54.65  ? 107 ALA A C   1 
ATOM   747  O O   . ALA A 1 107 ? 2.993   -0.378  8.734   1.00 53.45  ? 107 ALA A O   1 
ATOM   748  C CB  . ALA A 1 107 ? 4.474   0.246   5.813   1.00 46.20  ? 107 ALA A CB  1 
ATOM   749  N N   . SER A 1 108 ? 3.192   1.818   8.215   1.00 59.01  ? 108 SER A N   1 
ATOM   750  C CA  . SER A 1 108 ? 3.173   2.276   9.605   1.00 53.59  ? 108 SER A CA  1 
ATOM   751  C C   . SER A 1 108 ? 1.892   1.876   10.311  1.00 54.35  ? 108 SER A C   1 
ATOM   752  O O   . SER A 1 108 ? 1.945   1.285   11.395  1.00 50.49  ? 108 SER A O   1 
ATOM   753  C CB  . SER A 1 108 ? 3.327   3.794   9.660   1.00 51.84  ? 108 SER A CB  1 
ATOM   754  O OG  . SER A 1 108 ? 4.691   4.139   9.591   1.00 62.62  ? 108 SER A OG  1 
ATOM   755  N N   . SER A 1 109 ? 0.735   2.245   9.729   1.00 55.12  ? 109 SER A N   1 
ATOM   756  C CA  . SER A 1 109 ? -0.573  1.943   10.313  1.00 56.28  ? 109 SER A CA  1 
ATOM   757  C C   . SER A 1 109 ? -0.701  0.470   10.651  1.00 54.31  ? 109 SER A C   1 
ATOM   758  O O   . SER A 1 109 ? -0.986  0.107   11.803  1.00 52.03  ? 109 SER A O   1 
ATOM   759  C CB  . SER A 1 109 ? -1.696  2.332   9.353   1.00 50.26  ? 109 SER A CB  1 
ATOM   760  O OG  . SER A 1 109 ? -1.727  3.715   9.117   1.00 69.88  ? 109 SER A OG  1 
ATOM   761  N N   . GLY A 1 110 ? -0.500  -0.391  9.648   1.00 48.85  ? 110 GLY A N   1 
ATOM   762  C CA  . GLY A 1 110 ? -0.696  -1.811  9.854   1.00 47.88  ? 110 GLY A CA  1 
ATOM   763  C C   . GLY A 1 110 ? 0.303   -2.425  10.821  1.00 52.62  ? 110 GLY A C   1 
ATOM   764  O O   . GLY A 1 110 ? -0.030  -3.365  11.550  1.00 54.38  ? 110 GLY A O   1 
ATOM   765  N N   . ALA A 1 111 ? 1.545   -1.928  10.817  1.00 52.61  ? 111 ALA A N   1 
ATOM   766  C CA  . ALA A 1 111 ? 2.507   -2.404  11.811  1.00 53.80  ? 111 ALA A CA  1 
ATOM   767  C C   . ALA A 1 111 ? 2.051   -2.037  13.222  1.00 57.15  ? 111 ALA A C   1 
ATOM   768  O O   . ALA A 1 111 ? 2.189   -2.841  14.156  1.00 53.96  ? 111 ALA A O   1 
ATOM   769  C CB  . ALA A 1 111 ? 3.894   -1.828  11.517  1.00 55.69  ? 111 ALA A CB  1 
ATOM   770  N N   . SER A 1 112 ? 1.480   -0.834  13.367  1.00 56.78  ? 112 SER A N   1 
ATOM   771  C CA  . SER A 1 112 ? 0.877   -0.377  14.614  1.00 57.60  ? 112 SER A CA  1 
ATOM   772  C C   . SER A 1 112 ? -0.251  -1.300  15.066  1.00 54.00  ? 112 SER A C   1 
ATOM   773  O O   . SER A 1 112 ? -0.275  -1.747  16.219  1.00 56.33  ? 112 SER A O   1 
ATOM   774  C CB  . SER A 1 112 ? 0.365   1.056   14.418  1.00 58.54  ? 112 SER A CB  1 
ATOM   775  O OG  . SER A 1 112 ? -0.077  1.634   15.630  1.00 58.96  ? 112 SER A OG  1 
ATOM   776  N N   . LEU A 1 113 ? -1.199  -1.588  14.177  1.00 51.82  ? 113 LEU A N   1 
ATOM   777  C CA  . LEU A 1 113 ? -2.301  -2.476  14.532  1.00 55.39  ? 113 LEU A CA  1 
ATOM   778  C C   . LEU A 1 113 ? -1.801  -3.876  14.890  1.00 55.67  ? 113 LEU A C   1 
ATOM   779  O O   . LEU A 1 113 ? -2.226  -4.460  15.896  1.00 53.84  ? 113 LEU A O   1 
ATOM   780  C CB  . LEU A 1 113 ? -3.314  -2.534  13.387  1.00 54.26  ? 113 LEU A CB  1 
ATOM   781  C CG  . LEU A 1 113 ? -4.586  -3.339  13.658  1.00 61.75  ? 113 LEU A CG  1 
ATOM   782  C CD1 . LEU A 1 113 ? -5.423  -2.680  14.740  1.00 59.02  ? 113 LEU A CD1 1 
ATOM   783  C CD2 . LEU A 1 113 ? -5.402  -3.509  12.388  1.00 55.54  ? 113 LEU A CD2 1 
ATOM   784  N N   . ALA A 1 114 ? -0.899  -4.434  14.083  1.00 52.47  ? 114 ALA A N   1 
ATOM   785  C CA  . ALA A 1 114 ? -0.356  -5.737  14.427  1.00 48.76  ? 114 ALA A CA  1 
ATOM   786  C C   . ALA A 1 114 ? 0.313   -5.713  15.799  1.00 55.92  ? 114 ALA A C   1 
ATOM   787  O O   . ALA A 1 114 ? 0.054   -6.599  16.622  1.00 61.03  ? 114 ALA A O   1 
ATOM   788  C CB  . ALA A 1 114 ? 0.606   -6.197  13.336  1.00 44.18  ? 114 ALA A CB  1 
ATOM   789  N N   . TYR A 1 115 ? 1.144   -4.695  16.081  1.00 62.31  ? 115 TYR A N   1 
ATOM   790  C CA  . TYR A 1 115 ? 1.848   -4.617  17.369  1.00 63.04  ? 115 TYR A CA  1 
ATOM   791  C C   . TYR A 1 115 ? 0.886   -4.633  18.551  1.00 61.01  ? 115 TYR A C   1 
ATOM   792  O O   . TYR A 1 115 ? 1.139   -5.329  19.542  1.00 61.93  ? 115 TYR A O   1 
ATOM   793  C CB  . TYR A 1 115 ? 2.714   -3.355  17.431  1.00 63.08  ? 115 TYR A CB  1 
ATOM   794  C CG  . TYR A 1 115 ? 3.715   -3.314  18.572  1.00 62.98  ? 115 TYR A CG  1 
ATOM   795  C CD1 . TYR A 1 115 ? 3.458   -2.595  19.740  1.00 61.20  ? 115 TYR A CD1 1 
ATOM   796  C CD2 . TYR A 1 115 ? 4.923   -3.984  18.476  1.00 63.88  ? 115 TYR A CD2 1 
ATOM   797  C CE1 . TYR A 1 115 ? 4.388   -2.559  20.787  1.00 63.16  ? 115 TYR A CE1 1 
ATOM   798  C CE2 . TYR A 1 115 ? 5.862   -3.952  19.518  1.00 66.47  ? 115 TYR A CE2 1 
ATOM   799  C CZ  . TYR A 1 115 ? 5.590   -3.239  20.669  1.00 62.00  ? 115 TYR A CZ  1 
ATOM   800  O OH  . TYR A 1 115 ? 6.523   -3.212  21.685  1.00 61.66  ? 115 TYR A OH  1 
ATOM   801  N N   . SER A 1 116 ? -0.224  -3.893  18.464  1.00 57.66  ? 116 SER A N   1 
ATOM   802  C CA  . SER A 1 116 ? -1.173  -3.866  19.566  1.00 55.72  ? 116 SER A CA  1 
ATOM   803  C C   . SER A 1 116 ? -1.828  -5.215  19.810  1.00 60.81  ? 116 SER A C   1 
ATOM   804  O O   . SER A 1 116 ? -2.425  -5.400  20.874  1.00 64.87  ? 116 SER A O   1 
ATOM   805  C CB  . SER A 1 116 ? -2.250  -2.817  19.314  1.00 56.67  ? 116 SER A CB  1 
ATOM   806  O OG  . SER A 1 116 ? -3.138  -3.235  18.299  1.00 62.62  ? 116 SER A OG  1 
ATOM   807  N N   . VAL A 1 117 ? -1.737  -6.153  18.862  1.00 59.38  ? 117 VAL A N   1 
ATOM   808  C CA  . VAL A 1 117 ? -2.271  -7.506  19.054  1.00 63.27  ? 117 VAL A CA  1 
ATOM   809  C C   . VAL A 1 117 ? -1.212  -8.462  19.624  1.00 62.89  ? 117 VAL A C   1 
ATOM   810  O O   . VAL A 1 117 ? -1.496  -9.230  20.549  1.00 59.73  ? 117 VAL A O   1 
ATOM   811  C CB  . VAL A 1 117 ? -2.860  -8.033  17.728  1.00 56.74  ? 117 VAL A CB  1 
ATOM   812  C CG1 . VAL A 1 117 ? -3.300  -9.462  17.877  1.00 50.23  ? 117 VAL A CG1 1 
ATOM   813  C CG2 . VAL A 1 117 ? -4.027  -7.160  17.294  1.00 63.13  ? 117 VAL A CG2 1 
ATOM   814  N N   . SER A 1 118 ? 0.008   -8.462  19.076  1.00 59.04  ? 118 SER A N   1 
ATOM   815  C CA  . SER A 1 118 ? 1.122   -9.193  19.663  1.00 56.45  ? 118 SER A CA  1 
ATOM   816  C C   . SER A 1 118 ? 2.398   -8.392  19.505  1.00 61.18  ? 118 SER A C   1 
ATOM   817  O O   . SER A 1 118 ? 2.672   -7.840  18.434  1.00 62.36  ? 118 SER A O   1 
ATOM   818  C CB  . SER A 1 118 ? 1.336   -10.576 19.032  1.00 54.58  ? 118 SER A CB  1 
ATOM   819  O OG  . SER A 1 118 ? 0.454   -11.527 19.591  1.00 64.34  ? 118 SER A OG  1 
ATOM   820  N N   . ASN A 1 119 ? 3.173   -8.354  20.587  1.00 65.91  ? 119 ASN A N   1 
ATOM   821  C CA  . ASN A 1 119 ? 4.551   -7.864  20.606  1.00 62.31  ? 119 ASN A CA  1 
ATOM   822  C C   . ASN A 1 119 ? 5.440   -8.922  19.945  1.00 62.74  ? 119 ASN A C   1 
ATOM   823  O O   . ASN A 1 119 ? 6.151   -9.682  20.603  1.00 70.77  ? 119 ASN A O   1 
ATOM   824  C CB  . ASN A 1 119 ? 4.951   -7.588  22.056  1.00 64.77  ? 119 ASN A CB  1 
ATOM   825  C CG  . ASN A 1 119 ? 6.389   -7.114  22.214  1.00 81.06  ? 119 ASN A CG  1 
ATOM   826  O OD1 . ASN A 1 119 ? 7.027   -6.671  21.255  1.00 83.79  ? 119 ASN A OD1 1 
ATOM   827  N ND2 . ASN A 1 119 ? 6.903   -7.190  23.448  1.00 73.78  ? 119 ASN A ND2 1 
ATOM   828  N N   . ASN A 1 120 ? 5.378   -8.986  18.611  1.00 60.46  ? 120 ASN A N   1 
ATOM   829  C CA  . ASN A 1 120 ? 5.993   -10.097 17.876  1.00 58.20  ? 120 ASN A CA  1 
ATOM   830  C C   . ASN A 1 120 ? 6.525   -9.595  16.540  1.00 54.02  ? 120 ASN A C   1 
ATOM   831  O O   . ASN A 1 120 ? 5.748   -9.124  15.704  1.00 61.27  ? 120 ASN A O   1 
ATOM   832  C CB  . ASN A 1 120 ? 4.965   -11.227 17.676  1.00 55.74  ? 120 ASN A CB  1 
ATOM   833  C CG  . ASN A 1 120 ? 5.527   -12.439 16.952  1.00 54.16  ? 120 ASN A CG  1 
ATOM   834  O OD1 . ASN A 1 120 ? 6.195   -12.324 15.918  1.00 56.02  ? 120 ASN A OD1 1 
ATOM   835  N ND2 . ASN A 1 120 ? 5.235   -13.617 17.481  1.00 51.70  ? 120 ASN A ND2 1 
ATOM   836  N N   . VAL A 1 121 ? 7.835   -9.743  16.320  1.00 51.90  ? 121 VAL A N   1 
ATOM   837  C CA  . VAL A 1 121 ? 8.491   -9.070  15.198  1.00 53.87  ? 121 VAL A CA  1 
ATOM   838  C C   . VAL A 1 121 ? 8.024   -9.651  13.869  1.00 52.23  ? 121 VAL A C   1 
ATOM   839  O O   . VAL A 1 121 ? 7.885   -8.925  12.876  1.00 52.85  ? 121 VAL A O   1 
ATOM   840  C CB  . VAL A 1 121 ? 10.031  -9.132  15.337  1.00 48.69  ? 121 VAL A CB  1 
ATOM   841  C CG1 . VAL A 1 121 ? 10.531  -10.571 15.352  1.00 55.63  ? 121 VAL A CG1 1 
ATOM   842  C CG2 . VAL A 1 121 ? 10.709  -8.372  14.206  1.00 47.57  ? 121 VAL A CG2 1 
ATOM   843  N N   . ILE A 1 122 ? 7.769   -10.961 13.823  1.00 53.49  ? 122 ILE A N   1 
ATOM   844  C CA  . ILE A 1 122 ? 7.390   -11.589 12.563  1.00 51.79  ? 122 ILE A CA  1 
ATOM   845  C C   . ILE A 1 122 ? 5.988   -11.156 12.156  1.00 56.75  ? 122 ILE A C   1 
ATOM   846  O O   . ILE A 1 122 ? 5.763   -10.730 11.014  1.00 57.26  ? 122 ILE A O   1 
ATOM   847  C CB  . ILE A 1 122 ? 7.519   -13.122 12.668  1.00 52.79  ? 122 ILE A CB  1 
ATOM   848  C CG1 . ILE A 1 122 ? 8.994   -13.513 12.744  1.00 53.29  ? 122 ILE A CG1 1 
ATOM   849  C CG2 . ILE A 1 122 ? 6.822   -13.825 11.478  1.00 54.11  ? 122 ILE A CG2 1 
ATOM   850  C CD1 . ILE A 1 122 ? 9.227   -14.979 12.903  1.00 57.04  ? 122 ILE A CD1 1 
ATOM   851  N N   . LEU A 1 123 ? 5.031   -11.230 13.088  1.00 57.52  ? 123 LEU A N   1 
ATOM   852  C CA  . LEU A 1 123 ? 3.668   -10.776 12.818  1.00 53.85  ? 123 LEU A CA  1 
ATOM   853  C C   . LEU A 1 123 ? 3.645   -9.300  12.417  1.00 55.26  ? 123 LEU A C   1 
ATOM   854  O O   . LEU A 1 123 ? 2.938   -8.909  11.473  1.00 46.46  ? 123 LEU A O   1 
ATOM   855  C CB  . LEU A 1 123 ? 2.799   -11.008 14.056  1.00 49.63  ? 123 LEU A CB  1 
ATOM   856  C CG  . LEU A 1 123 ? 1.335   -10.592 13.903  1.00 60.96  ? 123 LEU A CG  1 
ATOM   857  C CD1 . LEU A 1 123 ? 0.578   -11.632 13.083  1.00 53.80  ? 123 LEU A CD1 1 
ATOM   858  C CD2 . LEU A 1 123 ? 0.677   -10.360 15.261  1.00 56.80  ? 123 LEU A CD2 1 
ATOM   859  N N   . VAL A 1 124 ? 4.413   -8.462  13.117  1.00 54.23  ? 124 VAL A N   1 
ATOM   860  C CA  . VAL A 1 124 ? 4.337   -7.034  12.847  1.00 47.92  ? 124 VAL A CA  1 
ATOM   861  C C   . VAL A 1 124 ? 4.929   -6.714  11.484  1.00 48.45  ? 124 VAL A C   1 
ATOM   862  O O   . VAL A 1 124 ? 4.341   -5.958  10.710  1.00 52.56  ? 124 VAL A O   1 
ATOM   863  C CB  . VAL A 1 124 ? 5.019   -6.236  13.970  1.00 53.92  ? 124 VAL A CB  1 
ATOM   864  C CG1 . VAL A 1 124 ? 5.148   -4.753  13.569  1.00 49.01  ? 124 VAL A CG1 1 
ATOM   865  C CG2 . VAL A 1 124 ? 4.211   -6.364  15.251  1.00 52.04  ? 124 VAL A CG2 1 
ATOM   866  N N   . VAL A 1 125 ? 6.078   -7.295  11.148  1.00 49.93  ? 125 VAL A N   1 
ATOM   867  C CA  . VAL A 1 125 ? 6.698   -7.005  9.855   1.00 48.79  ? 125 VAL A CA  1 
ATOM   868  C C   . VAL A 1 125 ? 5.819   -7.508  8.709   1.00 46.93  ? 125 VAL A C   1 
ATOM   869  O O   . VAL A 1 125 ? 5.534   -6.769  7.761   1.00 50.10  ? 125 VAL A O   1 
ATOM   870  C CB  . VAL A 1 125 ? 8.119   -7.599  9.800   1.00 51.09  ? 125 VAL A CB  1 
ATOM   871  C CG1 . VAL A 1 125 ? 8.581   -7.706  8.373   1.00 52.94  ? 125 VAL A CG1 1 
ATOM   872  C CG2 . VAL A 1 125 ? 9.083   -6.742  10.614  1.00 50.80  ? 125 VAL A CG2 1 
ATOM   873  N N   . ILE A 1 126 ? 5.369   -8.764  8.774   1.00 48.43  ? 126 ILE A N   1 
ATOM   874  C CA  . ILE A 1 126 ? 4.551   -9.307  7.689   1.00 47.31  ? 126 ILE A CA  1 
ATOM   875  C C   . ILE A 1 126 ? 3.229   -8.555  7.578   1.00 48.83  ? 126 ILE A C   1 
ATOM   876  O O   . ILE A 1 126 ? 2.799   -8.186  6.478   1.00 51.30  ? 126 ILE A O   1 
ATOM   877  C CB  . ILE A 1 126 ? 4.311   -10.818 7.876   1.00 44.33  ? 126 ILE A CB  1 
ATOM   878  C CG1 . ILE A 1 126 ? 5.622   -11.600 7.791   1.00 43.72  ? 126 ILE A CG1 1 
ATOM   879  C CG2 . ILE A 1 126 ? 3.331   -11.321 6.833   1.00 39.90  ? 126 ILE A CG2 1 
ATOM   880  C CD1 . ILE A 1 126 ? 5.441   -13.091 7.909   1.00 38.97  ? 126 ILE A CD1 1 
ATOM   881  N N   . VAL A 1 127 ? 2.548   -8.327  8.700   1.00 43.88  ? 127 VAL A N   1 
ATOM   882  C CA  . VAL A 1 127 ? 1.213   -7.732  8.615   1.00 49.13  ? 127 VAL A CA  1 
ATOM   883  C C   . VAL A 1 127 ? 1.294   -6.251  8.229   1.00 49.50  ? 127 VAL A C   1 
ATOM   884  O O   . VAL A 1 127 ? 0.445   -5.741  7.483   1.00 48.38  ? 127 VAL A O   1 
ATOM   885  C CB  . VAL A 1 127 ? 0.445   -7.936  9.932   1.00 49.76  ? 127 VAL A CB  1 
ATOM   886  C CG1 . VAL A 1 127 ? -0.852  -7.144  9.899   1.00 51.31  ? 127 VAL A CG1 1 
ATOM   887  C CG2 . VAL A 1 127 ? 0.159   -9.411  10.161  1.00 43.72  ? 127 VAL A CG2 1 
ATOM   888  N N   . GLY A 1 128 ? 2.303   -5.533  8.735   1.00 46.14  ? 128 GLY A N   1 
ATOM   889  C CA  . GLY A 1 128 ? 2.546   -4.193  8.230   1.00 46.08  ? 128 GLY A CA  1 
ATOM   890  C C   . GLY A 1 128 ? 2.729   -4.182  6.724   1.00 50.81  ? 128 GLY A C   1 
ATOM   891  O O   . GLY A 1 128 ? 2.113   -3.382  6.015   1.00 51.43  ? 128 GLY A O   1 
ATOM   892  N N   . ALA A 1 129 ? 3.557   -5.096  6.209   1.00 48.25  ? 129 ALA A N   1 
ATOM   893  C CA  . ALA A 1 129 ? 3.826   -5.138  4.778   1.00 47.89  ? 129 ALA A CA  1 
ATOM   894  C C   . ALA A 1 129 ? 2.590   -5.522  3.969   1.00 48.01  ? 129 ALA A C   1 
ATOM   895  O O   . ALA A 1 129 ? 2.418   -5.038  2.843   1.00 46.79  ? 129 ALA A O   1 
ATOM   896  C CB  . ALA A 1 129 ? 4.972   -6.110  4.501   1.00 47.86  ? 129 ALA A CB  1 
ATOM   897  N N   . ILE A 1 130 ? 1.720   -6.377  4.521   1.00 49.53  ? 130 ILE A N   1 
ATOM   898  C CA  . ILE A 1 130 ? 0.497   -6.763  3.811   1.00 50.20  ? 130 ILE A CA  1 
ATOM   899  C C   . ILE A 1 130 ? -0.452  -5.579  3.703   1.00 46.51  ? 130 ILE A C   1 
ATOM   900  O O   . ILE A 1 130 ? -1.131  -5.404  2.685   1.00 45.41  ? 130 ILE A O   1 
ATOM   901  C CB  . ILE A 1 130 ? -0.187  -7.965  4.499   1.00 57.25  ? 130 ILE A CB  1 
ATOM   902  C CG1 . ILE A 1 130 ? 0.614   -9.253  4.301   1.00 48.39  ? 130 ILE A CG1 1 
ATOM   903  C CG2 . ILE A 1 130 ? -1.624  -8.154  3.987   1.00 49.21  ? 130 ILE A CG2 1 
ATOM   904  C CD1 . ILE A 1 130 ? 0.103   -10.425 5.124   1.00 47.62  ? 130 ILE A CD1 1 
ATOM   905  N N   . THR A 1 131 ? -0.504  -4.737  4.743   1.00 47.21  ? 131 THR A N   1 
ATOM   906  C CA  . THR A 1 131 ? -1.353  -3.543  4.695   1.00 53.80  ? 131 THR A CA  1 
ATOM   907  C C   . THR A 1 131 ? -0.943  -2.597  3.575   1.00 52.68  ? 131 THR A C   1 
ATOM   908  O O   . THR A 1 131 ? -1.801  -1.954  2.959   1.00 52.55  ? 131 THR A O   1 
ATOM   909  C CB  . THR A 1 131 ? -1.301  -2.786  6.029   1.00 51.86  ? 131 THR A CB  1 
ATOM   910  O OG1 . THR A 1 131 ? -1.535  -3.697  7.116   1.00 45.87  ? 131 THR A OG1 1 
ATOM   911  C CG2 . THR A 1 131 ? -2.345  -1.689  6.052   1.00 44.92  ? 131 THR A CG2 1 
ATOM   912  N N   . ALA A 1 132 ? 0.356   -2.499  3.300   1.00 50.21  ? 132 ALA A N   1 
ATOM   913  C CA  . ALA A 1 132 ? 0.902   -1.568  2.326   1.00 49.06  ? 132 ALA A CA  1 
ATOM   914  C C   . ALA A 1 132 ? 0.850   -2.106  0.898   1.00 48.58  ? 132 ALA A C   1 
ATOM   915  O O   . ALA A 1 132 ? 0.481   -1.370  -0.017  1.00 57.54  ? 132 ALA A O   1 
ATOM   916  C CB  . ALA A 1 132 ? 2.338   -1.211  2.723   1.00 48.68  ? 132 ALA A CB  1 
ATOM   917  N N   . VAL A 1 133 ? 1.228   -3.369  0.684   1.00 51.43  ? 133 VAL A N   1 
ATOM   918  C CA  . VAL A 1 133 ? 1.284   -3.963  -0.655  1.00 50.87  ? 133 VAL A CA  1 
ATOM   919  C C   . VAL A 1 133 ? 0.223   -5.037  -0.879  1.00 53.34  ? 133 VAL A C   1 
ATOM   920  O O   . VAL A 1 133 ? 0.112   -5.544  -2.016  1.00 52.21  ? 133 VAL A O   1 
ATOM   921  C CB  . VAL A 1 133 ? 2.676   -4.559  -0.964  1.00 50.01  ? 133 VAL A CB  1 
ATOM   922  C CG1 . VAL A 1 133 ? 3.793   -3.586  -0.585  1.00 48.65  ? 133 VAL A CG1 1 
ATOM   923  C CG2 . VAL A 1 133 ? 2.839   -5.897  -0.265  1.00 41.82  ? 133 VAL A CG2 1 
ATOM   924  N N   . GLY A 1 134 ? -0.545  -5.423  0.150   1.00 51.44  ? 134 GLY A N   1 
ATOM   925  C CA  . GLY A 1 134 ? -1.570  -6.436  -0.056  1.00 43.33  ? 134 GLY A CA  1 
ATOM   926  C C   . GLY A 1 134 ? -2.607  -6.037  -1.082  1.00 46.73  ? 134 GLY A C   1 
ATOM   927  O O   . GLY A 1 134 ? -3.023  -6.864  -1.903  1.00 51.72  ? 134 GLY A O   1 
ATOM   928  N N   . GLY A 1 135 ? -3.026  -4.774  -1.066  1.00 42.18  ? 135 GLY A N   1 
ATOM   929  C CA  . GLY A 1 135 ? -4.005  -4.317  -2.040  1.00 45.65  ? 135 GLY A CA  1 
ATOM   930  C C   . GLY A 1 135 ? -3.554  -4.482  -3.482  1.00 48.07  ? 135 GLY A C   1 
ATOM   931  O O   . GLY A 1 135 ? -4.337  -4.916  -4.344  1.00 45.28  ? 135 GLY A O   1 
ATOM   932  N N   . GLY A 1 136 ? -2.292  -4.149  -3.775  1.00 42.48  ? 136 GLY A N   1 
ATOM   933  C CA  . GLY A 1 136 ? -1.799  -4.301  -5.131  1.00 40.95  ? 136 GLY A CA  1 
ATOM   934  C C   . GLY A 1 136 ? -1.654  -5.749  -5.557  1.00 43.97  ? 136 GLY A C   1 
ATOM   935  O O   . GLY A 1 136 ? -1.701  -6.055  -6.753  1.00 42.34  ? 136 GLY A O   1 
ATOM   936  N N   . VAL A 1 137 ? -1.461  -6.655  -4.594  1.00 42.52  ? 137 VAL A N   1 
ATOM   937  C CA  . VAL A 1 137 ? -1.427  -8.078  -4.911  1.00 43.52  ? 137 VAL A CA  1 
ATOM   938  C C   . VAL A 1 137 ? -2.804  -8.560  -5.361  1.00 45.92  ? 137 VAL A C   1 
ATOM   939  O O   . VAL A 1 137 ? -2.931  -9.294  -6.352  1.00 47.39  ? 137 VAL A O   1 
ATOM   940  C CB  . VAL A 1 137 ? -0.915  -8.872  -3.700  1.00 48.42  ? 137 VAL A CB  1 
ATOM   941  C CG1 . VAL A 1 137 ? -1.126  -10.377 -3.915  1.00 42.63  ? 137 VAL A CG1 1 
ATOM   942  C CG2 . VAL A 1 137 ? 0.543   -8.537  -3.431  1.00 42.84  ? 137 VAL A CG2 1 
ATOM   943  N N   . ILE A 1 138 ? -3.853  -8.162  -4.635  1.00 44.01  ? 138 ILE A N   1 
ATOM   944  C CA  . ILE A 1 138 ? -5.229  -8.449  -5.037  1.00 41.71  ? 138 ILE A CA  1 
ATOM   945  C C   . ILE A 1 138 ? -5.506  -7.914  -6.438  1.00 44.72  ? 138 ILE A C   1 
ATOM   946  O O   . ILE A 1 138 ? -6.035  -8.626  -7.300  1.00 44.43  ? 138 ILE A O   1 
ATOM   947  C CB  . ILE A 1 138 ? -6.200  -7.831  -4.016  1.00 45.12  ? 138 ILE A CB  1 
ATOM   948  C CG1 . ILE A 1 138 ? -6.059  -8.496  -2.642  1.00 48.82  ? 138 ILE A CG1 1 
ATOM   949  C CG2 . ILE A 1 138 ? -7.609  -7.901  -4.516  1.00 42.29  ? 138 ILE A CG2 1 
ATOM   950  C CD1 . ILE A 1 138 ? -6.848  -7.775  -1.550  1.00 48.71  ? 138 ILE A CD1 1 
ATOM   951  N N   . ARG A 1 139 ? -5.216  -6.626  -6.655  1.00 44.58  ? 139 ARG A N   1 
ATOM   952  C CA  . ARG A 1 139 ? -5.358  -5.992  -7.963  1.00 45.85  ? 139 ARG A CA  1 
ATOM   953  C C   . ARG A 1 139 ? -4.734  -6.850  -9.061  1.00 48.57  ? 139 ARG A C   1 
ATOM   954  O O   . ARG A 1 139 ? -5.360  -7.108  -10.100 1.00 45.36  ? 139 ARG A O   1 
ATOM   955  C CB  . ARG A 1 139 ? -4.704  -4.593  -7.903  1.00 45.41  ? 139 ARG A CB  1 
ATOM   956  C CG  . ARG A 1 139 ? -4.478  -3.894  -9.244  1.00 48.30  ? 139 ARG A CG  1 
ATOM   957  C CD  . ARG A 1 139 ? -3.305  -2.907  -9.173  1.00 41.47  ? 139 ARG A CD  1 
ATOM   958  N NE  . ARG A 1 139 ? -2.047  -3.592  -8.903  1.00 46.47  ? 139 ARG A NE  1 
ATOM   959  C CZ  . ARG A 1 139 ? -0.965  -3.016  -8.373  1.00 51.20  ? 139 ARG A CZ  1 
ATOM   960  N NH1 . ARG A 1 139 ? -0.973  -1.719  -8.068  1.00 44.34  ? 139 ARG A NH1 1 
ATOM   961  N NH2 . ARG A 1 139 ? 0.129   -3.740  -8.146  1.00 41.80  ? 139 ARG A NH2 1 
ATOM   962  N N   . ASP A 1 140 ? -3.494  -7.313  -8.840  1.00 52.05  ? 140 ASP A N   1 
ATOM   963  C CA  . ASP A 1 140 ? -2.760  -8.048  -9.869  1.00 51.18  ? 140 ASP A CA  1 
ATOM   964  C C   . ASP A 1 140 ? -3.335  -9.437  -10.099 1.00 44.46  ? 140 ASP A C   1 
ATOM   965  O O   . ASP A 1 140 ? -3.371  -9.894  -11.246 1.00 41.29  ? 140 ASP A O   1 
ATOM   966  C CB  . ASP A 1 140 ? -1.280  -8.151  -9.497  1.00 49.09  ? 140 ASP A CB  1 
ATOM   967  C CG  . ASP A 1 140 ? -0.573  -6.808  -9.550  1.00 48.86  ? 140 ASP A CG  1 
ATOM   968  O OD1 . ASP A 1 140 ? -1.049  -5.930  -10.302 1.00 55.84  ? 140 ASP A OD1 1 
ATOM   969  O OD2 . ASP A 1 140 ? 0.445   -6.632  -8.847  1.00 48.62  ? 140 ASP A OD2 1 
ATOM   970  N N   . ILE A 1 141 ? -3.765  -10.128 -9.034  1.00 43.59  ? 141 ILE A N   1 
ATOM   971  C CA  . ILE A 1 141 ? -4.444  -11.418 -9.201  1.00 43.68  ? 141 ILE A CA  1 
ATOM   972  C C   . ILE A 1 141 ? -5.786  -11.236 -9.923  1.00 46.07  ? 141 ILE A C   1 
ATOM   973  O O   . ILE A 1 141 ? -6.169  -12.062 -10.764 1.00 43.99  ? 141 ILE A O   1 
ATOM   974  C CB  . ILE A 1 141 ? -4.630  -12.099 -7.832  1.00 43.54  ? 141 ILE A CB  1 
ATOM   975  C CG1 . ILE A 1 141 ? -3.287  -12.528 -7.227  1.00 41.46  ? 141 ILE A CG1 1 
ATOM   976  C CG2 . ILE A 1 141 ? -5.576  -13.275 -7.946  1.00 39.03  ? 141 ILE A CG2 1 
ATOM   977  C CD1 . ILE A 1 141 ? -3.398  -12.875 -5.777  1.00 37.28  ? 141 ILE A CD1 1 
ATOM   978  N N   . LEU A 1 142 ? -6.515  -10.146 -9.623  1.00 41.81  ? 142 LEU A N   1 
ATOM   979  C CA  . LEU A 1 142 ? -7.769  -9.877  -10.322 1.00 42.60  ? 142 LEU A CA  1 
ATOM   980  C C   . LEU A 1 142 ? -7.534  -9.562  -11.795 1.00 45.76  ? 142 LEU A C   1 
ATOM   981  O O   . LEU A 1 142 ? -8.395  -9.869  -12.628 1.00 46.93  ? 142 LEU A O   1 
ATOM   982  C CB  . LEU A 1 142 ? -8.529  -8.734  -9.648  1.00 42.66  ? 142 LEU A CB  1 
ATOM   983  C CG  . LEU A 1 142 ? -9.242  -8.995  -8.310  1.00 46.10  ? 142 LEU A CG  1 
ATOM   984  C CD1 . LEU A 1 142 ? -10.066 -7.764  -7.902  1.00 41.93  ? 142 LEU A CD1 1 
ATOM   985  C CD2 . LEU A 1 142 ? -10.107 -10.245 -8.373  1.00 37.76  ? 142 LEU A CD2 1 
ATOM   986  N N   . SER A 1 143 ? -6.325  -9.079  -12.112 1.00 45.08  ? 143 SER A N   1 
ATOM   987  C CA  . SER A 1 143 ? -5.922  -8.736  -13.461 1.00 49.63  ? 143 SER A CA  1 
ATOM   988  C C   . SER A 1 143 ? -5.365  -9.923  -14.245 1.00 48.78  ? 143 SER A C   1 
ATOM   989  O O   . SER A 1 143 ? -4.925  -9.737  -15.367 1.00 48.55  ? 143 SER A O   1 
ATOM   990  C CB  . SER A 1 143 ? -4.893  -7.587  -13.536 1.00 50.25  ? 143 SER A CB  1 
ATOM   991  O OG  . SER A 1 143 ? -5.322  -6.420  -12.926 1.00 47.55  ? 143 SER A OG  1 
ATOM   992  N N   . ASN A 1 144 ? -5.379  -11.101 -13.625 1.00 48.67  ? 144 ASN A N   1 
ATOM   993  C CA  . ASN A 1 144 ? -4.842  -12.333 -14.204 1.00 49.97  ? 144 ASN A CA  1 
ATOM   994  C C   . ASN A 1 144 ? -3.344  -12.215 -14.516 1.00 50.65  ? 144 ASN A C   1 
ATOM   995  O O   . ASN A 1 144 ? -2.872  -12.626 -15.575 1.00 54.45  ? 144 ASN A O   1 
ATOM   996  C CB  . ASN A 1 144 ? -5.634  -12.723 -15.445 1.00 46.76  ? 144 ASN A CB  1 
ATOM   997  C CG  . ASN A 1 144 ? -5.472  -14.167 -15.788 1.00 50.92  ? 144 ASN A CG  1 
ATOM   998  O OD1 . ASN A 1 144 ? -5.057  -14.966 -14.954 1.00 56.10  ? 144 ASN A OD1 1 
ATOM   999  N ND2 . ASN A 1 144 ? -5.799  -14.521 -17.012 1.00 49.33  ? 144 ASN A ND2 1 
ATOM   1000 N N   . GLU A 1 145 ? -2.592  -11.650 -13.575 1.00 49.31  ? 145 GLU A N   1 
ATOM   1001 C CA  . GLU A 1 145 ? -1.162  -11.421 -13.754 1.00 53.64  ? 145 GLU A CA  1 
ATOM   1002 C C   . GLU A 1 145 ? -0.394  -11.944 -12.546 1.00 52.15  ? 145 GLU A C   1 
ATOM   1003 O O   . GLU A 1 145 ? -0.955  -12.106 -11.456 1.00 51.28  ? 145 GLU A O   1 
ATOM   1004 C CB  . GLU A 1 145 ? -0.836  -9.934  -13.932 1.00 48.39  ? 145 GLU A CB  1 
ATOM   1005 C CG  . GLU A 1 145 ? -1.487  -9.247  -15.113 1.00 53.86  ? 145 GLU A CG  1 
ATOM   1006 C CD  . GLU A 1 145 ? -1.084  -7.785  -15.185 1.00 62.13  ? 145 GLU A CD  1 
ATOM   1007 O OE1 . GLU A 1 145 ? -1.568  -7.066  -16.073 1.00 73.17  ? 145 GLU A OE1 1 
ATOM   1008 O OE2 . GLU A 1 145 ? -0.269  -7.346  -14.338 1.00 62.16  ? 145 GLU A OE2 1 
ATOM   1009 N N   . VAL A 1 146 ? 0.905   -12.186 -12.733 1.00 50.61  ? 146 VAL A N   1 
ATOM   1010 C CA  . VAL A 1 146 ? 1.779   -12.438 -11.576 1.00 43.20  ? 146 VAL A CA  1 
ATOM   1011 C C   . VAL A 1 146 ? 1.995   -11.132 -10.840 1.00 41.15  ? 146 VAL A C   1 
ATOM   1012 O O   . VAL A 1 146 ? 2.475   -10.158 -11.449 1.00 47.70  ? 146 VAL A O   1 
ATOM   1013 C CB  . VAL A 1 146 ? 3.109   -13.046 -12.024 1.00 42.84  ? 146 VAL A CB  1 
ATOM   1014 C CG1 . VAL A 1 146 ? 3.983   -13.297 -10.811 1.00 39.64  ? 146 VAL A CG1 1 
ATOM   1015 C CG2 . VAL A 1 146 ? 2.879   -14.346 -12.795 1.00 43.22  ? 146 VAL A CG2 1 
ATOM   1016 N N   . PRO A 1 147 ? 1.661   -11.036 -9.548  1.00 47.98  ? 147 PRO A N   1 
ATOM   1017 C CA  . PRO A 1 147 ? 1.786   -9.759  -8.832  1.00 42.84  ? 147 PRO A CA  1 
ATOM   1018 C C   . PRO A 1 147 ? 3.166   -9.128  -8.981  1.00 45.82  ? 147 PRO A C   1 
ATOM   1019 O O   . PRO A 1 147 ? 4.192   -9.812  -8.943  1.00 49.05  ? 147 PRO A O   1 
ATOM   1020 C CB  . PRO A 1 147 ? 1.499   -10.135 -7.378  1.00 38.95  ? 147 PRO A CB  1 
ATOM   1021 C CG  . PRO A 1 147 ? 0.565   -11.286 -7.493  1.00 46.49  ? 147 PRO A CG  1 
ATOM   1022 C CD  . PRO A 1 147 ? 0.979   -12.064 -8.729  1.00 41.98  ? 147 PRO A CD  1 
ATOM   1023 N N   . LEU A 1 148 ? 3.163   -7.798  -9.120  1.00 44.06  ? 148 LEU A N   1 
ATOM   1024 C CA  . LEU A 1 148 ? 4.381   -7.036  -9.367  1.00 44.11  ? 148 LEU A CA  1 
ATOM   1025 C C   . LEU A 1 148 ? 5.449   -7.292  -8.303  1.00 53.06  ? 148 LEU A C   1 
ATOM   1026 O O   . LEU A 1 148 ? 6.637   -7.434  -8.638  1.00 53.28  ? 148 LEU A O   1 
ATOM   1027 C CB  . LEU A 1 148 ? 4.035   -5.552  -9.436  1.00 51.87  ? 148 LEU A CB  1 
ATOM   1028 C CG  . LEU A 1 148 ? 5.067   -4.472  -9.739  1.00 59.80  ? 148 LEU A CG  1 
ATOM   1029 C CD1 . LEU A 1 148 ? 5.475   -4.520  -11.187 1.00 66.91  ? 148 LEU A CD1 1 
ATOM   1030 C CD2 . LEU A 1 148 ? 4.449   -3.129  -9.439  1.00 64.79  ? 148 LEU A CD2 1 
ATOM   1031 N N   . ILE A 1 149 ? 5.056   -7.374  -7.022  1.00 48.12  ? 149 ILE A N   1 
ATOM   1032 C CA  . ILE A 1 149 ? 6.053   -7.448  -5.948  1.00 49.16  ? 149 ILE A CA  1 
ATOM   1033 C C   . ILE A 1 149 ? 6.889   -8.731  -6.004  1.00 56.78  ? 149 ILE A C   1 
ATOM   1034 O O   . ILE A 1 149 ? 7.999   -8.763  -5.459  1.00 51.31  ? 149 ILE A O   1 
ATOM   1035 C CB  . ILE A 1 149 ? 5.424   -7.300  -4.544  1.00 45.71  ? 149 ILE A CB  1 
ATOM   1036 C CG1 . ILE A 1 149 ? 4.510   -8.471  -4.206  1.00 42.84  ? 149 ILE A CG1 1 
ATOM   1037 C CG2 . ILE A 1 149 ? 4.716   -5.956  -4.409  1.00 45.79  ? 149 ILE A CG2 1 
ATOM   1038 C CD1 . ILE A 1 149 ? 3.929   -8.349  -2.838  1.00 47.20  ? 149 ILE A CD1 1 
ATOM   1039 N N   . LEU A 1 150 ? 6.392   -9.792  -6.649  1.00 52.93  ? 150 LEU A N   1 
ATOM   1040 C CA  . LEU A 1 150 ? 7.160   -11.021 -6.813  1.00 48.95  ? 150 LEU A CA  1 
ATOM   1041 C C   . LEU A 1 150 ? 8.161   -10.941 -7.946  1.00 47.85  ? 150 LEU A C   1 
ATOM   1042 O O   . LEU A 1 150 ? 8.982   -11.854 -8.094  1.00 49.82  ? 150 LEU A O   1 
ATOM   1043 C CB  . LEU A 1 150 ? 6.222   -12.196 -7.094  1.00 46.24  ? 150 LEU A CB  1 
ATOM   1044 C CG  . LEU A 1 150 ? 5.072   -12.330 -6.110  1.00 46.61  ? 150 LEU A CG  1 
ATOM   1045 C CD1 . LEU A 1 150 ? 4.222   -13.547 -6.470  1.00 44.45  ? 150 LEU A CD1 1 
ATOM   1046 C CD2 . LEU A 1 150 ? 5.653   -12.418 -4.709  1.00 41.90  ? 150 LEU A CD2 1 
ATOM   1047 N N   . THR A 1 151 ? 8.098   -9.893  -8.751  1.00 47.76  ? 151 THR A N   1 
ATOM   1048 C CA  . THR A 1 151 ? 8.798   -9.846  -10.023 1.00 52.55  ? 151 THR A CA  1 
ATOM   1049 C C   . THR A 1 151 ? 9.844   -8.747  -10.096 1.00 59.69  ? 151 THR A C   1 
ATOM   1050 O O   . THR A 1 151 ? 10.986  -9.015  -10.476 1.00 62.86  ? 151 THR A O   1 
ATOM   1051 C CB  . THR A 1 151 ? 7.766   -9.685  -11.135 1.00 51.45  ? 151 THR A CB  1 
ATOM   1052 O OG1 . THR A 1 151 ? 7.031   -10.904 -11.214 1.00 57.86  ? 151 THR A OG1 1 
ATOM   1053 C CG2 . THR A 1 151 ? 8.447   -9.446  -12.463 1.00 61.59  ? 151 THR A CG2 1 
ATOM   1054 N N   . ARG A 1 152 ? 9.509   -7.513  -9.730  1.00 59.86  ? 152 ARG A N   1 
ATOM   1055 C CA  . ARG A 1 152 ? 10.400  -6.404  -10.043 1.00 61.34  ? 152 ARG A CA  1 
ATOM   1056 C C   . ARG A 1 152 ? 10.253  -5.342  -8.960  1.00 60.58  ? 152 ARG A C   1 
ATOM   1057 O O   . ARG A 1 152 ? 9.540   -5.548  -7.973  1.00 62.76  ? 152 ARG A O   1 
ATOM   1058 C CB  . ARG A 1 152 ? 10.096  -5.888  -11.453 1.00 61.87  ? 152 ARG A CB  1 
ATOM   1059 C CG  . ARG A 1 152 ? 8.613   -5.790  -11.720 1.00 66.38  ? 152 ARG A CG  1 
ATOM   1060 C CD  . ARG A 1 152 ? 8.332   -5.042  -13.005 1.00 80.59  ? 152 ARG A CD  1 
ATOM   1061 N NE  . ARG A 1 152 ? 8.721   -5.828  -14.168 1.00 97.88  ? 152 ARG A NE  1 
ATOM   1062 C CZ  . ARG A 1 152 ? 7.856   -6.459  -14.955 1.00 99.92  ? 152 ARG A CZ  1 
ATOM   1063 N NH1 . ARG A 1 152 ? 6.553   -6.382  -14.699 1.00 99.97  ? 152 ARG A NH1 1 
ATOM   1064 N NH2 . ARG A 1 152 ? 8.290   -7.159  -15.998 1.00 88.21  ? 152 ARG A NH2 1 
ATOM   1065 N N   . GLU A 1 153 ? 10.956  -4.222  -9.150  1.00 63.11  ? 153 GLU A N   1 
ATOM   1066 C CA  . GLU A 1 153 ? 10.869  -3.013  -8.319  1.00 61.20  ? 153 GLU A CA  1 
ATOM   1067 C C   . GLU A 1 153 ? 11.369  -3.313  -6.908  1.00 59.39  ? 153 GLU A C   1 
ATOM   1068 O O   . GLU A 1 153 ? 12.197  -4.204  -6.691  1.00 61.67  ? 153 GLU A O   1 
ATOM   1069 C CB  . GLU A 1 153 ? 9.472   -2.428  -8.358  1.00 65.24  ? 153 GLU A CB  1 
ATOM   1070 C CG  . GLU A 1 153 ? 9.081   -1.805  -9.673  1.00 69.05  ? 153 GLU A CG  1 
ATOM   1071 C CD  . GLU A 1 153 ? 7.973   -0.782  -9.503  1.00 81.45  ? 153 GLU A CD  1 
ATOM   1072 O OE1 . GLU A 1 153 ? 8.162   0.183   -8.719  1.00 87.00  ? 153 GLU A OE1 1 
ATOM   1073 O OE2 . GLU A 1 153 ? 6.908   -0.940  -10.140 1.00 88.23  ? 153 GLU A OE2 1 
ATOM   1074 N N   . PHE A 1 154 ? 10.837  -2.540  -5.947  1.00 67.62  ? 154 PHE A N   1 
ATOM   1075 C CA  . PHE A 1 154 ? 11.344  -2.510  -4.579  1.00 65.63  ? 154 PHE A CA  1 
ATOM   1076 C C   . PHE A 1 154 ? 10.284  -1.990  -3.607  1.00 67.03  ? 154 PHE A C   1 
ATOM   1077 O O   . PHE A 1 154 ? 10.628  -1.345  -2.613  1.00 67.32  ? 154 PHE A O   1 
ATOM   1078 C CB  . PHE A 1 154 ? 12.610  -1.630  -4.500  1.00 67.24  ? 154 PHE A CB  1 
ATOM   1079 C CG  . PHE A 1 154 ? 13.678  -2.144  -3.551  1.00 61.49  ? 154 PHE A CG  1 
ATOM   1080 C CD1 . PHE A 1 154 ? 14.510  -3.176  -3.917  1.00 57.09  ? 154 PHE A CD1 1 
ATOM   1081 C CD2 . PHE A 1 154 ? 13.863  -1.555  -2.311  1.00 55.49  ? 154 PHE A CD2 1 
ATOM   1082 C CE1 . PHE A 1 154 ? 15.486  -3.636  -3.053  1.00 61.11  ? 154 PHE A CE1 1 
ATOM   1083 C CE2 . PHE A 1 154 ? 14.841  -2.017  -1.446  1.00 57.83  ? 154 PHE A CE2 1 
ATOM   1084 C CZ  . PHE A 1 154 ? 15.650  -3.053  -1.815  1.00 54.93  ? 154 PHE A CZ  1 
ATOM   1085 N N   . TYR A 1 155 ? 8.995   -2.214  -3.902  1.00 68.60  ? 155 TYR A N   1 
ATOM   1086 C CA  . TYR A 1 155 ? 7.893   -1.818  -3.029  1.00 62.84  ? 155 TYR A CA  1 
ATOM   1087 C C   . TYR A 1 155 ? 7.894   -2.599  -1.721  1.00 62.48  ? 155 TYR A C   1 
ATOM   1088 O O   . TYR A 1 155 ? 8.108   -2.031  -0.645  1.00 61.99  ? 155 TYR A O   1 
ATOM   1089 C CB  . TYR A 1 155 ? 6.539   -2.042  -3.707  1.00 60.34  ? 155 TYR A CB  1 
ATOM   1090 C CG  . TYR A 1 155 ? 5.999   -0.909  -4.513  1.00 64.92  ? 155 TYR A CG  1 
ATOM   1091 C CD1 . TYR A 1 155 ? 6.447   -0.683  -5.802  1.00 69.79  ? 155 TYR A CD1 1 
ATOM   1092 C CD2 . TYR A 1 155 ? 5.000   -0.088  -4.004  1.00 70.77  ? 155 TYR A CD2 1 
ATOM   1093 C CE1 . TYR A 1 155 ? 5.930   0.356   -6.575  1.00 79.53  ? 155 TYR A CE1 1 
ATOM   1094 C CE2 . TYR A 1 155 ? 4.469   0.959   -4.763  1.00 73.48  ? 155 TYR A CE2 1 
ATOM   1095 C CZ  . TYR A 1 155 ? 4.943   1.175   -6.055  1.00 82.52  ? 155 TYR A CZ  1 
ATOM   1096 O OH  . TYR A 1 155 ? 4.445   2.197   -6.839  1.00 76.04  ? 155 TYR A OH  1 
ATOM   1097 N N   . ALA A 1 156 ? 7.611   -3.904  -1.809  1.00 59.42  ? 156 ALA A N   1 
ATOM   1098 C CA  . ALA A 1 156 ? 7.380   -4.692  -0.606  1.00 57.90  ? 156 ALA A CA  1 
ATOM   1099 C C   . ALA A 1 156 ? 8.586   -4.695  0.323   1.00 58.25  ? 156 ALA A C   1 
ATOM   1100 O O   . ALA A 1 156 ? 8.411   -4.676  1.544   1.00 56.56  ? 156 ALA A O   1 
ATOM   1101 C CB  . ALA A 1 156 ? 7.000   -6.119  -0.978  1.00 56.16  ? 156 ALA A CB  1 
ATOM   1102 N N   . THR A 1 157 ? 9.807   -4.731  -0.223  1.00 55.19  ? 157 THR A N   1 
ATOM   1103 C CA  . THR A 1 157 ? 10.994  -4.676  0.627   1.00 55.53  ? 157 THR A CA  1 
ATOM   1104 C C   . THR A 1 157 ? 11.022  -3.399  1.457   1.00 57.05  ? 157 THR A C   1 
ATOM   1105 O O   . THR A 1 157 ? 11.341  -3.435  2.655   1.00 56.13  ? 157 THR A O   1 
ATOM   1106 C CB  . THR A 1 157 ? 12.262  -4.777  -0.218  1.00 61.12  ? 157 THR A CB  1 
ATOM   1107 O OG1 . THR A 1 157 ? 12.313  -6.067  -0.837  1.00 59.23  ? 157 THR A OG1 1 
ATOM   1108 C CG2 . THR A 1 157 ? 13.486  -4.596  0.645   1.00 56.30  ? 157 THR A CG2 1 
ATOM   1109 N N   . THR A 1 158 ? 10.677  -2.256  0.846   1.00 56.22  ? 158 THR A N   1 
ATOM   1110 C CA  . THR A 1 158 ? 10.693  -1.010  1.606   1.00 57.59  ? 158 THR A CA  1 
ATOM   1111 C C   . THR A 1 158 ? 9.655   -1.044  2.723   1.00 61.78  ? 158 THR A C   1 
ATOM   1112 O O   . THR A 1 158 ? 9.945   -0.623  3.850   1.00 62.76  ? 158 THR A O   1 
ATOM   1113 C CB  . THR A 1 158 ? 10.468  0.207   0.695   1.00 55.95  ? 158 THR A CB  1 
ATOM   1114 O OG1 . THR A 1 158 ? 9.189   0.116   0.064   1.00 62.16  ? 158 THR A OG1 1 
ATOM   1115 C CG2 . THR A 1 158 ? 11.528  0.309   -0.387  1.00 50.66  ? 158 THR A CG2 1 
ATOM   1116 N N   . ALA A 1 159 ? 8.448   -1.559  2.440   1.00 52.17  ? 159 ALA A N   1 
ATOM   1117 C CA  . ALA A 1 159 ? 7.423   -1.671  3.480   1.00 54.61  ? 159 ALA A CA  1 
ATOM   1118 C C   . ALA A 1 159 ? 7.816   -2.677  4.557   1.00 55.46  ? 159 ALA A C   1 
ATOM   1119 O O   . ALA A 1 159 ? 7.437   -2.516  5.724   1.00 54.43  ? 159 ALA A O   1 
ATOM   1120 C CB  . ALA A 1 159 ? 6.067   -2.054  2.869   1.00 52.00  ? 159 ALA A CB  1 
ATOM   1121 N N   . VAL A 1 160 ? 8.551   -3.728  4.187   1.00 56.22  ? 160 VAL A N   1 
ATOM   1122 C CA  . VAL A 1 160 ? 9.097   -4.647  5.183   1.00 59.32  ? 160 VAL A CA  1 
ATOM   1123 C C   . VAL A 1 160 ? 10.053  -3.911  6.120   1.00 57.36  ? 160 VAL A C   1 
ATOM   1124 O O   . VAL A 1 160 ? 9.936   -4.001  7.348   1.00 58.54  ? 160 VAL A O   1 
ATOM   1125 C CB  . VAL A 1 160 ? 9.792   -5.838  4.490   1.00 61.15  ? 160 VAL A CB  1 
ATOM   1126 C CG1 . VAL A 1 160 ? 10.697  -6.591  5.472   1.00 49.95  ? 160 VAL A CG1 1 
ATOM   1127 C CG2 . VAL A 1 160 ? 8.757   -6.784  3.868   1.00 52.74  ? 160 VAL A CG2 1 
ATOM   1128 N N   . ILE A 1 161 ? 11.013  -3.172  5.553   1.00 57.00  ? 161 ILE A N   1 
ATOM   1129 C CA  . ILE A 1 161 ? 11.976  -2.435  6.372   1.00 56.39  ? 161 ILE A CA  1 
ATOM   1130 C C   . ILE A 1 161 ? 11.268  -1.371  7.215   1.00 58.69  ? 161 ILE A C   1 
ATOM   1131 O O   . ILE A 1 161 ? 11.577  -1.190  8.402   1.00 53.68  ? 161 ILE A O   1 
ATOM   1132 C CB  . ILE A 1 161 ? 13.063  -1.821  5.472   1.00 56.07  ? 161 ILE A CB  1 
ATOM   1133 C CG1 . ILE A 1 161 ? 13.948  -2.913  4.860   1.00 54.72  ? 161 ILE A CG1 1 
ATOM   1134 C CG2 . ILE A 1 161 ? 13.897  -0.836  6.250   1.00 50.79  ? 161 ILE A CG2 1 
ATOM   1135 C CD1 . ILE A 1 161 ? 14.645  -2.448  3.595   1.00 43.69  ? 161 ILE A CD1 1 
ATOM   1136 N N   . GLY A 1 162 ? 10.299  -0.662  6.622   1.00 54.66  ? 162 GLY A N   1 
ATOM   1137 C CA  . GLY A 1 162 ? 9.520   0.300   7.386   1.00 54.16  ? 162 GLY A CA  1 
ATOM   1138 C C   . GLY A 1 162 ? 8.780   -0.323  8.559   1.00 59.71  ? 162 GLY A C   1 
ATOM   1139 O O   . GLY A 1 162 ? 8.777   0.228   9.664   1.00 58.43  ? 162 GLY A O   1 
ATOM   1140 N N   . SER A 1 163 ? 8.134   -1.481  8.338   1.00 58.89  ? 163 SER A N   1 
ATOM   1141 C CA  . SER A 1 163 ? 7.412   -2.137  9.426   1.00 54.41  ? 163 SER A CA  1 
ATOM   1142 C C   . SER A 1 163 ? 8.371   -2.563  10.527  1.00 57.70  ? 163 SER A C   1 
ATOM   1143 O O   . SER A 1 163 ? 8.068   -2.427  11.719  1.00 56.93  ? 163 SER A O   1 
ATOM   1144 C CB  . SER A 1 163 ? 6.650   -3.349  8.898   1.00 52.94  ? 163 SER A CB  1 
ATOM   1145 O OG  . SER A 1 163 ? 5.775   -2.964  7.862   1.00 55.90  ? 163 SER A OG  1 
ATOM   1146 N N   . PHE A 1 164 ? 9.531   -3.087  10.141  1.00 57.16  ? 164 PHE A N   1 
ATOM   1147 C CA  . PHE A 1 164 ? 10.530  -3.491  11.119  1.00 61.02  ? 164 PHE A CA  1 
ATOM   1148 C C   . PHE A 1 164 ? 11.040  -2.298  11.926  1.00 56.84  ? 164 PHE A C   1 
ATOM   1149 O O   . PHE A 1 164 ? 11.231  -2.406  13.145  1.00 52.81  ? 164 PHE A O   1 
ATOM   1150 C CB  . PHE A 1 164 ? 11.663  -4.205  10.394  1.00 55.81  ? 164 PHE A CB  1 
ATOM   1151 C CG  . PHE A 1 164 ? 12.779  -4.606  11.280  1.00 58.51  ? 164 PHE A CG  1 
ATOM   1152 C CD1 . PHE A 1 164 ? 12.632  -5.678  12.129  1.00 60.88  ? 164 PHE A CD1 1 
ATOM   1153 C CD2 . PHE A 1 164 ? 13.993  -3.922  11.251  1.00 59.64  ? 164 PHE A CD2 1 
ATOM   1154 C CE1 . PHE A 1 164 ? 13.668  -6.065  12.950  1.00 65.52  ? 164 PHE A CE1 1 
ATOM   1155 C CE2 . PHE A 1 164 ? 15.034  -4.297  12.057  1.00 53.06  ? 164 PHE A CE2 1 
ATOM   1156 C CZ  . PHE A 1 164 ? 14.881  -5.370  12.912  1.00 63.21  ? 164 PHE A CZ  1 
ATOM   1157 N N   . VAL A 1 165 ? 11.228  -1.150  11.279  1.00 53.44  ? 165 VAL A N   1 
ATOM   1158 C CA  . VAL A 1 165 ? 11.635  0.041   12.020  1.00 59.99  ? 165 VAL A CA  1 
ATOM   1159 C C   . VAL A 1 165 ? 10.574  0.403   13.054  1.00 62.81  ? 165 VAL A C   1 
ATOM   1160 O O   . VAL A 1 165 ? 10.908  0.758   14.192  1.00 56.42  ? 165 VAL A O   1 
ATOM   1161 C CB  . VAL A 1 165 ? 11.944  1.210   11.060  1.00 54.32  ? 165 VAL A CB  1 
ATOM   1162 C CG1 . VAL A 1 165 ? 11.991  2.544   11.793  1.00 53.89  ? 165 VAL A CG1 1 
ATOM   1163 C CG2 . VAL A 1 165 ? 13.266  0.970   10.370  1.00 50.76  ? 165 VAL A CG2 1 
ATOM   1164 N N   . TYR A 1 166 ? 9.283   0.286   12.698  1.00 58.97  ? 166 TYR A N   1 
ATOM   1165 C CA  . TYR A 1 166 ? 8.245   0.587   13.683  1.00 61.37  ? 166 TYR A CA  1 
ATOM   1166 C C   . TYR A 1 166 ? 8.331   -0.356  14.875  1.00 62.15  ? 166 TYR A C   1 
ATOM   1167 O O   . TYR A 1 166 ? 8.192   0.076   16.030  1.00 58.16  ? 166 TYR A O   1 
ATOM   1168 C CB  . TYR A 1 166 ? 6.840   0.526   13.078  1.00 57.26  ? 166 TYR A CB  1 
ATOM   1169 C CG  . TYR A 1 166 ? 5.754   0.721   14.146  1.00 57.82  ? 166 TYR A CG  1 
ATOM   1170 C CD1 . TYR A 1 166 ? 5.239   1.985   14.434  1.00 54.74  ? 166 TYR A CD1 1 
ATOM   1171 C CD2 . TYR A 1 166 ? 5.257   -0.363  14.878  1.00 61.99  ? 166 TYR A CD2 1 
ATOM   1172 C CE1 . TYR A 1 166 ? 4.265   2.165   15.411  1.00 56.25  ? 166 TYR A CE1 1 
ATOM   1173 C CE2 . TYR A 1 166 ? 4.285   -0.192  15.864  1.00 60.73  ? 166 TYR A CE2 1 
ATOM   1174 C CZ  . TYR A 1 166 ? 3.794   1.070   16.121  1.00 60.67  ? 166 TYR A CZ  1 
ATOM   1175 O OH  . TYR A 1 166 ? 2.828   1.233   17.090  1.00 59.85  ? 166 TYR A OH  1 
ATOM   1176 N N   . PHE A 1 167 ? 8.534   -1.654  14.620  1.00 63.94  ? 167 PHE A N   1 
ATOM   1177 C CA  . PHE A 1 167 ? 8.636   -2.602  15.726  1.00 64.13  ? 167 PHE A CA  1 
ATOM   1178 C C   . PHE A 1 167 ? 9.798   -2.251  16.652  1.00 65.15  ? 167 PHE A C   1 
ATOM   1179 O O   . PHE A 1 167 ? 9.657   -2.293  17.883  1.00 65.32  ? 167 PHE A O   1 
ATOM   1180 C CB  . PHE A 1 167 ? 8.810   -4.027  15.204  1.00 58.54  ? 167 PHE A CB  1 
ATOM   1181 C CG  . PHE A 1 167 ? 9.107   -5.022  16.287  1.00 59.27  ? 167 PHE A CG  1 
ATOM   1182 C CD1 . PHE A 1 167 ? 8.074   -5.549  17.055  1.00 60.17  ? 167 PHE A CD1 1 
ATOM   1183 C CD2 . PHE A 1 167 ? 10.418  -5.387  16.579  1.00 61.37  ? 167 PHE A CD2 1 
ATOM   1184 C CE1 . PHE A 1 167 ? 8.333   -6.449  18.092  1.00 65.78  ? 167 PHE A CE1 1 
ATOM   1185 C CE2 . PHE A 1 167 ? 10.696  -6.289  17.620  1.00 66.39  ? 167 PHE A CE2 1 
ATOM   1186 C CZ  . PHE A 1 167 ? 9.644   -6.822  18.377  1.00 65.50  ? 167 PHE A CZ  1 
ATOM   1187 N N   . ILE A 1 168 ? 10.962  -1.922  16.081  1.00 60.90  ? 168 ILE A N   1 
ATOM   1188 C CA  . ILE A 1 168 ? 12.132  -1.650  16.910  1.00 59.15  ? 168 ILE A CA  1 
ATOM   1189 C C   . ILE A 1 168 ? 11.907  -0.407  17.754  1.00 65.08  ? 168 ILE A C   1 
ATOM   1190 O O   . ILE A 1 168 ? 12.222  -0.390  18.950  1.00 69.17  ? 168 ILE A O   1 
ATOM   1191 C CB  . ILE A 1 168 ? 13.384  -1.515  16.036  1.00 52.52  ? 168 ILE A CB  1 
ATOM   1192 C CG1 . ILE A 1 168 ? 13.958  -2.889  15.720  1.00 57.05  ? 168 ILE A CG1 1 
ATOM   1193 C CG2 . ILE A 1 168 ? 14.413  -0.689  16.739  1.00 59.72  ? 168 ILE A CG2 1 
ATOM   1194 C CD1 . ILE A 1 168 ? 15.277  -2.802  15.029  1.00 67.90  ? 168 ILE A CD1 1 
ATOM   1195 N N   . ALA A 1 169 ? 11.356  0.651   17.145  1.00 61.12  ? 169 ALA A N   1 
ATOM   1196 C CA  . ALA A 1 169 ? 11.044  1.865   17.893  1.00 59.78  ? 169 ALA A CA  1 
ATOM   1197 C C   . ALA A 1 169 ? 10.155  1.555   19.089  1.00 64.10  ? 169 ALA A C   1 
ATOM   1198 O O   . ALA A 1 169 ? 10.488  1.905   20.228  1.00 68.57  ? 169 ALA A O   1 
ATOM   1199 C CB  . ALA A 1 169 ? 10.376  2.897   16.981  1.00 57.60  ? 169 ALA A CB  1 
ATOM   1200 N N   . SER A 1 170 ? 9.018   0.890   18.848  1.00 64.29  ? 170 SER A N   1 
ATOM   1201 C CA  . SER A 1 170 ? 8.085   0.569   19.924  1.00 62.11  ? 170 SER A CA  1 
ATOM   1202 C C   . SER A 1 170 ? 8.724   -0.321  20.987  1.00 68.95  ? 170 SER A C   1 
ATOM   1203 O O   . SER A 1 170 ? 8.422   -0.171  22.180  1.00 68.90  ? 170 SER A O   1 
ATOM   1204 C CB  . SER A 1 170 ? 6.848   -0.105  19.336  1.00 61.79  ? 170 SER A CB  1 
ATOM   1205 O OG  . SER A 1 170 ? 6.359   0.648   18.235  1.00 62.70  ? 170 SER A OG  1 
ATOM   1206 N N   . ASP A 1 171 ? 9.604   -1.230  20.589  1.00 65.15  ? 171 ASP A N   1 
ATOM   1207 C CA  . ASP A 1 171 ? 10.313  -2.116  21.501  1.00 69.15  ? 171 ASP A CA  1 
ATOM   1208 C C   . ASP A 1 171 ? 11.266  -1.376  22.429  1.00 70.89  ? 171 ASP A C   1 
ATOM   1209 O O   . ASP A 1 171 ? 11.452  -1.732  23.583  1.00 67.76  ? 171 ASP A O   1 
ATOM   1210 C CB  . ASP A 1 171 ? 11.038  -3.210  20.759  1.00 64.23  ? 171 ASP A CB  1 
ATOM   1211 C CG  . ASP A 1 171 ? 11.064  -4.469  21.514  1.00 71.80  ? 171 ASP A CG  1 
ATOM   1212 O OD1 . ASP A 1 171 ? 9.975   -4.924  21.868  1.00 77.94  ? 171 ASP A OD1 1 
ATOM   1213 O OD2 . ASP A 1 171 ? 12.156  -5.002  21.738  1.00 78.83  ? 171 ASP A OD2 1 
ATOM   1214 N N   . LEU A 1 172 ? 11.896  -0.370  21.864  1.00 70.95  ? 172 LEU A N   1 
ATOM   1215 C CA  . LEU A 1 172 ? 12.763  0.529   22.609  1.00 64.34  ? 172 LEU A CA  1 
ATOM   1216 C C   . LEU A 1 172 ? 11.980  1.605   23.346  1.00 60.11  ? 172 LEU A C   1 
ATOM   1217 O O   . LEU A 1 172 ? 12.560  2.621   23.734  1.00 68.45  ? 172 LEU A O   1 
ATOM   1218 C CB  . LEU A 1 172 ? 13.776  1.178   21.666  1.00 65.12  ? 172 LEU A CB  1 
ATOM   1219 C CG  . LEU A 1 172 ? 14.750  0.219   20.979  1.00 65.55  ? 172 LEU A CG  1 
ATOM   1220 C CD1 . LEU A 1 172 ? 15.649  0.943   19.985  1.00 57.98  ? 172 LEU A CD1 1 
ATOM   1221 C CD2 . LEU A 1 172 ? 15.580  -0.509  22.013  1.00 52.20  ? 172 LEU A CD2 1 
ATOM   1222 N N   . SER A 1 173 ? 10.672  1.419   23.512  1.00 66.04  ? 173 SER A N   1 
ATOM   1223 C CA  . SER A 1 173 ? 9.825   2.307   24.296  1.00 64.33  ? 173 SER A CA  1 
ATOM   1224 C C   . SER A 1 173 ? 9.649   3.690   23.649  1.00 66.93  ? 173 SER A C   1 
ATOM   1225 O O   . SER A 1 173 ? 9.262   4.652   24.323  1.00 69.95  ? 173 SER A O   1 
ATOM   1226 C CB  . SER A 1 173 ? 10.367  2.433   25.725  1.00 67.82  ? 173 SER A CB  1 
ATOM   1227 O OG  . SER A 1 173 ? 9.501   3.191   26.538  1.00 90.09  ? 173 SER A OG  1 
ATOM   1228 N N   . VAL A 1 174 ? 9.887   3.822   22.347  1.00 60.39  ? 174 VAL A N   1 
ATOM   1229 C CA  . VAL A 1 174 ? 9.585   5.096   21.676  1.00 60.05  ? 174 VAL A CA  1 
ATOM   1230 C C   . VAL A 1 174 ? 8.073   5.304   21.661  1.00 61.11  ? 174 VAL A C   1 
ATOM   1231 O O   . VAL A 1 174 ? 7.330   4.369   21.327  1.00 65.83  ? 174 VAL A O   1 
ATOM   1232 C CB  . VAL A 1 174 ? 10.157  5.100   20.251  1.00 61.20  ? 174 VAL A CB  1 
ATOM   1233 C CG1 . VAL A 1 174 ? 9.759   6.382   19.498  1.00 57.05  ? 174 VAL A CG1 1 
ATOM   1234 C CG2 . VAL A 1 174 ? 11.661  4.933   20.277  1.00 56.72  ? 174 VAL A CG2 1 
ATOM   1235 N N   . PRO A 1 175 ? 7.566   6.491   21.998  1.00 61.74  ? 175 PRO A N   1 
ATOM   1236 C CA  . PRO A 1 175 ? 6.114   6.706   21.969  1.00 63.87  ? 175 PRO A CA  1 
ATOM   1237 C C   . PRO A 1 175 ? 5.505   6.453   20.591  1.00 62.34  ? 175 PRO A C   1 
ATOM   1238 O O   . PRO A 1 175 ? 6.152   6.575   19.543  1.00 59.18  ? 175 PRO A O   1 
ATOM   1239 C CB  . PRO A 1 175 ? 5.957   8.176   22.396  1.00 58.73  ? 175 PRO A CB  1 
ATOM   1240 C CG  . PRO A 1 175 ? 7.310   8.785   22.243  1.00 56.96  ? 175 PRO A CG  1 
ATOM   1241 C CD  . PRO A 1 175 ? 8.288   7.677   22.486  1.00 57.43  ? 175 PRO A CD  1 
ATOM   1242 N N   . GLU A 1 176 ? 4.216   6.109   20.620  1.00 59.46  ? 176 GLU A N   1 
ATOM   1243 C CA  . GLU A 1 176 ? 3.519   5.599   19.445  1.00 61.53  ? 176 GLU A CA  1 
ATOM   1244 C C   . GLU A 1 176 ? 3.616   6.561   18.264  1.00 66.35  ? 176 GLU A C   1 
ATOM   1245 O O   . GLU A 1 176 ? 4.137   6.202   17.200  1.00 62.77  ? 176 GLU A O   1 
ATOM   1246 C CB  . GLU A 1 176 ? 2.059   5.326   19.809  1.00 66.74  ? 176 GLU A CB  1 
ATOM   1247 C CG  . GLU A 1 176 ? 1.096   5.262   18.625  1.00 71.17  ? 176 GLU A CG  1 
ATOM   1248 C CD  . GLU A 1 176 ? 1.168   3.947   17.870  1.00 69.22  ? 176 GLU A CD  1 
ATOM   1249 O OE1 . GLU A 1 176 ? 2.013   3.091   18.226  1.00 66.23  ? 176 GLU A OE1 1 
ATOM   1250 O OE2 . GLU A 1 176 ? 0.369   3.774   16.925  1.00 66.72  ? 176 GLU A OE2 1 
ATOM   1251 N N   . ASP A 1 177 ? 3.104   7.791   18.433  1.00 65.60  ? 177 ASP A N   1 
ATOM   1252 C CA  . ASP A 1 177 ? 3.035   8.738   17.323  1.00 62.15  ? 177 ASP A CA  1 
ATOM   1253 C C   . ASP A 1 177 ? 4.409   9.017   16.736  1.00 61.11  ? 177 ASP A C   1 
ATOM   1254 O O   . ASP A 1 177 ? 4.544   9.180   15.518  1.00 57.91  ? 177 ASP A O   1 
ATOM   1255 C CB  . ASP A 1 177 ? 2.378   10.040  17.786  1.00 65.57  ? 177 ASP A CB  1 
ATOM   1256 C CG  . ASP A 1 177 ? 0.871   9.915   17.932  1.00 80.99  ? 177 ASP A CG  1 
ATOM   1257 O OD1 . ASP A 1 177 ? 0.286   9.026   17.273  1.00 79.57  ? 177 ASP A OD1 1 
ATOM   1258 O OD2 . ASP A 1 177 ? 0.279   10.710  18.696  1.00 88.92  ? 177 ASP A OD2 1 
ATOM   1259 N N   . VAL A 1 178 ? 5.435   9.089   17.585  1.00 60.87  ? 178 VAL A N   1 
ATOM   1260 C CA  . VAL A 1 178 ? 6.806   9.208   17.100  1.00 63.42  ? 178 VAL A CA  1 
ATOM   1261 C C   . VAL A 1 178 ? 7.214   7.950   16.339  1.00 63.46  ? 178 VAL A C   1 
ATOM   1262 O O   . VAL A 1 178 ? 7.889   8.025   15.302  1.00 59.87  ? 178 VAL A O   1 
ATOM   1263 C CB  . VAL A 1 178 ? 7.752   9.487   18.279  1.00 59.80  ? 178 VAL A CB  1 
ATOM   1264 C CG1 . VAL A 1 178 ? 9.184   9.703   17.787  1.00 58.45  ? 178 VAL A CG1 1 
ATOM   1265 C CG2 . VAL A 1 178 ? 7.220   10.656  19.090  1.00 57.81  ? 178 VAL A CG2 1 
ATOM   1266 N N   . ALA A 1 179 ? 6.828   6.775   16.852  1.00 55.50  ? 179 ALA A N   1 
ATOM   1267 C CA  . ALA A 1 179 ? 7.091   5.529   16.141  1.00 56.02  ? 179 ALA A CA  1 
ATOM   1268 C C   . ALA A 1 179 ? 6.468   5.537   14.754  1.00 55.08  ? 179 ALA A C   1 
ATOM   1269 O O   . ALA A 1 179 ? 7.119   5.119   13.789  1.00 55.30  ? 179 ALA A O   1 
ATOM   1270 C CB  . ALA A 1 179 ? 6.575   4.343   16.950  1.00 57.10  ? 179 ALA A CB  1 
ATOM   1271 N N   . LEU A 1 180 ? 5.230   6.028   14.632  1.00 52.10  ? 180 LEU A N   1 
ATOM   1272 C CA  . LEU A 1 180 ? 4.567   6.092   13.328  1.00 57.79  ? 180 LEU A CA  1 
ATOM   1273 C C   . LEU A 1 180 ? 5.339   6.968   12.341  1.00 57.27  ? 180 LEU A C   1 
ATOM   1274 O O   . LEU A 1 180 ? 5.590   6.551   11.200  1.00 50.30  ? 180 LEU A O   1 
ATOM   1275 C CB  . LEU A 1 180 ? 3.125   6.599   13.494  1.00 55.48  ? 180 LEU A CB  1 
ATOM   1276 C CG  . LEU A 1 180 ? 2.104   5.603   14.068  1.00 55.47  ? 180 LEU A CG  1 
ATOM   1277 C CD1 . LEU A 1 180 ? 0.739   6.242   14.303  1.00 49.78  ? 180 LEU A CD1 1 
ATOM   1278 C CD2 . LEU A 1 180 ? 1.973   4.420   13.146  1.00 49.87  ? 180 LEU A CD2 1 
ATOM   1279 N N   . ILE A 1 181 ? 5.723   8.179   12.767  1.00 60.78  ? 181 ILE A N   1 
ATOM   1280 C CA  . ILE A 1 181 ? 6.351   9.153   11.870  1.00 56.96  ? 181 ILE A CA  1 
ATOM   1281 C C   . ILE A 1 181 ? 7.689   8.637   11.356  1.00 58.05  ? 181 ILE A C   1 
ATOM   1282 O O   . ILE A 1 181 ? 7.999   8.746   10.163  1.00 59.22  ? 181 ILE A O   1 
ATOM   1283 C CB  . ILE A 1 181 ? 6.530   10.501  12.589  1.00 61.64  ? 181 ILE A CB  1 
ATOM   1284 C CG1 . ILE A 1 181 ? 5.178   11.163  12.887  1.00 72.02  ? 181 ILE A CG1 1 
ATOM   1285 C CG2 . ILE A 1 181 ? 7.405   11.434  11.765  1.00 61.72  ? 181 ILE A CG2 1 
ATOM   1286 C CD1 . ILE A 1 181 ? 5.306   12.501  13.634  1.00 80.08  ? 181 ILE A CD1 1 
ATOM   1287 N N   . VAL A 1 182 ? 8.519   8.113   12.258  1.00 55.04  ? 182 VAL A N   1 
ATOM   1288 C CA  . VAL A 1 182 ? 9.845   7.647   11.867  1.00 57.91  ? 182 VAL A CA  1 
ATOM   1289 C C   . VAL A 1 182 ? 9.738   6.469   10.909  1.00 62.65  ? 182 VAL A C   1 
ATOM   1290 O O   . VAL A 1 182 ? 10.423  6.422   9.878   1.00 62.62  ? 182 VAL A O   1 
ATOM   1291 C CB  . VAL A 1 182 ? 10.656  7.288   13.122  1.00 60.18  ? 182 VAL A CB  1 
ATOM   1292 C CG1 . VAL A 1 182 ? 11.954  6.581   12.736  1.00 54.05  ? 182 VAL A CG1 1 
ATOM   1293 C CG2 . VAL A 1 182 ? 10.901  8.547   13.945  1.00 61.74  ? 182 VAL A CG2 1 
ATOM   1294 N N   . SER A 1 183 ? 8.894   5.486   11.258  1.00 62.86  ? 183 SER A N   1 
ATOM   1295 C CA  . SER A 1 183 ? 8.543   4.391   10.356  1.00 55.22  ? 183 SER A CA  1 
ATOM   1296 C C   . SER A 1 183 ? 8.080   4.908   8.993   1.00 57.01  ? 183 SER A C   1 
ATOM   1297 O O   . SER A 1 183 ? 8.602   4.486   7.952   1.00 56.30  ? 183 SER A O   1 
ATOM   1298 C CB  . SER A 1 183 ? 7.457   3.551   11.017  1.00 57.10  ? 183 SER A CB  1 
ATOM   1299 O OG  . SER A 1 183 ? 7.024   2.501   10.180  1.00 65.50  ? 183 SER A OG  1 
ATOM   1300 N N   . PHE A 1 184 ? 7.109   5.830   8.976   1.00 51.70  ? 184 PHE A N   1 
ATOM   1301 C CA  . PHE A 1 184 ? 6.643   6.417   7.718   1.00 52.08  ? 184 PHE A CA  1 
ATOM   1302 C C   . PHE A 1 184 ? 7.780   7.086   6.952   1.00 57.50  ? 184 PHE A C   1 
ATOM   1303 O O   . PHE A 1 184 ? 7.890   6.940   5.727   1.00 55.85  ? 184 PHE A O   1 
ATOM   1304 C CB  . PHE A 1 184 ? 5.521   7.424   8.000   1.00 51.62  ? 184 PHE A CB  1 
ATOM   1305 C CG  . PHE A 1 184 ? 5.197   8.340   6.836   1.00 57.04  ? 184 PHE A CG  1 
ATOM   1306 C CD1 . PHE A 1 184 ? 5.892   9.535   6.646   1.00 57.77  ? 184 PHE A CD1 1 
ATOM   1307 C CD2 . PHE A 1 184 ? 4.174   8.024   5.955   1.00 56.67  ? 184 PHE A CD2 1 
ATOM   1308 C CE1 . PHE A 1 184 ? 5.599   10.378  5.582   1.00 55.79  ? 184 PHE A CE1 1 
ATOM   1309 C CE2 . PHE A 1 184 ? 3.867   8.853   4.896   1.00 60.47  ? 184 PHE A CE2 1 
ATOM   1310 C CZ  . PHE A 1 184 ? 4.589   10.046  4.706   1.00 60.25  ? 184 PHE A CZ  1 
ATOM   1311 N N   . LEU A 1 185 ? 8.640   7.827   7.649   1.00 57.80  ? 185 LEU A N   1 
ATOM   1312 C CA  . LEU A 1 185 ? 9.665   8.572   6.931   1.00 56.43  ? 185 LEU A CA  1 
ATOM   1313 C C   . LEU A 1 185 ? 10.744  7.651   6.358   1.00 60.04  ? 185 LEU A C   1 
ATOM   1314 O O   . LEU A 1 185 ? 11.212  7.878   5.234   1.00 61.96  ? 185 LEU A O   1 
ATOM   1315 C CB  . LEU A 1 185 ? 10.265  9.641   7.843   1.00 64.00  ? 185 LEU A CB  1 
ATOM   1316 C CG  . LEU A 1 185 ? 9.343   10.857  8.021   1.00 65.93  ? 185 LEU A CG  1 
ATOM   1317 C CD1 . LEU A 1 185 ? 9.844   11.804  9.103   1.00 59.58  ? 185 LEU A CD1 1 
ATOM   1318 C CD2 . LEU A 1 185 ? 9.164   11.602  6.700   1.00 60.95  ? 185 LEU A CD2 1 
ATOM   1319 N N   . ILE A 1 186 ? 11.129  6.587   7.075   1.00 57.07  ? 186 ILE A N   1 
ATOM   1320 C CA  . ILE A 1 186 ? 12.132  5.692   6.504   1.00 57.53  ? 186 ILE A CA  1 
ATOM   1321 C C   . ILE A 1 186 ? 11.568  4.901   5.319   1.00 58.98  ? 186 ILE A C   1 
ATOM   1322 O O   . ILE A 1 186 ? 12.268  4.721   4.314   1.00 56.93  ? 186 ILE A O   1 
ATOM   1323 C CB  . ILE A 1 186 ? 12.740  4.772   7.579   1.00 61.77  ? 186 ILE A CB  1 
ATOM   1324 C CG1 . ILE A 1 186 ? 13.698  3.769   6.927   1.00 66.43  ? 186 ILE A CG1 1 
ATOM   1325 C CG2 . ILE A 1 186 ? 11.668  4.026   8.345   1.00 72.97  ? 186 ILE A CG2 1 
ATOM   1326 C CD1 . ILE A 1 186 ? 14.554  2.996   7.911   1.00 73.64  ? 186 ILE A CD1 1 
ATOM   1327 N N   . THR A 1 187 ? 10.316  4.420   5.399   1.00 57.37  ? 187 THR A N   1 
ATOM   1328 C CA  . THR A 1 187 ? 9.689   3.819   4.216   1.00 58.33  ? 187 THR A CA  1 
ATOM   1329 C C   . THR A 1 187 ? 9.801   4.747   3.014   1.00 56.72  ? 187 THR A C   1 
ATOM   1330 O O   . THR A 1 187 ? 10.154  4.314   1.907   1.00 54.42  ? 187 THR A O   1 
ATOM   1331 C CB  . THR A 1 187 ? 8.206   3.502   4.463   1.00 56.24  ? 187 THR A CB  1 
ATOM   1332 O OG1 . THR A 1 187 ? 8.062   2.612   5.569   1.00 55.56  ? 187 THR A OG1 1 
ATOM   1333 C CG2 . THR A 1 187 ? 7.598   2.837   3.245   1.00 53.08  ? 187 THR A CG2 1 
ATOM   1334 N N   . LEU A 1 188 ? 9.516   6.036   3.230   1.00 59.75  ? 188 LEU A N   1 
ATOM   1335 C CA  . LEU A 1 188 ? 9.482   7.017   2.156   1.00 54.67  ? 188 LEU A CA  1 
ATOM   1336 C C   . LEU A 1 188 ? 10.874  7.286   1.607   1.00 61.49  ? 188 LEU A C   1 
ATOM   1337 O O   . LEU A 1 188 ? 11.033  7.513   0.400   1.00 63.02  ? 188 LEU A O   1 
ATOM   1338 C CB  . LEU A 1 188 ? 8.863   8.305   2.671   1.00 53.13  ? 188 LEU A CB  1 
ATOM   1339 C CG  . LEU A 1 188 ? 8.741   9.416   1.635   1.00 57.99  ? 188 LEU A CG  1 
ATOM   1340 C CD1 . LEU A 1 188 ? 7.732   9.014   0.565   1.00 52.16  ? 188 LEU A CD1 1 
ATOM   1341 C CD2 . LEU A 1 188 ? 8.330   10.708  2.322   1.00 53.54  ? 188 LEU A CD2 1 
ATOM   1342 N N   . ILE A 1 189 ? 11.895  7.268   2.470   1.00 57.40  ? 189 ILE A N   1 
ATOM   1343 C CA  . ILE A 1 189 ? 13.263  7.452   1.989   1.00 54.78  ? 189 ILE A CA  1 
ATOM   1344 C C   . ILE A 1 189 ? 13.673  6.289   1.098   1.00 57.98  ? 189 ILE A C   1 
ATOM   1345 O O   . ILE A 1 189 ? 14.219  6.491   0.005   1.00 59.23  ? 189 ILE A O   1 
ATOM   1346 C CB  . ILE A 1 189 ? 14.247  7.609   3.159   1.00 59.18  ? 189 ILE A CB  1 
ATOM   1347 C CG1 . ILE A 1 189 ? 14.036  8.933   3.884   1.00 62.62  ? 189 ILE A CG1 1 
ATOM   1348 C CG2 . ILE A 1 189 ? 15.694  7.500   2.655   1.00 58.49  ? 189 ILE A CG2 1 
ATOM   1349 C CD1 . ILE A 1 189 ? 15.074  9.181   4.946   1.00 64.19  ? 189 ILE A CD1 1 
ATOM   1350 N N   . LEU A 1 190 ? 13.442  5.053   1.562   1.00 53.57  ? 190 LEU A N   1 
ATOM   1351 C CA  . LEU A 1 190 ? 13.902  3.896   0.806   1.00 56.57  ? 190 LEU A CA  1 
ATOM   1352 C C   . LEU A 1 190 ? 13.141  3.771   -0.502  1.00 60.83  ? 190 LEU A C   1 
ATOM   1353 O O   . LEU A 1 190 ? 13.740  3.445   -1.537  1.00 60.05  ? 190 LEU A O   1 
ATOM   1354 C CB  . LEU A 1 190 ? 13.777  2.621   1.646   1.00 54.00  ? 190 LEU A CB  1 
ATOM   1355 C CG  . LEU A 1 190 ? 14.799  2.560   2.786   1.00 58.16  ? 190 LEU A CG  1 
ATOM   1356 C CD1 . LEU A 1 190 ? 14.640  1.282   3.543   1.00 63.74  ? 190 LEU A CD1 1 
ATOM   1357 C CD2 . LEU A 1 190 ? 16.230  2.693   2.279   1.00 55.16  ? 190 LEU A CD2 1 
ATOM   1358 N N   . ARG A 1 191 ? 11.842  4.085   -0.486  1.00 54.65  ? 191 ARG A N   1 
ATOM   1359 C CA  . ARG A 1 191 ? 11.060  4.040   -1.715  1.00 60.07  ? 191 ARG A CA  1 
ATOM   1360 C C   . ARG A 1 191 ? 11.602  5.018   -2.759  1.00 62.60  ? 191 ARG A C   1 
ATOM   1361 O O   . ARG A 1 191 ? 11.655  4.686   -3.949  1.00 64.64  ? 191 ARG A O   1 
ATOM   1362 C CB  . ARG A 1 191 ? 9.587   4.317   -1.410  1.00 57.01  ? 191 ARG A CB  1 
ATOM   1363 C CG  . ARG A 1 191 ? 8.704   4.202   -2.613  1.00 57.02  ? 191 ARG A CG  1 
ATOM   1364 C CD  . ARG A 1 191 ? 8.901   2.878   -3.333  1.00 62.68  ? 191 ARG A CD  1 
ATOM   1365 N NE  . ARG A 1 191 ? 8.490   3.013   -4.725  1.00 64.17  ? 191 ARG A NE  1 
ATOM   1366 C CZ  . ARG A 1 191 ? 8.891   2.221   -5.706  1.00 64.85  ? 191 ARG A CZ  1 
ATOM   1367 N NH1 . ARG A 1 191 ? 9.717   1.212   -5.459  1.00 66.71  ? 191 ARG A NH1 1 
ATOM   1368 N NH2 . ARG A 1 191 ? 8.460   2.447   -6.940  1.00 74.85  ? 191 ARG A NH2 1 
ATOM   1369 N N   . ILE A 1 192 ? 12.021  6.220   -2.334  1.00 62.49  ? 192 ILE A N   1 
ATOM   1370 C CA  . ILE A 1 192 ? 12.513  7.226   -3.280  1.00 59.64  ? 192 ILE A CA  1 
ATOM   1371 C C   . ILE A 1 192 ? 13.898  6.857   -3.805  1.00 59.56  ? 192 ILE A C   1 
ATOM   1372 O O   . ILE A 1 192 ? 14.197  7.034   -4.993  1.00 58.33  ? 192 ILE A O   1 
ATOM   1373 C CB  . ILE A 1 192 ? 12.517  8.620   -2.631  1.00 56.69  ? 192 ILE A CB  1 
ATOM   1374 C CG1 . ILE A 1 192 ? 11.089  9.098   -2.359  1.00 59.23  ? 192 ILE A CG1 1 
ATOM   1375 C CG2 . ILE A 1 192 ? 13.231  9.605   -3.523  1.00 57.04  ? 192 ILE A CG2 1 
ATOM   1376 C CD1 . ILE A 1 192 ? 11.043  10.397  -1.600  1.00 56.38  ? 192 ILE A CD1 1 
ATOM   1377 N N   . LEU A 1 193 ? 14.775  6.361   -2.933  1.00 58.99  ? 193 LEU A N   1 
ATOM   1378 C CA  . LEU A 1 193 ? 16.037  5.822   -3.426  1.00 64.29  ? 193 LEU A CA  1 
ATOM   1379 C C   . LEU A 1 193 ? 15.786  4.749   -4.476  1.00 63.52  ? 193 LEU A C   1 
ATOM   1380 O O   . LEU A 1 193 ? 16.396  4.762   -5.552  1.00 59.97  ? 193 LEU A O   1 
ATOM   1381 C CB  . LEU A 1 193 ? 16.862  5.262   -2.267  1.00 60.12  ? 193 LEU A CB  1 
ATOM   1382 C CG  . LEU A 1 193 ? 17.541  6.316   -1.399  1.00 62.30  ? 193 LEU A CG  1 
ATOM   1383 C CD1 . LEU A 1 193 ? 18.174  5.662   -0.183  1.00 55.42  ? 193 LEU A CD1 1 
ATOM   1384 C CD2 . LEU A 1 193 ? 18.574  7.066   -2.228  1.00 52.37  ? 193 LEU A CD2 1 
ATOM   1385 N N   . ALA A 1 194 ? 14.856  3.832   -4.190  1.00 63.22  ? 194 ALA A N   1 
ATOM   1386 C CA  . ALA A 1 194 ? 14.592  2.717   -5.092  1.00 68.47  ? 194 ALA A CA  1 
ATOM   1387 C C   . ALA A 1 194 ? 14.050  3.188   -6.443  1.00 62.59  ? 194 ALA A C   1 
ATOM   1388 O O   . ALA A 1 194 ? 14.488  2.687   -7.485  1.00 64.58  ? 194 ALA A O   1 
ATOM   1389 C CB  . ALA A 1 194 ? 13.629  1.731   -4.422  1.00 68.55  ? 194 ALA A CB  1 
ATOM   1390 N N   . MET A 1 195 ? 13.096  4.133   -6.445  1.00 60.07  ? 195 MET A N   1 
ATOM   1391 C CA  . MET A 1 195 ? 12.528  4.646   -7.698  1.00 64.04  ? 195 MET A CA  1 
ATOM   1392 C C   . MET A 1 195 ? 13.594  5.278   -8.576  1.00 67.03  ? 195 MET A C   1 
ATOM   1393 O O   . MET A 1 195 ? 13.609  5.091   -9.798  1.00 71.21  ? 195 MET A O   1 
ATOM   1394 C CB  . MET A 1 195 ? 11.463  5.714   -7.435  1.00 65.84  ? 195 MET A CB  1 
ATOM   1395 C CG  . MET A 1 195 ? 10.169  5.273   -6.840  1.00 75.63  ? 195 MET A CG  1 
ATOM   1396 S SD  . MET A 1 195 ? 9.294   6.728   -6.195  1.00 79.99  ? 195 MET A SD  1 
ATOM   1397 C CE  . MET A 1 195 ? 9.431   7.836   -7.596  1.00 80.86  ? 195 MET A CE  1 
ATOM   1398 N N   . GLU A 1 196 ? 14.450  6.098   -7.974  1.00 67.59  ? 196 GLU A N   1 
ATOM   1399 C CA  . GLU A 1 196 ? 15.348  6.922   -8.763  1.00 60.05  ? 196 GLU A CA  1 
ATOM   1400 C C   . GLU A 1 196 ? 16.604  6.161   -9.141  1.00 64.77  ? 196 GLU A C   1 
ATOM   1401 O O   . GLU A 1 196 ? 17.128  6.348   -10.244 1.00 72.57  ? 196 GLU A O   1 
ATOM   1402 C CB  . GLU A 1 196 ? 15.684  8.186   -7.989  1.00 60.53  ? 196 GLU A CB  1 
ATOM   1403 C CG  . GLU A 1 196 ? 14.446  8.998   -7.603  1.00 60.93  ? 196 GLU A CG  1 
ATOM   1404 C CD  . GLU A 1 196 ? 13.878  9.784   -8.773  1.00 68.77  ? 196 GLU A CD  1 
ATOM   1405 O OE1 . GLU A 1 196 ? 14.599  9.948   -9.786  1.00 77.29  ? 196 GLU A OE1 1 
ATOM   1406 O OE2 . GLU A 1 196 ? 12.722  10.251  -8.682  1.00 72.11  ? 196 GLU A OE2 1 
ATOM   1407 N N   . LEU A 1 197 ? 17.089  5.287   -8.260  1.00 61.10  ? 197 LEU A N   1 
ATOM   1408 C CA  . LEU A 1 197 ? 18.269  4.482   -8.547  1.00 63.22  ? 197 LEU A CA  1 
ATOM   1409 C C   . LEU A 1 197 ? 17.928  3.184   -9.267  1.00 63.53  ? 197 LEU A C   1 
ATOM   1410 O O   . LEU A 1 197 ? 18.844  2.499   -9.724  1.00 62.77  ? 197 LEU A O   1 
ATOM   1411 C CB  . LEU A 1 197 ? 19.036  4.189   -7.250  1.00 61.26  ? 197 LEU A CB  1 
ATOM   1412 C CG  . LEU A 1 197 ? 19.477  5.459   -6.517  1.00 58.18  ? 197 LEU A CG  1 
ATOM   1413 C CD1 . LEU A 1 197 ? 20.213  5.130   -5.235  1.00 54.23  ? 197 LEU A CD1 1 
ATOM   1414 C CD2 . LEU A 1 197 ? 20.336  6.320   -7.418  1.00 58.69  ? 197 LEU A CD2 1 
ATOM   1415 N N   . LYS A 1 198 ? 16.631  2.866   -9.398  1.00 64.24  ? 198 LYS A N   1 
ATOM   1416 C CA  . LYS A 1 198 ? 16.127  1.652   -10.051 1.00 63.38  ? 198 LYS A CA  1 
ATOM   1417 C C   . LYS A 1 198 ? 16.624  0.392   -9.347  1.00 63.61  ? 198 LYS A C   1 
ATOM   1418 O O   . LYS A 1 198 ? 17.154  -0.535  -9.968  1.00 66.13  ? 198 LYS A O   1 
ATOM   1419 C CB  . LYS A 1 198 ? 16.475  1.631   -11.537 1.00 65.60  ? 198 LYS A CB  1 
ATOM   1420 C CG  . LYS A 1 198 ? 15.702  2.655   -12.358 1.00 71.90  ? 198 LYS A CG  1 
ATOM   1421 C CD  . LYS A 1 198 ? 16.623  3.762   -12.844 1.00 77.68  ? 198 LYS A CD  1 
ATOM   1422 C CE  . LYS A 1 198 ? 15.968  4.668   -13.890 1.00 80.62  ? 198 LYS A CE  1 
ATOM   1423 N NZ  . LYS A 1 198 ? 16.880  5.808   -14.241 1.00 77.82  ? 198 LYS A NZ  1 
ATOM   1424 N N   . TRP A 1 199 ? 16.414  0.358   -8.036  1.00 63.86  ? 199 TRP A N   1 
ATOM   1425 C CA  . TRP A 1 199 ? 16.865  -0.757  -7.217  1.00 64.63  ? 199 TRP A CA  1 
ATOM   1426 C C   . TRP A 1 199 ? 16.019  -1.995  -7.455  1.00 61.14  ? 199 TRP A C   1 
ATOM   1427 O O   . TRP A 1 199 ? 14.798  -1.910  -7.600  1.00 68.39  ? 199 TRP A O   1 
ATOM   1428 C CB  . TRP A 1 199 ? 16.785  -0.387  -5.742  1.00 66.37  ? 199 TRP A CB  1 
ATOM   1429 C CG  . TRP A 1 199 ? 17.890  0.454   -5.256  1.00 65.29  ? 199 TRP A CG  1 
ATOM   1430 C CD1 . TRP A 1 199 ? 18.939  0.950   -5.981  1.00 68.21  ? 199 TRP A CD1 1 
ATOM   1431 C CD2 . TRP A 1 199 ? 18.076  0.901   -3.915  1.00 59.67  ? 199 TRP A CD2 1 
ATOM   1432 N NE1 . TRP A 1 199 ? 19.768  1.685   -5.163  1.00 67.21  ? 199 TRP A NE1 1 
ATOM   1433 C CE2 . TRP A 1 199 ? 19.257  1.666   -3.890  1.00 60.43  ? 199 TRP A CE2 1 
ATOM   1434 C CE3 . TRP A 1 199 ? 17.361  0.724   -2.733  1.00 52.95  ? 199 TRP A CE3 1 
ATOM   1435 C CZ2 . TRP A 1 199 ? 19.733  2.249   -2.732  1.00 61.82  ? 199 TRP A CZ2 1 
ATOM   1436 C CZ3 . TRP A 1 199 ? 17.832  1.302   -1.593  1.00 52.39  ? 199 TRP A CZ3 1 
ATOM   1437 C CH2 . TRP A 1 199 ? 19.005  2.055   -1.593  1.00 56.52  ? 199 TRP A CH2 1 
ATOM   1438 N N   . GLU A 1 200 ? 16.666  -3.156  -7.424  1.00 67.68  ? 200 GLU A N   1 
ATOM   1439 C CA  . GLU A 1 200 ? 15.986  -4.422  -7.661  1.00 66.66  ? 200 GLU A CA  1 
ATOM   1440 C C   . GLU A 1 200 ? 16.620  -5.511  -6.816  1.00 67.29  ? 200 GLU A C   1 
ATOM   1441 O O   . GLU A 1 200 ? 17.796  -5.431  -6.455  1.00 76.82  ? 200 GLU A O   1 
ATOM   1442 C CB  . GLU A 1 200 ? 16.045  -4.835  -9.128  1.00 61.61  ? 200 GLU A CB  1 
ATOM   1443 C CG  . GLU A 1 200 ? 14.957  -4.235  -9.963  1.00 71.19  ? 200 GLU A CG  1 
ATOM   1444 C CD  . GLU A 1 200 ? 14.923  -4.822  -11.357 1.00 81.94  ? 200 GLU A CD  1 
ATOM   1445 O OE1 . GLU A 1 200 ? 15.970  -5.342  -11.821 1.00 72.76  ? 200 GLU A OE1 1 
ATOM   1446 O OE2 . GLU A 1 200 ? 13.842  -4.754  -11.982 1.00 81.24  ? 200 GLU A OE2 1 
ATOM   1447 N N   . LEU A 1 201 ? 15.836  -6.531  -6.514  1.00 62.12  ? 201 LEU A N   1 
ATOM   1448 C CA  . LEU A 1 201 ? 16.427  -7.667  -5.844  1.00 53.44  ? 201 LEU A CA  1 
ATOM   1449 C C   . LEU A 1 201 ? 17.033  -8.598  -6.884  1.00 57.42  ? 201 LEU A C   1 
ATOM   1450 O O   . LEU A 1 201 ? 16.686  -8.525  -8.062  1.00 53.50  ? 201 LEU A O   1 
ATOM   1451 C CB  . LEU A 1 201 ? 15.388  -8.407  -5.035  1.00 52.91  ? 201 LEU A CB  1 
ATOM   1452 C CG  . LEU A 1 201 ? 14.852  -7.564  -3.892  1.00 59.13  ? 201 LEU A CG  1 
ATOM   1453 C CD1 . LEU A 1 201 ? 13.731  -8.315  -3.218  1.00 57.62  ? 201 LEU A CD1 1 
ATOM   1454 C CD2 . LEU A 1 201 ? 15.978  -7.259  -2.918  1.00 54.99  ? 201 LEU A CD2 1 
ATOM   1455 N N   . PRO A 1 202 ? 17.958  -9.462  -6.470  1.00 63.71  ? 202 PRO A N   1 
ATOM   1456 C CA  . PRO A 1 202 ? 18.582  -10.366 -7.442  1.00 57.68  ? 202 PRO A CA  1 
ATOM   1457 C C   . PRO A 1 202 ? 17.644  -11.469 -7.899  1.00 66.05  ? 202 PRO A C   1 
ATOM   1458 O O   . PRO A 1 202 ? 16.745  -11.923 -7.176  1.00 59.07  ? 202 PRO A O   1 
ATOM   1459 C CB  . PRO A 1 202 ? 19.782  -10.947 -6.677  1.00 63.49  ? 202 PRO A CB  1 
ATOM   1460 C CG  . PRO A 1 202 ? 19.506  -10.707 -5.223  1.00 61.55  ? 202 PRO A CG  1 
ATOM   1461 C CD  . PRO A 1 202 ? 18.632  -9.488  -5.156  1.00 63.93  ? 202 PRO A CD  1 
ATOM   1462 N N   . ARG A 1 203 ? 17.879  -11.894 -9.135  1.00 69.74  ? 203 ARG A N   1 
ATOM   1463 C CA  . ARG A 1 203 ? 17.269  -13.047 -9.771  1.00 63.77  ? 203 ARG A CA  1 
ATOM   1464 C C   . ARG A 1 203 ? 18.294  -14.156 -9.943  1.00 68.41  ? 203 ARG A C   1 
ATOM   1465 O O   . ARG A 1 203 ? 19.506  -13.935 -9.905  1.00 77.51  ? 203 ARG A O   1 
ATOM   1466 C CB  . ARG A 1 203 ? 16.734  -12.688 -11.151 1.00 62.21  ? 203 ARG A CB  1 
ATOM   1467 C CG  . ARG A 1 203 ? 15.527  -11.882 -11.116 1.00 65.92  ? 203 ARG A CG  1 
ATOM   1468 C CD  . ARG A 1 203 ? 15.090  -11.593 -12.511 1.00 64.81  ? 203 ARG A CD  1 
ATOM   1469 N NE  . ARG A 1 203 ? 13.688  -11.245 -12.450 1.00 72.60  ? 203 ARG A NE  1 
ATOM   1470 C CZ  . ARG A 1 203 ? 13.246  -10.007 -12.308 1.00 75.95  ? 203 ARG A CZ  1 
ATOM   1471 N NH1 . ARG A 1 203 ? 14.098  -8.996  -12.242 1.00 73.53  ? 203 ARG A NH1 1 
ATOM   1472 N NH2 . ARG A 1 203 ? 11.944  -9.786  -12.248 1.00 81.52  ? 203 ARG A NH2 1 
ATOM   1473 N N   . LYS A 1 204 ? 17.786  -15.350 -10.197 1.00 61.79  ? 204 LYS A N   1 
ATOM   1474 C CA  . LYS A 1 204 ? 18.602  -16.455 -10.672 1.00 68.32  ? 204 LYS A CA  1 
ATOM   1475 C C   . LYS A 1 204 ? 18.493  -16.466 -12.195 1.00 67.40  ? 204 LYS A C   1 
ATOM   1476 O O   . LYS A 1 204 ? 17.391  -16.573 -12.740 1.00 74.77  ? 204 LYS A O   1 
ATOM   1477 C CB  . LYS A 1 204 ? 18.143  -17.769 -10.037 1.00 58.00  ? 204 LYS A CB  1 
ATOM   1478 C CG  . LYS A 1 204 ? 18.653  -17.942 -8.622  1.00 58.87  ? 204 LYS A CG  1 
ATOM   1479 C CD  . LYS A 1 204 ? 19.940  -18.740 -8.646  1.00 60.41  ? 204 LYS A CD  1 
ATOM   1480 C CE  . LYS A 1 204 ? 20.931  -18.292 -7.591  1.00 67.66  ? 204 LYS A CE  1 
ATOM   1481 N NZ  . LYS A 1 204 ? 22.218  -19.047 -7.721  1.00 74.71  ? 204 LYS A NZ  1 
ATOM   1482 N N   . LYS A 1 205 ? 19.626  -16.323 -12.882 1.00 66.47  ? 205 LYS A N   1 
ATOM   1483 C CA  . LYS A 1 205 ? 19.669  -16.463 -14.335 1.00 67.32  ? 205 LYS A CA  1 
ATOM   1484 C C   . LYS A 1 205 ? 20.051  -17.903 -14.671 1.00 74.98  ? 205 LYS A C   1 
ATOM   1485 O O   . LYS A 1 205 ? 21.186  -18.325 -14.427 1.00 84.47  ? 205 LYS A O   1 
ATOM   1486 C CB  . LYS A 1 205 ? 20.664  -15.491 -14.966 1.00 72.48  ? 205 LYS A CB  1 
ATOM   1487 C CG  . LYS A 1 205 ? 20.868  -14.163 -14.245 1.00 83.70  ? 205 LYS A CG  1 
ATOM   1488 C CD  . LYS A 1 205 ? 21.496  -13.146 -15.189 1.00 81.69  ? 205 LYS A CD  1 
ATOM   1489 C CE  . LYS A 1 205 ? 22.130  -11.991 -14.445 1.00 84.28  ? 205 LYS A CE  1 
ATOM   1490 N NZ  . LYS A 1 205 ? 23.502  -12.345 -14.006 1.00 82.65  ? 205 LYS A NZ  1 
ATOM   1491 N N   . ILE A 1 206 ? 19.112  -18.653 -15.241 1.00 75.09  ? 206 ILE A N   1 
ATOM   1492 C CA  . ILE A 1 206 ? 19.327  -20.047 -15.612 1.00 75.83  ? 206 ILE A CA  1 
ATOM   1493 C C   . ILE A 1 206 ? 19.229  -20.154 -17.124 1.00 77.95  ? 206 ILE A C   1 
ATOM   1494 O O   . ILE A 1 206 ? 18.181  -19.836 -17.704 1.00 85.51  ? 206 ILE A O   1 
ATOM   1495 C CB  . ILE A 1 206 ? 18.310  -20.979 -14.945 1.00 73.70  ? 206 ILE A CB  1 
ATOM   1496 C CG1 . ILE A 1 206 ? 18.258  -20.697 -13.450 1.00 67.17  ? 206 ILE A CG1 1 
ATOM   1497 C CG2 . ILE A 1 206 ? 18.666  -22.432 -15.224 1.00 75.83  ? 206 ILE A CG2 1 
ATOM   1498 C CD1 . ILE A 1 206 ? 17.243  -21.499 -12.773 1.00 69.23  ? 206 ILE A CD1 1 
ATOM   1499 N N   . GLU A 1 207 ? 20.309  -20.604 -17.759 1.00 80.49  ? 207 GLU A N   1 
ATOM   1500 C CA  . GLU A 1 207 ? 20.289  -20.780 -19.204 1.00 86.33  ? 207 GLU A CA  1 
ATOM   1501 C C   . GLU A 1 207 ? 19.444  -21.999 -19.536 1.00 76.25  ? 207 GLU A C   1 
ATOM   1502 O O   . GLU A 1 207 ? 19.563  -23.040 -18.883 1.00 77.18  ? 207 GLU A O   1 
ATOM   1503 C CB  . GLU A 1 207 ? 21.713  -20.922 -19.748 1.00 81.72  ? 207 GLU A CB  1 
ATOM   1504 C CG  . GLU A 1 207 ? 22.689  -19.843 -19.231 1.00 79.84  ? 207 GLU A CG  1 
ATOM   1505 C CD  . GLU A 1 207 ? 22.431  -18.438 -19.797 1.00 80.59  ? 207 GLU A CD  1 
ATOM   1506 O OE1 . GLU A 1 207 ? 22.413  -18.283 -21.038 1.00 87.55  ? 207 GLU A OE1 1 
ATOM   1507 O OE2 . GLU A 1 207 ? 22.266  -17.483 -19.004 1.00 78.14  ? 207 GLU A OE2 1 
ATOM   1508 N N   . ALA A 1 208 ? 18.554  -21.850 -20.517 1.00 80.84  ? 208 ALA A N   1 
ATOM   1509 C CA  . ALA A 1 208 ? 17.624  -22.916 -20.868 1.00 81.39  ? 208 ALA A CA  1 
ATOM   1510 C C   . ALA A 1 208 ? 18.204  -23.787 -21.975 1.00 80.55  ? 208 ALA A C   1 
ATOM   1511 O O   . ALA A 1 208 ? 18.755  -23.281 -22.962 1.00 78.52  ? 208 ALA A O   1 
ATOM   1512 C CB  . ALA A 1 208 ? 16.278  -22.340 -21.312 1.00 70.54  ? 208 ALA A CB  1 
ATOM   1513 N N   . ALA A 1 209 ? 18.069  -25.104 -21.803 1.00 81.53  ? 209 ALA A N   1 
ATOM   1514 C CA  . ALA A 1 209 ? 18.575  -26.093 -22.758 1.00 74.62  ? 209 ALA A CA  1 
ATOM   1515 C C   . ALA A 1 209 ? 17.451  -26.664 -23.610 1.00 68.48  ? 209 ALA A C   1 
ATOM   1516 O O   . ALA A 1 209 ? 16.398  -27.039 -23.096 1.00 75.99  ? 209 ALA A O   1 
ATOM   1517 C CB  . ALA A 1 209 ? 19.296  -27.213 -22.020 1.00 72.73  ? 209 ALA A CB  1 
HETATM 1518 S S   . SO4 B 2 .   ? 9.607   -5.924  -4.181  1.00 97.82  ? 301 SO4 A S   1 
HETATM 1519 O O1  . SO4 B 2 .   ? 8.948   -4.939  -5.039  1.00 76.61  ? 301 SO4 A O1  1 
HETATM 1520 O O2  . SO4 B 2 .   ? 10.425  -6.868  -4.962  1.00 68.56  ? 301 SO4 A O2  1 
HETATM 1521 O O3  . SO4 B 2 .   ? 10.429  -5.244  -3.174  1.00 68.79  ? 301 SO4 A O3  1 
HETATM 1522 O O4  . SO4 B 2 .   ? 8.527   -6.658  -3.530  1.00 86.83  ? 301 SO4 A O4  1 
HETATM 1523 O O   . HOH C 3 .   ? -9.734  -2.492  7.108   1.00 47.58  ? 401 HOH A O   1 
HETATM 1524 O O   . HOH C 3 .   ? 6.230   4.477   -5.540  1.00 58.49  ? 402 HOH A O   1 
HETATM 1525 O O   . HOH C 3 .   ? 5.782   0.698   23.910  1.00 61.41  ? 403 HOH A O   1 
HETATM 1526 O O   . HOH C 3 .   ? 21.862  -5.173  -7.264  1.00 75.14  ? 404 HOH A O   1 
HETATM 1527 O O   . HOH C 3 .   ? -11.214 -7.941  -22.054 1.00 60.45  ? 405 HOH A O   1 
HETATM 1528 O O   . HOH C 3 .   ? 14.453  -9.626  1.540   1.00 59.16  ? 406 HOH A O   1 
HETATM 1529 O O   . HOH C 3 .   ? 13.520  -13.480 15.024  1.00 57.85  ? 407 HOH A O   1 
HETATM 1530 O O   . HOH C 3 .   ? 23.857  -3.639  -8.187  1.00 66.69  ? 408 HOH A O   1 
# 
loop_
_pdbx_poly_seq_scheme.asym_id 
_pdbx_poly_seq_scheme.entity_id 
_pdbx_poly_seq_scheme.seq_id 
_pdbx_poly_seq_scheme.mon_id 
_pdbx_poly_seq_scheme.ndb_seq_num 
_pdbx_poly_seq_scheme.pdb_seq_num 
_pdbx_poly_seq_scheme.auth_seq_num 
_pdbx_poly_seq_scheme.pdb_mon_id 
_pdbx_poly_seq_scheme.auth_mon_id 
_pdbx_poly_seq_scheme.pdb_strand_id 
_pdbx_poly_seq_scheme.pdb_ins_code 
_pdbx_poly_seq_scheme.hetero 
A 1 1   MET 1   1   ?   ?   ?   A . n 
A 1 2   ILE 2   2   ?   ?   ?   A . n 
A 1 3   VAL 3   3   ?   ?   ?   A . n 
A 1 4   SER 4   4   ?   ?   ?   A . n 
A 1 5   SER 5   5   ?   ?   ?   A . n 
A 1 6   SER 6   6   ?   ?   ?   A . n 
A 1 7   ILE 7   7   7   ILE ILE A . n 
A 1 8   VAL 8   8   8   VAL VAL A . n 
A 1 9   PHE 9   9   9   PHE PHE A . n 
A 1 10  ASP 10  10  10  ASP ASP A . n 
A 1 11  ILE 11  11  11  ILE ILE A . n 
A 1 12  PHE 12  12  12  PHE PHE A . n 
A 1 13  ASN 13  13  13  ASN ASN A . n 
A 1 14  TYR 14  14  14  TYR TYR A . n 
A 1 15  ILE 15  15  15  ILE ILE A . n 
A 1 16  GLY 16  16  16  GLY GLY A . n 
A 1 17  ILE 17  17  17  ILE ILE A . n 
A 1 18  VAL 18  18  18  VAL VAL A . n 
A 1 19  ALA 19  19  19  ALA ALA A . n 
A 1 20  PHE 20  20  20  PHE PHE A . n 
A 1 21  ALA 21  21  21  ALA ALA A . n 
A 1 22  ILE 22  22  22  ILE ILE A . n 
A 1 23  SER 23  23  23  SER SER A . n 
A 1 24  GLY 24  24  24  GLY GLY A . n 
A 1 25  ALA 25  25  25  ALA ALA A . n 
A 1 26  ILE 26  26  26  ILE ILE A . n 
A 1 27  LYS 27  27  27  LYS LYS A . n 
A 1 28  ALA 28  28  28  ALA ALA A . n 
A 1 29  VAL 29  29  29  VAL VAL A . n 
A 1 30  LYS 30  30  30  LYS LYS A . n 
A 1 31  LYS 31  31  31  LYS LYS A . n 
A 1 32  GLY 32  32  32  GLY GLY A . n 
A 1 33  MET 33  33  33  MET MET A . n 
A 1 34  ASP 34  34  34  ASP ASP A . n 
A 1 35  LEU 35  35  35  LEU LEU A . n 
A 1 36  LEU 36  36  36  LEU LEU A . n 
A 1 37  GLY 37  37  37  GLY GLY A . n 
A 1 38  VAL 38  38  38  VAL VAL A . n 
A 1 39  LEU 39  39  39  LEU LEU A . n 
A 1 40  VAL 40  40  40  VAL VAL A . n 
A 1 41  LEU 41  41  41  LEU LEU A . n 
A 1 42  GLY 42  42  42  GLY GLY A . n 
A 1 43  PHE 43  43  43  PHE PHE A . n 
A 1 44  SER 44  44  44  SER SER A . n 
A 1 45  THR 45  45  45  THR THR A . n 
A 1 46  ALA 46  46  46  ALA ALA A . n 
A 1 47  LEU 47  47  47  LEU LEU A . n 
A 1 48  GLY 48  48  48  GLY GLY A . n 
A 1 49  GLY 49  49  49  GLY GLY A . n 
A 1 50  GLY 50  50  50  GLY GLY A . n 
A 1 51  ILE 51  51  51  ILE ILE A . n 
A 1 52  ILE 52  52  52  ILE ILE A . n 
A 1 53  SER 53  53  53  SER SER A . n 
A 1 54  ASN 54  54  54  ASN ASN A . n 
A 1 55  LEU 55  55  55  LEU LEU A . n 
A 1 56  LEU 56  56  56  LEU LEU A . n 
A 1 57  LEU 57  57  57  LEU LEU A . n 
A 1 58  GLY 58  58  58  GLY GLY A . n 
A 1 59  LYS 59  59  59  LYS LYS A . n 
A 1 60  THR 60  60  60  THR THR A . n 
A 1 61  PRO 61  61  61  PRO PRO A . n 
A 1 62  PRO 62  62  62  PRO PRO A . n 
A 1 63  THR 63  63  63  THR THR A . n 
A 1 64  ASN 64  64  64  ASN ASN A . n 
A 1 65  LEU 65  65  65  LEU LEU A . n 
A 1 66  ILE 66  66  66  ILE ILE A . n 
A 1 67  TYR 67  67  67  TYR TYR A . n 
A 1 68  TYR 68  68  68  TYR TYR A . n 
A 1 69  PRO 69  69  69  PRO PRO A . n 
A 1 70  TYR 70  70  70  TYR TYR A . n 
A 1 71  PRO 71  71  71  PRO PRO A . n 
A 1 72  ILE 72  72  72  ILE ILE A . n 
A 1 73  THR 73  73  73  THR THR A . n 
A 1 74  ALA 74  74  74  ALA ALA A . n 
A 1 75  PHE 75  75  75  PHE PHE A . n 
A 1 76  LEU 76  76  76  LEU LEU A . n 
A 1 77  ALA 77  77  77  ALA ALA A . n 
A 1 78  SER 78  78  78  SER SER A . n 
A 1 79  LEU 79  79  79  LEU LEU A . n 
A 1 80  ALA 80  80  80  ALA ALA A . n 
A 1 81  THR 81  81  81  THR THR A . n 
A 1 82  PHE 82  82  82  PHE PHE A . n 
A 1 83  VAL 83  83  83  VAL VAL A . n 
A 1 84  PHE 84  84  84  PHE PHE A . n 
A 1 85  TYR 85  85  85  TYR TYR A . n 
A 1 86  ARG 86  86  86  ARG ALA A . n 
A 1 87  ILE 87  87  87  ILE ALA A . n 
A 1 88  PHE 88  88  88  PHE PHE A . n 
A 1 89  THR 89  89  89  THR THR A . n 
A 1 90  ASN 90  90  90  ASN ASN A . n 
A 1 91  VAL 91  91  91  VAL VAL A . n 
A 1 92  GLY 92  92  92  GLY GLY A . n 
A 1 93  LYS 93  93  93  LYS LYS A . n 
A 1 94  PRO 94  94  94  PRO PRO A . n 
A 1 95  LEU 95  95  95  LEU LEU A . n 
A 1 96  LEU 96  96  96  LEU LEU A . n 
A 1 97  TYR 97  97  97  TYR TYR A . n 
A 1 98  ALA 98  98  98  ALA ALA A . n 
A 1 99  ASP 99  99  99  ASP ASP A . n 
A 1 100 ALA 100 100 100 ALA ALA A . n 
A 1 101 ILE 101 101 101 ILE ILE A . n 
A 1 102 GLY 102 102 102 GLY GLY A . n 
A 1 103 LEU 103 103 103 LEU LEU A . n 
A 1 104 GLY 104 104 104 GLY GLY A . n 
A 1 105 ALA 105 105 105 ALA ALA A . n 
A 1 106 PHE 106 106 106 PHE PHE A . n 
A 1 107 ALA 107 107 107 ALA ALA A . n 
A 1 108 SER 108 108 108 SER SER A . n 
A 1 109 SER 109 109 109 SER SER A . n 
A 1 110 GLY 110 110 110 GLY GLY A . n 
A 1 111 ALA 111 111 111 ALA ALA A . n 
A 1 112 SER 112 112 112 SER SER A . n 
A 1 113 LEU 113 113 113 LEU LEU A . n 
A 1 114 ALA 114 114 114 ALA ALA A . n 
A 1 115 TYR 115 115 115 TYR TYR A . n 
A 1 116 SER 116 116 116 SER SER A . n 
A 1 117 VAL 117 117 117 VAL VAL A . n 
A 1 118 SER 118 118 118 SER SER A . n 
A 1 119 ASN 119 119 119 ASN ASN A . n 
A 1 120 ASN 120 120 120 ASN ASN A . n 
A 1 121 VAL 121 121 121 VAL VAL A . n 
A 1 122 ILE 122 122 122 ILE ILE A . n 
A 1 123 LEU 123 123 123 LEU LEU A . n 
A 1 124 VAL 124 124 124 VAL VAL A . n 
A 1 125 VAL 125 125 125 VAL VAL A . n 
A 1 126 ILE 126 126 126 ILE ILE A . n 
A 1 127 VAL 127 127 127 VAL VAL A . n 
A 1 128 GLY 128 128 128 GLY GLY A . n 
A 1 129 ALA 129 129 129 ALA ALA A . n 
A 1 130 ILE 130 130 130 ILE ILE A . n 
A 1 131 THR 131 131 131 THR THR A . n 
A 1 132 ALA 132 132 132 ALA ALA A . n 
A 1 133 VAL 133 133 133 VAL VAL A . n 
A 1 134 GLY 134 134 134 GLY GLY A . n 
A 1 135 GLY 135 135 135 GLY GLY A . n 
A 1 136 GLY 136 136 136 GLY GLY A . n 
A 1 137 VAL 137 137 137 VAL VAL A . n 
A 1 138 ILE 138 138 138 ILE ILE A . n 
A 1 139 ARG 139 139 139 ARG ARG A . n 
A 1 140 ASP 140 140 140 ASP ASP A . n 
A 1 141 ILE 141 141 141 ILE ILE A . n 
A 1 142 LEU 142 142 142 LEU LEU A . n 
A 1 143 SER 143 143 143 SER SER A . n 
A 1 144 ASN 144 144 144 ASN ASN A . n 
A 1 145 GLU 145 145 145 GLU GLU A . n 
A 1 146 VAL 146 146 146 VAL VAL A . n 
A 1 147 PRO 147 147 147 PRO PRO A . n 
A 1 148 LEU 148 148 148 LEU LEU A . n 
A 1 149 ILE 149 149 149 ILE ILE A . n 
A 1 150 LEU 150 150 150 LEU LEU A . n 
A 1 151 THR 151 151 151 THR THR A . n 
A 1 152 ARG 152 152 152 ARG ARG A . n 
A 1 153 GLU 153 153 153 GLU GLU A . n 
A 1 154 PHE 154 154 154 PHE PHE A . n 
A 1 155 TYR 155 155 155 TYR TYR A . n 
A 1 156 ALA 156 156 156 ALA ALA A . n 
A 1 157 THR 157 157 157 THR THR A . n 
A 1 158 THR 158 158 158 THR THR A . n 
A 1 159 ALA 159 159 159 ALA ALA A . n 
A 1 160 VAL 160 160 160 VAL VAL A . n 
A 1 161 ILE 161 161 161 ILE ILE A . n 
A 1 162 GLY 162 162 162 GLY GLY A . n 
A 1 163 SER 163 163 163 SER SER A . n 
A 1 164 PHE 164 164 164 PHE PHE A . n 
A 1 165 VAL 165 165 165 VAL VAL A . n 
A 1 166 TYR 166 166 166 TYR TYR A . n 
A 1 167 PHE 167 167 167 PHE PHE A . n 
A 1 168 ILE 168 168 168 ILE ILE A . n 
A 1 169 ALA 169 169 169 ALA ALA A . n 
A 1 170 SER 170 170 170 SER SER A . n 
A 1 171 ASP 171 171 171 ASP ASP A . n 
A 1 172 LEU 172 172 172 LEU LEU A . n 
A 1 173 SER 173 173 173 SER SER A . n 
A 1 174 VAL 174 174 174 VAL VAL A . n 
A 1 175 PRO 175 175 175 PRO PRO A . n 
A 1 176 GLU 176 176 176 GLU GLU A . n 
A 1 177 ASP 177 177 177 ASP ASP A . n 
A 1 178 VAL 178 178 178 VAL VAL A . n 
A 1 179 ALA 179 179 179 ALA ALA A . n 
A 1 180 LEU 180 180 180 LEU LEU A . n 
A 1 181 ILE 181 181 181 ILE ILE A . n 
A 1 182 VAL 182 182 182 VAL VAL A . n 
A 1 183 SER 183 183 183 SER SER A . n 
A 1 184 PHE 184 184 184 PHE PHE A . n 
A 1 185 LEU 185 185 185 LEU LEU A . n 
A 1 186 ILE 186 186 186 ILE ILE A . n 
A 1 187 THR 187 187 187 THR THR A . n 
A 1 188 LEU 188 188 188 LEU LEU A . n 
A 1 189 ILE 189 189 189 ILE ILE A . n 
A 1 190 LEU 190 190 190 LEU LEU A . n 
A 1 191 ARG 191 191 191 ARG ARG A . n 
A 1 192 ILE 192 192 192 ILE ILE A . n 
A 1 193 LEU 193 193 193 LEU LEU A . n 
A 1 194 ALA 194 194 194 ALA ALA A . n 
A 1 195 MET 195 195 195 MET MET A . n 
A 1 196 GLU 196 196 196 GLU GLU A . n 
A 1 197 LEU 197 197 197 LEU LEU A . n 
A 1 198 LYS 198 198 198 LYS LYS A . n 
A 1 199 TRP 199 199 199 TRP TRP A . n 
A 1 200 GLU 200 200 200 GLU GLU A . n 
A 1 201 LEU 201 201 201 LEU LEU A . n 
A 1 202 PRO 202 202 202 PRO PRO A . n 
A 1 203 ARG 203 203 203 ARG ARG A . n 
A 1 204 LYS 204 204 204 LYS LYS A . n 
A 1 205 LYS 205 205 205 LYS LYS A . n 
A 1 206 ILE 206 206 206 ILE ILE A . n 
A 1 207 GLU 207 207 207 GLU GLU A . n 
A 1 208 ALA 208 208 208 ALA ALA A . n 
A 1 209 ALA 209 209 209 ALA ALA A . n 
A 1 210 ALA 210 210 ?   ?   ?   A . n 
A 1 211 GLU 211 211 ?   ?   ?   A . n 
A 1 212 ASN 212 212 ?   ?   ?   A . n 
A 1 213 LEU 213 213 ?   ?   ?   A . n 
A 1 214 TYR 214 214 ?   ?   ?   A . n 
A 1 215 PHE 215 215 ?   ?   ?   A . n 
A 1 216 GLN 216 216 ?   ?   ?   A . n 
A 1 217 GLY 217 217 ?   ?   ?   A . n 
A 1 218 LEU 218 218 ?   ?   ?   A . n 
A 1 219 GLU 219 219 ?   ?   ?   A . n 
A 1 220 ASP 220 220 ?   ?   ?   A . n 
A 1 221 TYR 221 221 ?   ?   ?   A . n 
A 1 222 LYS 222 222 ?   ?   ?   A . n 
A 1 223 ASP 223 223 ?   ?   ?   A . n 
A 1 224 ASP 224 224 ?   ?   ?   A . n 
A 1 225 ASP 225 225 ?   ?   ?   A . n 
A 1 226 ASP 226 226 ?   ?   ?   A . n 
A 1 227 LYS 227 227 ?   ?   ?   A . n 
A 1 228 HIS 228 228 ?   ?   ?   A . n 
A 1 229 HIS 229 229 ?   ?   ?   A . n 
A 1 230 HIS 230 230 ?   ?   ?   A . n 
A 1 231 HIS 231 231 ?   ?   ?   A . n 
A 1 232 HIS 232 232 ?   ?   ?   A . n 
A 1 233 HIS 233 233 ?   ?   ?   A . n 
A 1 234 HIS 234 234 ?   ?   ?   A . n 
A 1 235 HIS 235 235 ?   ?   ?   A . n 
A 1 236 HIS 236 236 ?   ?   ?   A . n 
A 1 237 HIS 237 237 ?   ?   ?   A . n 
# 
_pdbx_SG_project.id                    1 
_pdbx_SG_project.project_name          PSI:Biology 
_pdbx_SG_project.full_name_of_center   'New York Consortium on Membrane Protein Structure' 
_pdbx_SG_project.initial_of_center     NYCOMPS 
# 
loop_
_pdbx_nonpoly_scheme.asym_id 
_pdbx_nonpoly_scheme.entity_id 
_pdbx_nonpoly_scheme.mon_id 
_pdbx_nonpoly_scheme.ndb_seq_num 
_pdbx_nonpoly_scheme.pdb_seq_num 
_pdbx_nonpoly_scheme.auth_seq_num 
_pdbx_nonpoly_scheme.pdb_mon_id 
_pdbx_nonpoly_scheme.auth_mon_id 
_pdbx_nonpoly_scheme.pdb_strand_id 
_pdbx_nonpoly_scheme.pdb_ins_code 
B 2 SO4 1 301 1 SO4 SO4 A . 
C 3 HOH 1 401 1 HOH HOH A . 
C 3 HOH 2 402 2 HOH HOH A . 
C 3 HOH 3 403 5 HOH HOH A . 
C 3 HOH 4 404 8 HOH HOH A . 
C 3 HOH 5 405 3 HOH HOH A . 
C 3 HOH 6 406 4 HOH HOH A . 
C 3 HOH 7 407 6 HOH HOH A . 
C 3 HOH 8 408 7 HOH HOH A . 
# 
_pdbx_struct_assembly.id                   1 
_pdbx_struct_assembly.details              author_and_software_defined_assembly 
_pdbx_struct_assembly.method_details       PISA 
_pdbx_struct_assembly.oligomeric_details   trimeric 
_pdbx_struct_assembly.oligomeric_count     3 
# 
_pdbx_struct_assembly_gen.assembly_id       1 
_pdbx_struct_assembly_gen.oper_expression   1,2,3 
_pdbx_struct_assembly_gen.asym_id_list      A,B,C 
# 
loop_
_pdbx_struct_assembly_prop.biol_id 
_pdbx_struct_assembly_prop.type 
_pdbx_struct_assembly_prop.value 
_pdbx_struct_assembly_prop.details 
1 'ABSA (A^2)' 7820  ? 
1 MORE         -127  ? 
1 'SSA (A^2)'  24930 ? 
# 
loop_
_pdbx_struct_oper_list.id 
_pdbx_struct_oper_list.type 
_pdbx_struct_oper_list.name 
_pdbx_struct_oper_list.symmetry_operation 
_pdbx_struct_oper_list.matrix[1][1] 
_pdbx_struct_oper_list.matrix[1][2] 
_pdbx_struct_oper_list.matrix[1][3] 
_pdbx_struct_oper_list.vector[1] 
_pdbx_struct_oper_list.matrix[2][1] 
_pdbx_struct_oper_list.matrix[2][2] 
_pdbx_struct_oper_list.matrix[2][3] 
_pdbx_struct_oper_list.vector[2] 
_pdbx_struct_oper_list.matrix[3][1] 
_pdbx_struct_oper_list.matrix[3][2] 
_pdbx_struct_oper_list.matrix[3][3] 
_pdbx_struct_oper_list.vector[3] 
1 'identity operation'         1_555 x,y,z     1.0000000000  0.0000000000  0.0000000000  0.0000000000   0.0000000000  1.0000000000  0.0000000000  0.0000000000   0.0000000000  0.0000000000  1.0000000000 0.0000000000  
2 'crystal symmetry operation' 2_555 -y,x-y,z  -0.3738483434 -0.8558021292 -0.3575473841 -24.0957455301 0.7977868468  -0.4933299073 0.3466435485  -15.6848591528 -0.4730471047 -0.1556544837 0.8671782507 -6.2238251853 
3 'crystal symmetry operation' 3_555 -x+y,-x,z -0.3738483434 0.7977868468  -0.4730471047 0.5608572925   -0.8558021292 -0.4933299073 -0.1556544837 -29.3277667360 -0.3575473841 0.3466435485  0.8671782507 2.2188502900 
# 
loop_
_pdbx_audit_revision_history.ordinal 
_pdbx_audit_revision_history.data_content_type 
_pdbx_audit_revision_history.major_revision 
_pdbx_audit_revision_history.minor_revision 
_pdbx_audit_revision_history.revision_date 
1 'Structure model' 1 0 2017-06-21 
2 'Structure model' 1 1 2023-11-08 
# 
_pdbx_audit_revision_details.ordinal             1 
_pdbx_audit_revision_details.revision_ordinal    1 
_pdbx_audit_revision_details.data_content_type   'Structure model' 
_pdbx_audit_revision_details.provider            repository 
_pdbx_audit_revision_details.type                'Initial release' 
_pdbx_audit_revision_details.description         ? 
_pdbx_audit_revision_details.details             ? 
# 
loop_
_pdbx_audit_revision_group.ordinal 
_pdbx_audit_revision_group.revision_ordinal 
_pdbx_audit_revision_group.data_content_type 
_pdbx_audit_revision_group.group 
1 2 'Structure model' 'Data collection'        
2 2 'Structure model' 'Database references'    
3 2 'Structure model' 'Refinement description' 
# 
loop_
_pdbx_audit_revision_category.ordinal 
_pdbx_audit_revision_category.revision_ordinal 
_pdbx_audit_revision_category.data_content_type 
_pdbx_audit_revision_category.category 
1 2 'Structure model' chem_comp_atom                
2 2 'Structure model' chem_comp_bond                
3 2 'Structure model' database_2                    
4 2 'Structure model' pdbx_initial_refinement_model 
# 
loop_
_pdbx_audit_revision_item.ordinal 
_pdbx_audit_revision_item.revision_ordinal 
_pdbx_audit_revision_item.data_content_type 
_pdbx_audit_revision_item.item 
1 2 'Structure model' '_database_2.pdbx_DOI'                
2 2 'Structure model' '_database_2.pdbx_database_accession' 
# 
loop_
_software.citation_id 
_software.classification 
_software.compiler_name 
_software.compiler_version 
_software.contact_author 
_software.contact_author_email 
_software.date 
_software.description 
_software.dependencies 
_software.hardware 
_software.language 
_software.location 
_software.mods 
_software.name 
_software.os 
_software.os_version 
_software.type 
_software.version 
_software.pdbx_ordinal 
? 'data scaling'    ? ? ? ? ? ? ? ? ? ? ? Aimless     ? ? ? 0.5.28   1 
? refinement        ? ? ? ? ? ? ? ? ? ? ? PHENIX      ? ? ? dev_2481 2 
? 'data extraction' ? ? ? ? ? ? ? ? ? ? ? PDB_EXTRACT ? ? ? 3.22     3 
? 'data reduction'  ? ? ? ? ? ? ? ? ? ? ? XDS         ? ? ? .        4 
? phasing           ? ? ? ? ? ? ? ? ? ? ? PHASER      ? ? ? .        5 
# 
_pdbx_validate_close_contact.id               1 
_pdbx_validate_close_contact.PDB_model_num    1 
_pdbx_validate_close_contact.auth_atom_id_1   O 
_pdbx_validate_close_contact.auth_asym_id_1   A 
_pdbx_validate_close_contact.auth_comp_id_1   THR 
_pdbx_validate_close_contact.auth_seq_id_1    151 
_pdbx_validate_close_contact.PDB_ins_code_1   ? 
_pdbx_validate_close_contact.label_alt_id_1   ? 
_pdbx_validate_close_contact.auth_atom_id_2   NH2 
_pdbx_validate_close_contact.auth_asym_id_2   A 
_pdbx_validate_close_contact.auth_comp_id_2   ARG 
_pdbx_validate_close_contact.auth_seq_id_2    203 
_pdbx_validate_close_contact.PDB_ins_code_2   ? 
_pdbx_validate_close_contact.label_alt_id_2   ? 
_pdbx_validate_close_contact.dist             2.16 
# 
loop_
_pdbx_validate_torsion.id 
_pdbx_validate_torsion.PDB_model_num 
_pdbx_validate_torsion.auth_comp_id 
_pdbx_validate_torsion.auth_asym_id 
_pdbx_validate_torsion.auth_seq_id 
_pdbx_validate_torsion.PDB_ins_code 
_pdbx_validate_torsion.label_alt_id 
_pdbx_validate_torsion.phi 
_pdbx_validate_torsion.psi 
1 1 VAL A 8   ? ? -109.66 77.03   
2 1 GLU A 153 ? ? 65.22   -152.61 
3 1 PHE A 154 ? ? -158.64 29.90   
# 
loop_
_pdbx_distant_solvent_atoms.id 
_pdbx_distant_solvent_atoms.PDB_model_num 
_pdbx_distant_solvent_atoms.auth_atom_id 
_pdbx_distant_solvent_atoms.label_alt_id 
_pdbx_distant_solvent_atoms.auth_asym_id 
_pdbx_distant_solvent_atoms.auth_comp_id 
_pdbx_distant_solvent_atoms.auth_seq_id 
_pdbx_distant_solvent_atoms.PDB_ins_code 
_pdbx_distant_solvent_atoms.neighbor_macromolecule_distance 
_pdbx_distant_solvent_atoms.neighbor_ligand_distance 
1 1 O ? A HOH 407 ? 6.39 . 
2 1 O ? A HOH 408 ? 6.55 . 
# 
loop_
_pdbx_unobs_or_zero_occ_atoms.id 
_pdbx_unobs_or_zero_occ_atoms.PDB_model_num 
_pdbx_unobs_or_zero_occ_atoms.polymer_flag 
_pdbx_unobs_or_zero_occ_atoms.occupancy_flag 
_pdbx_unobs_or_zero_occ_atoms.auth_asym_id 
_pdbx_unobs_or_zero_occ_atoms.auth_comp_id 
_pdbx_unobs_or_zero_occ_atoms.auth_seq_id 
_pdbx_unobs_or_zero_occ_atoms.PDB_ins_code 
_pdbx_unobs_or_zero_occ_atoms.auth_atom_id 
_pdbx_unobs_or_zero_occ_atoms.label_alt_id 
_pdbx_unobs_or_zero_occ_atoms.label_asym_id 
_pdbx_unobs_or_zero_occ_atoms.label_comp_id 
_pdbx_unobs_or_zero_occ_atoms.label_seq_id 
_pdbx_unobs_or_zero_occ_atoms.label_atom_id 
1 1 Y 1 A ARG 86 ? CG  ? A ARG 86 CG  
2 1 Y 1 A ARG 86 ? CD  ? A ARG 86 CD  
3 1 Y 1 A ARG 86 ? NE  ? A ARG 86 NE  
4 1 Y 1 A ARG 86 ? CZ  ? A ARG 86 CZ  
5 1 Y 1 A ARG 86 ? NH1 ? A ARG 86 NH1 
6 1 Y 1 A ARG 86 ? NH2 ? A ARG 86 NH2 
7 1 Y 1 A ILE 87 ? CG1 ? A ILE 87 CG1 
8 1 Y 1 A ILE 87 ? CG2 ? A ILE 87 CG2 
9 1 Y 1 A ILE 87 ? CD1 ? A ILE 87 CD1 
# 
loop_
_pdbx_unobs_or_zero_occ_residues.id 
_pdbx_unobs_or_zero_occ_residues.PDB_model_num 
_pdbx_unobs_or_zero_occ_residues.polymer_flag 
_pdbx_unobs_or_zero_occ_residues.occupancy_flag 
_pdbx_unobs_or_zero_occ_residues.auth_asym_id 
_pdbx_unobs_or_zero_occ_residues.auth_comp_id 
_pdbx_unobs_or_zero_occ_residues.auth_seq_id 
_pdbx_unobs_or_zero_occ_residues.PDB_ins_code 
_pdbx_unobs_or_zero_occ_residues.label_asym_id 
_pdbx_unobs_or_zero_occ_residues.label_comp_id 
_pdbx_unobs_or_zero_occ_residues.label_seq_id 
1  1 Y 1 A MET 1   ? A MET 1   
2  1 Y 1 A ILE 2   ? A ILE 2   
3  1 Y 1 A VAL 3   ? A VAL 3   
4  1 Y 1 A SER 4   ? A SER 4   
5  1 Y 1 A SER 5   ? A SER 5   
6  1 Y 1 A SER 6   ? A SER 6   
7  1 Y 1 A ALA 210 ? A ALA 210 
8  1 Y 1 A GLU 211 ? A GLU 211 
9  1 Y 1 A ASN 212 ? A ASN 212 
10 1 Y 1 A LEU 213 ? A LEU 213 
11 1 Y 1 A TYR 214 ? A TYR 214 
12 1 Y 1 A PHE 215 ? A PHE 215 
13 1 Y 1 A GLN 216 ? A GLN 216 
14 1 Y 1 A GLY 217 ? A GLY 217 
15 1 Y 1 A LEU 218 ? A LEU 218 
16 1 Y 1 A GLU 219 ? A GLU 219 
17 1 Y 1 A ASP 220 ? A ASP 220 
18 1 Y 1 A TYR 221 ? A TYR 221 
19 1 Y 1 A LYS 222 ? A LYS 222 
20 1 Y 1 A ASP 223 ? A ASP 223 
21 1 Y 1 A ASP 224 ? A ASP 224 
22 1 Y 1 A ASP 225 ? A ASP 225 
23 1 Y 1 A ASP 226 ? A ASP 226 
24 1 Y 1 A LYS 227 ? A LYS 227 
25 1 Y 1 A HIS 228 ? A HIS 228 
26 1 Y 1 A HIS 229 ? A HIS 229 
27 1 Y 1 A HIS 230 ? A HIS 230 
28 1 Y 1 A HIS 231 ? A HIS 231 
29 1 Y 1 A HIS 232 ? A HIS 232 
30 1 Y 1 A HIS 233 ? A HIS 233 
31 1 Y 1 A HIS 234 ? A HIS 234 
32 1 Y 1 A HIS 235 ? A HIS 235 
33 1 Y 1 A HIS 236 ? A HIS 236 
34 1 Y 1 A HIS 237 ? A HIS 237 
# 
loop_
_chem_comp_atom.comp_id 
_chem_comp_atom.atom_id 
_chem_comp_atom.type_symbol 
_chem_comp_atom.pdbx_aromatic_flag 
_chem_comp_atom.pdbx_stereo_config 
_chem_comp_atom.pdbx_ordinal 
ALA N    N N N 1   
ALA CA   C N S 2   
ALA C    C N N 3   
ALA O    O N N 4   
ALA CB   C N N 5   
ALA OXT  O N N 6   
ALA H    H N N 7   
ALA H2   H N N 8   
ALA HA   H N N 9   
ALA HB1  H N N 10  
ALA HB2  H N N 11  
ALA HB3  H N N 12  
ALA HXT  H N N 13  
ARG N    N N N 14  
ARG CA   C N S 15  
ARG C    C N N 16  
ARG O    O N N 17  
ARG CB   C N N 18  
ARG CG   C N N 19  
ARG CD   C N N 20  
ARG NE   N N N 21  
ARG CZ   C N N 22  
ARG NH1  N N N 23  
ARG NH2  N N N 24  
ARG OXT  O N N 25  
ARG H    H N N 26  
ARG H2   H N N 27  
ARG HA   H N N 28  
ARG HB2  H N N 29  
ARG HB3  H N N 30  
ARG HG2  H N N 31  
ARG HG3  H N N 32  
ARG HD2  H N N 33  
ARG HD3  H N N 34  
ARG HE   H N N 35  
ARG HH11 H N N 36  
ARG HH12 H N N 37  
ARG HH21 H N N 38  
ARG HH22 H N N 39  
ARG HXT  H N N 40  
ASN N    N N N 41  
ASN CA   C N S 42  
ASN C    C N N 43  
ASN O    O N N 44  
ASN CB   C N N 45  
ASN CG   C N N 46  
ASN OD1  O N N 47  
ASN ND2  N N N 48  
ASN OXT  O N N 49  
ASN H    H N N 50  
ASN H2   H N N 51  
ASN HA   H N N 52  
ASN HB2  H N N 53  
ASN HB3  H N N 54  
ASN HD21 H N N 55  
ASN HD22 H N N 56  
ASN HXT  H N N 57  
ASP N    N N N 58  
ASP CA   C N S 59  
ASP C    C N N 60  
ASP O    O N N 61  
ASP CB   C N N 62  
ASP CG   C N N 63  
ASP OD1  O N N 64  
ASP OD2  O N N 65  
ASP OXT  O N N 66  
ASP H    H N N 67  
ASP H2   H N N 68  
ASP HA   H N N 69  
ASP HB2  H N N 70  
ASP HB3  H N N 71  
ASP HD2  H N N 72  
ASP HXT  H N N 73  
GLN N    N N N 74  
GLN CA   C N S 75  
GLN C    C N N 76  
GLN O    O N N 77  
GLN CB   C N N 78  
GLN CG   C N N 79  
GLN CD   C N N 80  
GLN OE1  O N N 81  
GLN NE2  N N N 82  
GLN OXT  O N N 83  
GLN H    H N N 84  
GLN H2   H N N 85  
GLN HA   H N N 86  
GLN HB2  H N N 87  
GLN HB3  H N N 88  
GLN HG2  H N N 89  
GLN HG3  H N N 90  
GLN HE21 H N N 91  
GLN HE22 H N N 92  
GLN HXT  H N N 93  
GLU N    N N N 94  
GLU CA   C N S 95  
GLU C    C N N 96  
GLU O    O N N 97  
GLU CB   C N N 98  
GLU CG   C N N 99  
GLU CD   C N N 100 
GLU OE1  O N N 101 
GLU OE2  O N N 102 
GLU OXT  O N N 103 
GLU H    H N N 104 
GLU H2   H N N 105 
GLU HA   H N N 106 
GLU HB2  H N N 107 
GLU HB3  H N N 108 
GLU HG2  H N N 109 
GLU HG3  H N N 110 
GLU HE2  H N N 111 
GLU HXT  H N N 112 
GLY N    N N N 113 
GLY CA   C N N 114 
GLY C    C N N 115 
GLY O    O N N 116 
GLY OXT  O N N 117 
GLY H    H N N 118 
GLY H2   H N N 119 
GLY HA2  H N N 120 
GLY HA3  H N N 121 
GLY HXT  H N N 122 
HIS N    N N N 123 
HIS CA   C N S 124 
HIS C    C N N 125 
HIS O    O N N 126 
HIS CB   C N N 127 
HIS CG   C Y N 128 
HIS ND1  N Y N 129 
HIS CD2  C Y N 130 
HIS CE1  C Y N 131 
HIS NE2  N Y N 132 
HIS OXT  O N N 133 
HIS H    H N N 134 
HIS H2   H N N 135 
HIS HA   H N N 136 
HIS HB2  H N N 137 
HIS HB3  H N N 138 
HIS HD1  H N N 139 
HIS HD2  H N N 140 
HIS HE1  H N N 141 
HIS HE2  H N N 142 
HIS HXT  H N N 143 
HOH O    O N N 144 
HOH H1   H N N 145 
HOH H2   H N N 146 
ILE N    N N N 147 
ILE CA   C N S 148 
ILE C    C N N 149 
ILE O    O N N 150 
ILE CB   C N S 151 
ILE CG1  C N N 152 
ILE CG2  C N N 153 
ILE CD1  C N N 154 
ILE OXT  O N N 155 
ILE H    H N N 156 
ILE H2   H N N 157 
ILE HA   H N N 158 
ILE HB   H N N 159 
ILE HG12 H N N 160 
ILE HG13 H N N 161 
ILE HG21 H N N 162 
ILE HG22 H N N 163 
ILE HG23 H N N 164 
ILE HD11 H N N 165 
ILE HD12 H N N 166 
ILE HD13 H N N 167 
ILE HXT  H N N 168 
LEU N    N N N 169 
LEU CA   C N S 170 
LEU C    C N N 171 
LEU O    O N N 172 
LEU CB   C N N 173 
LEU CG   C N N 174 
LEU CD1  C N N 175 
LEU CD2  C N N 176 
LEU OXT  O N N 177 
LEU H    H N N 178 
LEU H2   H N N 179 
LEU HA   H N N 180 
LEU HB2  H N N 181 
LEU HB3  H N N 182 
LEU HG   H N N 183 
LEU HD11 H N N 184 
LEU HD12 H N N 185 
LEU HD13 H N N 186 
LEU HD21 H N N 187 
LEU HD22 H N N 188 
LEU HD23 H N N 189 
LEU HXT  H N N 190 
LYS N    N N N 191 
LYS CA   C N S 192 
LYS C    C N N 193 
LYS O    O N N 194 
LYS CB   C N N 195 
LYS CG   C N N 196 
LYS CD   C N N 197 
LYS CE   C N N 198 
LYS NZ   N N N 199 
LYS OXT  O N N 200 
LYS H    H N N 201 
LYS H2   H N N 202 
LYS HA   H N N 203 
LYS HB2  H N N 204 
LYS HB3  H N N 205 
LYS HG2  H N N 206 
LYS HG3  H N N 207 
LYS HD2  H N N 208 
LYS HD3  H N N 209 
LYS HE2  H N N 210 
LYS HE3  H N N 211 
LYS HZ1  H N N 212 
LYS HZ2  H N N 213 
LYS HZ3  H N N 214 
LYS HXT  H N N 215 
MET N    N N N 216 
MET CA   C N S 217 
MET C    C N N 218 
MET O    O N N 219 
MET CB   C N N 220 
MET CG   C N N 221 
MET SD   S N N 222 
MET CE   C N N 223 
MET OXT  O N N 224 
MET H    H N N 225 
MET H2   H N N 226 
MET HA   H N N 227 
MET HB2  H N N 228 
MET HB3  H N N 229 
MET HG2  H N N 230 
MET HG3  H N N 231 
MET HE1  H N N 232 
MET HE2  H N N 233 
MET HE3  H N N 234 
MET HXT  H N N 235 
PHE N    N N N 236 
PHE CA   C N S 237 
PHE C    C N N 238 
PHE O    O N N 239 
PHE CB   C N N 240 
PHE CG   C Y N 241 
PHE CD1  C Y N 242 
PHE CD2  C Y N 243 
PHE CE1  C Y N 244 
PHE CE2  C Y N 245 
PHE CZ   C Y N 246 
PHE OXT  O N N 247 
PHE H    H N N 248 
PHE H2   H N N 249 
PHE HA   H N N 250 
PHE HB2  H N N 251 
PHE HB3  H N N 252 
PHE HD1  H N N 253 
PHE HD2  H N N 254 
PHE HE1  H N N 255 
PHE HE2  H N N 256 
PHE HZ   H N N 257 
PHE HXT  H N N 258 
PRO N    N N N 259 
PRO CA   C N S 260 
PRO C    C N N 261 
PRO O    O N N 262 
PRO CB   C N N 263 
PRO CG   C N N 264 
PRO CD   C N N 265 
PRO OXT  O N N 266 
PRO H    H N N 267 
PRO HA   H N N 268 
PRO HB2  H N N 269 
PRO HB3  H N N 270 
PRO HG2  H N N 271 
PRO HG3  H N N 272 
PRO HD2  H N N 273 
PRO HD3  H N N 274 
PRO HXT  H N N 275 
SER N    N N N 276 
SER CA   C N S 277 
SER C    C N N 278 
SER O    O N N 279 
SER CB   C N N 280 
SER OG   O N N 281 
SER OXT  O N N 282 
SER H    H N N 283 
SER H2   H N N 284 
SER HA   H N N 285 
SER HB2  H N N 286 
SER HB3  H N N 287 
SER HG   H N N 288 
SER HXT  H N N 289 
SO4 S    S N N 290 
SO4 O1   O N N 291 
SO4 O2   O N N 292 
SO4 O3   O N N 293 
SO4 O4   O N N 294 
THR N    N N N 295 
THR CA   C N S 296 
THR C    C N N 297 
THR O    O N N 298 
THR CB   C N R 299 
THR OG1  O N N 300 
THR CG2  C N N 301 
THR OXT  O N N 302 
THR H    H N N 303 
THR H2   H N N 304 
THR HA   H N N 305 
THR HB   H N N 306 
THR HG1  H N N 307 
THR HG21 H N N 308 
THR HG22 H N N 309 
THR HG23 H N N 310 
THR HXT  H N N 311 
TRP N    N N N 312 
TRP CA   C N S 313 
TRP C    C N N 314 
TRP O    O N N 315 
TRP CB   C N N 316 
TRP CG   C Y N 317 
TRP CD1  C Y N 318 
TRP CD2  C Y N 319 
TRP NE1  N Y N 320 
TRP CE2  C Y N 321 
TRP CE3  C Y N 322 
TRP CZ2  C Y N 323 
TRP CZ3  C Y N 324 
TRP CH2  C Y N 325 
TRP OXT  O N N 326 
TRP H    H N N 327 
TRP H2   H N N 328 
TRP HA   H N N 329 
TRP HB2  H N N 330 
TRP HB3  H N N 331 
TRP HD1  H N N 332 
TRP HE1  H N N 333 
TRP HE3  H N N 334 
TRP HZ2  H N N 335 
TRP HZ3  H N N 336 
TRP HH2  H N N 337 
TRP HXT  H N N 338 
TYR N    N N N 339 
TYR CA   C N S 340 
TYR C    C N N 341 
TYR O    O N N 342 
TYR CB   C N N 343 
TYR CG   C Y N 344 
TYR CD1  C Y N 345 
TYR CD2  C Y N 346 
TYR CE1  C Y N 347 
TYR CE2  C Y N 348 
TYR CZ   C Y N 349 
TYR OH   O N N 350 
TYR OXT  O N N 351 
TYR H    H N N 352 
TYR H2   H N N 353 
TYR HA   H N N 354 
TYR HB2  H N N 355 
TYR HB3  H N N 356 
TYR HD1  H N N 357 
TYR HD2  H N N 358 
TYR HE1  H N N 359 
TYR HE2  H N N 360 
TYR HH   H N N 361 
TYR HXT  H N N 362 
VAL N    N N N 363 
VAL CA   C N S 364 
VAL C    C N N 365 
VAL O    O N N 366 
VAL CB   C N N 367 
VAL CG1  C N N 368 
VAL CG2  C N N 369 
VAL OXT  O N N 370 
VAL H    H N N 371 
VAL H2   H N N 372 
VAL HA   H N N 373 
VAL HB   H N N 374 
VAL HG11 H N N 375 
VAL HG12 H N N 376 
VAL HG13 H N N 377 
VAL HG21 H N N 378 
VAL HG22 H N N 379 
VAL HG23 H N N 380 
VAL HXT  H N N 381 
# 
loop_
_chem_comp_bond.comp_id 
_chem_comp_bond.atom_id_1 
_chem_comp_bond.atom_id_2 
_chem_comp_bond.value_order 
_chem_comp_bond.pdbx_aromatic_flag 
_chem_comp_bond.pdbx_stereo_config 
_chem_comp_bond.pdbx_ordinal 
ALA N   CA   sing N N 1   
ALA N   H    sing N N 2   
ALA N   H2   sing N N 3   
ALA CA  C    sing N N 4   
ALA CA  CB   sing N N 5   
ALA CA  HA   sing N N 6   
ALA C   O    doub N N 7   
ALA C   OXT  sing N N 8   
ALA CB  HB1  sing N N 9   
ALA CB  HB2  sing N N 10  
ALA CB  HB3  sing N N 11  
ALA OXT HXT  sing N N 12  
ARG N   CA   sing N N 13  
ARG N   H    sing N N 14  
ARG N   H2   sing N N 15  
ARG CA  C    sing N N 16  
ARG CA  CB   sing N N 17  
ARG CA  HA   sing N N 18  
ARG C   O    doub N N 19  
ARG C   OXT  sing N N 20  
ARG CB  CG   sing N N 21  
ARG CB  HB2  sing N N 22  
ARG CB  HB3  sing N N 23  
ARG CG  CD   sing N N 24  
ARG CG  HG2  sing N N 25  
ARG CG  HG3  sing N N 26  
ARG CD  NE   sing N N 27  
ARG CD  HD2  sing N N 28  
ARG CD  HD3  sing N N 29  
ARG NE  CZ   sing N N 30  
ARG NE  HE   sing N N 31  
ARG CZ  NH1  sing N N 32  
ARG CZ  NH2  doub N N 33  
ARG NH1 HH11 sing N N 34  
ARG NH1 HH12 sing N N 35  
ARG NH2 HH21 sing N N 36  
ARG NH2 HH22 sing N N 37  
ARG OXT HXT  sing N N 38  
ASN N   CA   sing N N 39  
ASN N   H    sing N N 40  
ASN N   H2   sing N N 41  
ASN CA  C    sing N N 42  
ASN CA  CB   sing N N 43  
ASN CA  HA   sing N N 44  
ASN C   O    doub N N 45  
ASN C   OXT  sing N N 46  
ASN CB  CG   sing N N 47  
ASN CB  HB2  sing N N 48  
ASN CB  HB3  sing N N 49  
ASN CG  OD1  doub N N 50  
ASN CG  ND2  sing N N 51  
ASN ND2 HD21 sing N N 52  
ASN ND2 HD22 sing N N 53  
ASN OXT HXT  sing N N 54  
ASP N   CA   sing N N 55  
ASP N   H    sing N N 56  
ASP N   H2   sing N N 57  
ASP CA  C    sing N N 58  
ASP CA  CB   sing N N 59  
ASP CA  HA   sing N N 60  
ASP C   O    doub N N 61  
ASP C   OXT  sing N N 62  
ASP CB  CG   sing N N 63  
ASP CB  HB2  sing N N 64  
ASP CB  HB3  sing N N 65  
ASP CG  OD1  doub N N 66  
ASP CG  OD2  sing N N 67  
ASP OD2 HD2  sing N N 68  
ASP OXT HXT  sing N N 69  
GLN N   CA   sing N N 70  
GLN N   H    sing N N 71  
GLN N   H2   sing N N 72  
GLN CA  C    sing N N 73  
GLN CA  CB   sing N N 74  
GLN CA  HA   sing N N 75  
GLN C   O    doub N N 76  
GLN C   OXT  sing N N 77  
GLN CB  CG   sing N N 78  
GLN CB  HB2  sing N N 79  
GLN CB  HB3  sing N N 80  
GLN CG  CD   sing N N 81  
GLN CG  HG2  sing N N 82  
GLN CG  HG3  sing N N 83  
GLN CD  OE1  doub N N 84  
GLN CD  NE2  sing N N 85  
GLN NE2 HE21 sing N N 86  
GLN NE2 HE22 sing N N 87  
GLN OXT HXT  sing N N 88  
GLU N   CA   sing N N 89  
GLU N   H    sing N N 90  
GLU N   H2   sing N N 91  
GLU CA  C    sing N N 92  
GLU CA  CB   sing N N 93  
GLU CA  HA   sing N N 94  
GLU C   O    doub N N 95  
GLU C   OXT  sing N N 96  
GLU CB  CG   sing N N 97  
GLU CB  HB2  sing N N 98  
GLU CB  HB3  sing N N 99  
GLU CG  CD   sing N N 100 
GLU CG  HG2  sing N N 101 
GLU CG  HG3  sing N N 102 
GLU CD  OE1  doub N N 103 
GLU CD  OE2  sing N N 104 
GLU OE2 HE2  sing N N 105 
GLU OXT HXT  sing N N 106 
GLY N   CA   sing N N 107 
GLY N   H    sing N N 108 
GLY N   H2   sing N N 109 
GLY CA  C    sing N N 110 
GLY CA  HA2  sing N N 111 
GLY CA  HA3  sing N N 112 
GLY C   O    doub N N 113 
GLY C   OXT  sing N N 114 
GLY OXT HXT  sing N N 115 
HIS N   CA   sing N N 116 
HIS N   H    sing N N 117 
HIS N   H2   sing N N 118 
HIS CA  C    sing N N 119 
HIS CA  CB   sing N N 120 
HIS CA  HA   sing N N 121 
HIS C   O    doub N N 122 
HIS C   OXT  sing N N 123 
HIS CB  CG   sing N N 124 
HIS CB  HB2  sing N N 125 
HIS CB  HB3  sing N N 126 
HIS CG  ND1  sing Y N 127 
HIS CG  CD2  doub Y N 128 
HIS ND1 CE1  doub Y N 129 
HIS ND1 HD1  sing N N 130 
HIS CD2 NE2  sing Y N 131 
HIS CD2 HD2  sing N N 132 
HIS CE1 NE2  sing Y N 133 
HIS CE1 HE1  sing N N 134 
HIS NE2 HE2  sing N N 135 
HIS OXT HXT  sing N N 136 
HOH O   H1   sing N N 137 
HOH O   H2   sing N N 138 
ILE N   CA   sing N N 139 
ILE N   H    sing N N 140 
ILE N   H2   sing N N 141 
ILE CA  C    sing N N 142 
ILE CA  CB   sing N N 143 
ILE CA  HA   sing N N 144 
ILE C   O    doub N N 145 
ILE C   OXT  sing N N 146 
ILE CB  CG1  sing N N 147 
ILE CB  CG2  sing N N 148 
ILE CB  HB   sing N N 149 
ILE CG1 CD1  sing N N 150 
ILE CG1 HG12 sing N N 151 
ILE CG1 HG13 sing N N 152 
ILE CG2 HG21 sing N N 153 
ILE CG2 HG22 sing N N 154 
ILE CG2 HG23 sing N N 155 
ILE CD1 HD11 sing N N 156 
ILE CD1 HD12 sing N N 157 
ILE CD1 HD13 sing N N 158 
ILE OXT HXT  sing N N 159 
LEU N   CA   sing N N 160 
LEU N   H    sing N N 161 
LEU N   H2   sing N N 162 
LEU CA  C    sing N N 163 
LEU CA  CB   sing N N 164 
LEU CA  HA   sing N N 165 
LEU C   O    doub N N 166 
LEU C   OXT  sing N N 167 
LEU CB  CG   sing N N 168 
LEU CB  HB2  sing N N 169 
LEU CB  HB3  sing N N 170 
LEU CG  CD1  sing N N 171 
LEU CG  CD2  sing N N 172 
LEU CG  HG   sing N N 173 
LEU CD1 HD11 sing N N 174 
LEU CD1 HD12 sing N N 175 
LEU CD1 HD13 sing N N 176 
LEU CD2 HD21 sing N N 177 
LEU CD2 HD22 sing N N 178 
LEU CD2 HD23 sing N N 179 
LEU OXT HXT  sing N N 180 
LYS N   CA   sing N N 181 
LYS N   H    sing N N 182 
LYS N   H2   sing N N 183 
LYS CA  C    sing N N 184 
LYS CA  CB   sing N N 185 
LYS CA  HA   sing N N 186 
LYS C   O    doub N N 187 
LYS C   OXT  sing N N 188 
LYS CB  CG   sing N N 189 
LYS CB  HB2  sing N N 190 
LYS CB  HB3  sing N N 191 
LYS CG  CD   sing N N 192 
LYS CG  HG2  sing N N 193 
LYS CG  HG3  sing N N 194 
LYS CD  CE   sing N N 195 
LYS CD  HD2  sing N N 196 
LYS CD  HD3  sing N N 197 
LYS CE  NZ   sing N N 198 
LYS CE  HE2  sing N N 199 
LYS CE  HE3  sing N N 200 
LYS NZ  HZ1  sing N N 201 
LYS NZ  HZ2  sing N N 202 
LYS NZ  HZ3  sing N N 203 
LYS OXT HXT  sing N N 204 
MET N   CA   sing N N 205 
MET N   H    sing N N 206 
MET N   H2   sing N N 207 
MET CA  C    sing N N 208 
MET CA  CB   sing N N 209 
MET CA  HA   sing N N 210 
MET C   O    doub N N 211 
MET C   OXT  sing N N 212 
MET CB  CG   sing N N 213 
MET CB  HB2  sing N N 214 
MET CB  HB3  sing N N 215 
MET CG  SD   sing N N 216 
MET CG  HG2  sing N N 217 
MET CG  HG3  sing N N 218 
MET SD  CE   sing N N 219 
MET CE  HE1  sing N N 220 
MET CE  HE2  sing N N 221 
MET CE  HE3  sing N N 222 
MET OXT HXT  sing N N 223 
PHE N   CA   sing N N 224 
PHE N   H    sing N N 225 
PHE N   H2   sing N N 226 
PHE CA  C    sing N N 227 
PHE CA  CB   sing N N 228 
PHE CA  HA   sing N N 229 
PHE C   O    doub N N 230 
PHE C   OXT  sing N N 231 
PHE CB  CG   sing N N 232 
PHE CB  HB2  sing N N 233 
PHE CB  HB3  sing N N 234 
PHE CG  CD1  doub Y N 235 
PHE CG  CD2  sing Y N 236 
PHE CD1 CE1  sing Y N 237 
PHE CD1 HD1  sing N N 238 
PHE CD2 CE2  doub Y N 239 
PHE CD2 HD2  sing N N 240 
PHE CE1 CZ   doub Y N 241 
PHE CE1 HE1  sing N N 242 
PHE CE2 CZ   sing Y N 243 
PHE CE2 HE2  sing N N 244 
PHE CZ  HZ   sing N N 245 
PHE OXT HXT  sing N N 246 
PRO N   CA   sing N N 247 
PRO N   CD   sing N N 248 
PRO N   H    sing N N 249 
PRO CA  C    sing N N 250 
PRO CA  CB   sing N N 251 
PRO CA  HA   sing N N 252 
PRO C   O    doub N N 253 
PRO C   OXT  sing N N 254 
PRO CB  CG   sing N N 255 
PRO CB  HB2  sing N N 256 
PRO CB  HB3  sing N N 257 
PRO CG  CD   sing N N 258 
PRO CG  HG2  sing N N 259 
PRO CG  HG3  sing N N 260 
PRO CD  HD2  sing N N 261 
PRO CD  HD3  sing N N 262 
PRO OXT HXT  sing N N 263 
SER N   CA   sing N N 264 
SER N   H    sing N N 265 
SER N   H2   sing N N 266 
SER CA  C    sing N N 267 
SER CA  CB   sing N N 268 
SER CA  HA   sing N N 269 
SER C   O    doub N N 270 
SER C   OXT  sing N N 271 
SER CB  OG   sing N N 272 
SER CB  HB2  sing N N 273 
SER CB  HB3  sing N N 274 
SER OG  HG   sing N N 275 
SER OXT HXT  sing N N 276 
SO4 S   O1   doub N N 277 
SO4 S   O2   doub N N 278 
SO4 S   O3   sing N N 279 
SO4 S   O4   sing N N 280 
THR N   CA   sing N N 281 
THR N   H    sing N N 282 
THR N   H2   sing N N 283 
THR CA  C    sing N N 284 
THR CA  CB   sing N N 285 
THR CA  HA   sing N N 286 
THR C   O    doub N N 287 
THR C   OXT  sing N N 288 
THR CB  OG1  sing N N 289 
THR CB  CG2  sing N N 290 
THR CB  HB   sing N N 291 
THR OG1 HG1  sing N N 292 
THR CG2 HG21 sing N N 293 
THR CG2 HG22 sing N N 294 
THR CG2 HG23 sing N N 295 
THR OXT HXT  sing N N 296 
TRP N   CA   sing N N 297 
TRP N   H    sing N N 298 
TRP N   H2   sing N N 299 
TRP CA  C    sing N N 300 
TRP CA  CB   sing N N 301 
TRP CA  HA   sing N N 302 
TRP C   O    doub N N 303 
TRP C   OXT  sing N N 304 
TRP CB  CG   sing N N 305 
TRP CB  HB2  sing N N 306 
TRP CB  HB3  sing N N 307 
TRP CG  CD1  doub Y N 308 
TRP CG  CD2  sing Y N 309 
TRP CD1 NE1  sing Y N 310 
TRP CD1 HD1  sing N N 311 
TRP CD2 CE2  doub Y N 312 
TRP CD2 CE3  sing Y N 313 
TRP NE1 CE2  sing Y N 314 
TRP NE1 HE1  sing N N 315 
TRP CE2 CZ2  sing Y N 316 
TRP CE3 CZ3  doub Y N 317 
TRP CE3 HE3  sing N N 318 
TRP CZ2 CH2  doub Y N 319 
TRP CZ2 HZ2  sing N N 320 
TRP CZ3 CH2  sing Y N 321 
TRP CZ3 HZ3  sing N N 322 
TRP CH2 HH2  sing N N 323 
TRP OXT HXT  sing N N 324 
TYR N   CA   sing N N 325 
TYR N   H    sing N N 326 
TYR N   H2   sing N N 327 
TYR CA  C    sing N N 328 
TYR CA  CB   sing N N 329 
TYR CA  HA   sing N N 330 
TYR C   O    doub N N 331 
TYR C   OXT  sing N N 332 
TYR CB  CG   sing N N 333 
TYR CB  HB2  sing N N 334 
TYR CB  HB3  sing N N 335 
TYR CG  CD1  doub Y N 336 
TYR CG  CD2  sing Y N 337 
TYR CD1 CE1  sing Y N 338 
TYR CD1 HD1  sing N N 339 
TYR CD2 CE2  doub Y N 340 
TYR CD2 HD2  sing N N 341 
TYR CE1 CZ   doub Y N 342 
TYR CE1 HE1  sing N N 343 
TYR CE2 CZ   sing Y N 344 
TYR CE2 HE2  sing N N 345 
TYR CZ  OH   sing N N 346 
TYR OH  HH   sing N N 347 
TYR OXT HXT  sing N N 348 
VAL N   CA   sing N N 349 
VAL N   H    sing N N 350 
VAL N   H2   sing N N 351 
VAL CA  C    sing N N 352 
VAL CA  CB   sing N N 353 
VAL CA  HA   sing N N 354 
VAL C   O    doub N N 355 
VAL C   OXT  sing N N 356 
VAL CB  CG1  sing N N 357 
VAL CB  CG2  sing N N 358 
VAL CB  HB   sing N N 359 
VAL CG1 HG11 sing N N 360 
VAL CG1 HG12 sing N N 361 
VAL CG1 HG13 sing N N 362 
VAL CG2 HG21 sing N N 363 
VAL CG2 HG22 sing N N 364 
VAL CG2 HG23 sing N N 365 
VAL OXT HXT  sing N N 366 
# 
loop_
_pdbx_entity_nonpoly.entity_id 
_pdbx_entity_nonpoly.name 
_pdbx_entity_nonpoly.comp_id 
2 'SULFATE ION' SO4 
3 water         HOH 
# 
_pdbx_initial_refinement_model.id               1 
_pdbx_initial_refinement_model.entity_id_list   ? 
_pdbx_initial_refinement_model.type             'experimental model' 
_pdbx_initial_refinement_model.source_name      PDB 
_pdbx_initial_refinement_model.accession_code   5WUC 
_pdbx_initial_refinement_model.details          ? 
# 
